data_2ZXE
#
_entry.id   2ZXE
#
_cell.length_a   223.815
_cell.length_b   50.914
_cell.length_c   163.786
_cell.angle_alpha   90.00
_cell.angle_beta   105.12
_cell.angle_gamma   90.00
#
_symmetry.space_group_name_H-M   'C 1 2 1'
#
loop_
_entity.id
_entity.type
_entity.pdbx_description
1 polymer 'Na, K-ATPase alpha subunit'
2 polymer 'Na+,K+-ATPase beta subunit'
3 polymer 'Phospholemman-like protein'
4 branched 2-acetamido-2-deoxy-alpha-D-glucopyranose-(1-4)-2-acetamido-2-deoxy-beta-D-glucopyranose
5 non-polymer TETRAFLUOROMAGNESATE(2-)
6 non-polymer 'MAGNESIUM ION'
7 non-polymer 'POTASSIUM ION'
8 non-polymer CHOLESTEROL
9 non-polymer 2-acetamido-2-deoxy-beta-D-glucopyranose
10 water water
#
loop_
_entity_poly.entity_id
_entity_poly.type
_entity_poly.pdbx_seq_one_letter_code
_entity_poly.pdbx_strand_id
1 'polypeptide(L)'
;MGKGTASDKYEPAATSENATKSKKKGKKDKIDKKRDLDELKKEVSMDDHKLSLDELHNKYGTDLTRGLTNARAKEILARD
GPNSLTPPPTTPEWIKFCRQLFGGFSILLWIGAILCFLAYGIQAATEDEPANDNLYLGVVLSTVVIVTGCFSYYQEAKSS
RIMDSFKNMVPQQALVIRDGEKSTINAEFVVAGDLVEVKGGDRIPADLRIISAHGCKVDNSSLTGESEPQTRSPEFSSEN
PLETRNIAFFSTNCVEGTARGVVVYTGDRTVMGRIATLASGLEVGRTPIAIEIEHFIHIITGVAVFLGVSFFILSLILGY
SWLEAVIFLIGIIVANVPEGLLATVTVCLTLTAKRMARKNCLVKNLEAVETLGSTSTICSDKTGTLTQNRMTVAHMWFDN
QIHEADTTENQSGAAFDKTSATWSALSRIAALCNRAVFQAGQDNVPILKRSVAGDASESALLKCIELCCGSVQGMRDRNP
KIVEIPFNSTNKYQLSIHENEKSSESRYLLVMKGAPERILDRCSTILLNGAEEPLKEDMKEAFQNAYLELGGLGERVLGF
CHFALPEDKYNEGYPFDADEPNFPTTDLCFVGLMAMIDPPRAAVPDAVGKCRSAGIKVIMVTGDHPITAKAIAKGVGIIS
EGNETIEDIAARLNIPIGQVNPRDAKACVVHGSDLKDLSTEVLDDILHYHTEIVFARTSPQQKLIIVEGCQRQGAIVAVT
GDGVNDSPALKKADIGVAMGISGSDVSKQAADMILLDDNFASIVTGVEEGRLIFDNLKKSIAYTLTSNIPEITPFLVFII
GNVPLPLGTVTILCIDLGTDMVPAISLAYEQAESDIMKRQPRNPKTDKLVNERLISMAYGQIGMIQALGGFFSYFVILAE
NGFLPMDLIGKRVRWDDRWISDVEDSFGQQWTYEQRKIVEFTCHTSFFISIVVVQWADLIICKTRRNSIFQQGMKNKILI
FGLFEETALAAFLSYCPGTDVALRMYPLKPSWWFCAFPYSLIIFLYDEMRRFIIRRSPGGWVEQETYY
;
A
2 'polypeptide(L)'
;MARGKSKETDGGWKKFLWDSEKKEFLGRTGSSWFKIFLFYLIFYGCLAGIFIGTIQVLLLTLSDFEPKYQDRVAPPGLSH
APYAIKTEISFSISNPKSYESFVKSMHKLMDLYNESSQAGNSPFEDCSDTPADYIKRGDLDDSQGQKKACRFSRMWLKNC
SGLDDTTYGYAEGKPCVVAKLNRIIGFYPKPLKNTTDLPEELQANYNQYVLPLRCAAKREEDREKIGSIEYFGLGGYAGF
PLQYYPYYGKRLQKKYLQPLLAIQFTNLTQNMELRIECKVYGENIDYSEKDRFRGRFEVKIEVKS
;
B
3 'polypeptide(L)' MDPEGPDNDERFTYDYYRLRVVGLIVAAVLCVIGIIILLAGKCRCKFNQNKRTRSNSGTATAQHLLQPGEATEC G
#
loop_
_chem_comp.id
_chem_comp.type
_chem_comp.name
_chem_comp.formula
CLR non-polymer CHOLESTEROL 'C27 H46 O'
K non-polymer 'POTASSIUM ION' 'K 1'
MF4 non-polymer TETRAFLUOROMAGNESATE(2-) 'F4 Mg -2'
MG non-polymer 'MAGNESIUM ION' 'Mg 2'
NAG D-saccharide, beta linking 2-acetamido-2-deoxy-beta-D-glucopyranose 'C8 H15 N O6'
NDG D-saccharide, alpha linking 2-acetamido-2-deoxy-alpha-D-glucopyranose 'C8 H15 N O6'
#
# COMPACT_ATOMS: atom_id res chain seq x y z
N LEU A 37 -13.05 4.64 -30.57
CA LEU A 37 -14.24 5.46 -30.16
C LEU A 37 -13.86 6.93 -30.00
N ASP A 38 -12.77 7.18 -29.27
CA ASP A 38 -12.31 8.52 -28.97
C ASP A 38 -11.23 8.99 -29.95
N GLU A 39 -10.89 8.14 -30.92
CA GLU A 39 -9.91 8.47 -31.96
C GLU A 39 -10.35 9.66 -32.81
N LEU A 40 -11.66 9.81 -32.98
CA LEU A 40 -12.24 10.94 -33.67
C LEU A 40 -11.98 12.24 -32.90
N LYS A 41 -12.01 12.15 -31.58
CA LYS A 41 -11.86 13.32 -30.72
C LYS A 41 -10.42 13.75 -30.54
N LYS A 42 -9.48 12.86 -30.89
CA LYS A 42 -8.04 13.15 -30.82
C LYS A 42 -7.58 14.00 -32.00
N GLU A 43 -8.50 14.31 -32.91
CA GLU A 43 -8.18 15.07 -34.12
C GLU A 43 -8.54 16.55 -33.98
N VAL A 44 -7.86 17.40 -34.76
CA VAL A 44 -8.15 18.83 -34.81
C VAL A 44 -9.53 19.09 -35.43
N SER A 45 -10.21 20.14 -34.98
CA SER A 45 -11.59 20.44 -35.42
C SER A 45 -11.68 21.14 -36.77
N MET A 46 -12.85 21.05 -37.39
CA MET A 46 -13.19 21.75 -38.64
C MET A 46 -14.29 22.79 -38.37
N ASP A 47 -14.24 23.94 -39.03
CA ASP A 47 -15.19 25.03 -38.74
C ASP A 47 -15.73 25.81 -39.95
N ASP A 48 -16.55 26.82 -39.66
CA ASP A 48 -17.20 27.66 -40.66
C ASP A 48 -17.12 29.16 -40.33
N HIS A 49 -15.91 29.60 -39.96
CA HIS A 49 -15.55 31.00 -39.77
C HIS A 49 -15.15 31.66 -41.09
N LYS A 50 -14.98 30.86 -42.13
CA LYS A 50 -14.56 31.33 -43.45
C LYS A 50 -15.75 31.84 -44.25
N LEU A 51 -16.93 31.35 -43.91
CA LEU A 51 -18.17 31.73 -44.56
C LEU A 51 -18.49 33.19 -44.24
N SER A 52 -19.31 33.83 -45.07
CA SER A 52 -19.80 35.16 -44.77
C SER A 52 -20.93 35.05 -43.74
N LEU A 53 -21.27 36.19 -43.12
CA LEU A 53 -22.34 36.25 -42.13
C LEU A 53 -23.64 35.68 -42.70
N ASP A 54 -24.05 36.22 -43.85
CA ASP A 54 -25.21 35.77 -44.60
C ASP A 54 -25.19 34.28 -44.93
N GLU A 55 -24.05 33.82 -45.46
CA GLU A 55 -23.85 32.42 -45.83
C GLU A 55 -24.03 31.48 -44.63
N LEU A 56 -23.52 31.92 -43.47
CA LEU A 56 -23.65 31.17 -42.24
C LEU A 56 -25.10 31.02 -41.76
N HIS A 57 -25.93 32.00 -42.09
CA HIS A 57 -27.36 31.95 -41.76
C HIS A 57 -28.14 30.93 -42.58
N ASN A 58 -27.82 30.83 -43.87
CA ASN A 58 -28.40 29.82 -44.73
C ASN A 58 -28.16 28.41 -44.19
N LYS A 59 -26.94 28.17 -43.72
CA LYS A 59 -26.57 26.88 -43.17
C LYS A 59 -27.34 26.50 -41.91
N TYR A 60 -27.78 27.50 -41.14
CA TYR A 60 -28.49 27.24 -39.89
C TYR A 60 -29.91 27.76 -39.85
N GLY A 61 -30.44 28.17 -41.00
CA GLY A 61 -31.81 28.67 -41.10
C GLY A 61 -32.09 29.74 -40.07
N THR A 62 -31.29 30.80 -40.10
CA THR A 62 -31.31 31.81 -39.04
C THR A 62 -31.39 33.25 -39.54
N ASP A 63 -31.82 34.15 -38.65
CA ASP A 63 -31.85 35.58 -38.94
C ASP A 63 -30.76 36.31 -38.14
N LEU A 64 -29.99 37.15 -38.85
CA LEU A 64 -28.90 37.93 -38.28
C LEU A 64 -29.39 39.03 -37.34
N THR A 65 -30.64 39.42 -37.50
CA THR A 65 -31.19 40.58 -36.79
C THR A 65 -32.38 40.20 -35.90
N ARG A 66 -33.31 39.42 -36.44
CA ARG A 66 -34.51 39.03 -35.71
C ARG A 66 -34.26 37.79 -34.85
N GLY A 67 -33.29 36.98 -35.27
CA GLY A 67 -33.03 35.72 -34.61
C GLY A 67 -34.06 34.66 -35.00
N LEU A 68 -33.97 33.51 -34.36
CA LEU A 68 -34.88 32.39 -34.60
C LEU A 68 -36.31 32.66 -34.14
N THR A 69 -37.24 31.86 -34.66
CA THR A 69 -38.61 31.84 -34.21
C THR A 69 -38.72 30.94 -32.96
N ASN A 70 -39.64 31.29 -32.06
CA ASN A 70 -39.93 30.47 -30.89
C ASN A 70 -40.23 29.03 -31.29
N ALA A 71 -40.95 28.87 -32.40
CA ALA A 71 -41.28 27.54 -32.96
C ALA A 71 -40.07 26.84 -33.58
N ARG A 72 -39.28 27.57 -34.36
CA ARG A 72 -38.08 27.01 -35.00
C ARG A 72 -37.01 26.60 -33.98
N ALA A 73 -36.86 27.39 -32.92
CA ALA A 73 -35.92 27.05 -31.84
C ALA A 73 -36.31 25.75 -31.15
N LYS A 74 -37.60 25.63 -30.80
CA LYS A 74 -38.14 24.42 -30.16
C LYS A 74 -38.03 23.18 -31.06
N GLU A 75 -38.21 23.41 -32.36
CA GLU A 75 -38.05 22.36 -33.36
C GLU A 75 -36.62 21.83 -33.37
N ILE A 76 -35.66 22.76 -33.40
CA ILE A 76 -34.24 22.42 -33.42
C ILE A 76 -33.80 21.76 -32.10
N LEU A 77 -34.43 22.15 -30.99
CA LEU A 77 -34.19 21.53 -29.68
C LEU A 77 -34.47 20.03 -29.74
N ALA A 78 -35.68 19.66 -30.16
CA ALA A 78 -36.06 18.25 -30.28
C ALA A 78 -35.19 17.52 -31.32
N ARG A 79 -34.79 18.23 -32.36
CA ARG A 79 -33.93 17.71 -33.42
C ARG A 79 -32.54 17.34 -32.90
N ASP A 80 -31.75 18.36 -32.53
CA ASP A 80 -30.36 18.19 -32.10
C ASP A 80 -30.20 17.68 -30.68
N GLY A 81 -31.18 17.98 -29.83
CA GLY A 81 -31.06 17.71 -28.40
C GLY A 81 -30.51 18.90 -27.61
N PRO A 82 -30.47 18.77 -26.27
CA PRO A 82 -30.12 19.85 -25.34
C PRO A 82 -28.67 20.35 -25.48
N ASN A 83 -28.47 21.63 -25.17
CA ASN A 83 -27.13 22.20 -25.02
C ASN A 83 -26.55 21.81 -23.67
N SER A 84 -26.19 20.54 -23.54
CA SER A 84 -25.68 20.01 -22.28
C SER A 84 -24.67 18.89 -22.51
N LEU A 85 -23.93 18.58 -21.46
CA LEU A 85 -22.96 17.50 -21.49
C LEU A 85 -23.47 16.34 -20.65
N THR A 86 -23.42 15.13 -21.21
CA THR A 86 -23.82 13.94 -20.46
C THR A 86 -22.60 13.19 -19.91
N PRO A 87 -22.59 12.94 -18.60
CA PRO A 87 -21.49 12.17 -18.00
C PRO A 87 -21.46 10.73 -18.51
N PRO A 88 -20.26 10.18 -18.72
CA PRO A 88 -20.08 8.81 -19.23
C PRO A 88 -20.58 7.77 -18.24
N PRO A 89 -21.00 6.58 -18.73
CA PRO A 89 -21.49 5.54 -17.83
C PRO A 89 -20.39 4.99 -16.94
N THR A 90 -20.62 5.03 -15.63
CA THR A 90 -19.65 4.57 -14.65
C THR A 90 -19.93 3.14 -14.20
N THR A 91 -18.91 2.51 -13.61
CA THR A 91 -19.06 1.19 -13.01
C THR A 91 -19.49 1.37 -11.55
N PRO A 92 -20.64 0.79 -11.17
CA PRO A 92 -21.16 0.88 -9.80
C PRO A 92 -20.17 0.32 -8.78
N GLU A 93 -20.19 0.85 -7.57
CA GLU A 93 -19.25 0.45 -6.51
C GLU A 93 -19.40 -1.02 -6.10
N TRP A 94 -20.61 -1.53 -6.24
CA TRP A 94 -20.93 -2.95 -6.02
C TRP A 94 -19.94 -3.85 -6.74
N ILE A 95 -19.93 -3.75 -8.07
CA ILE A 95 -19.08 -4.56 -8.93
C ILE A 95 -17.59 -4.31 -8.65
N LYS A 96 -17.26 -3.08 -8.25
CA LYS A 96 -15.88 -2.70 -7.92
C LYS A 96 -15.34 -3.41 -6.68
N PHE A 97 -16.20 -3.58 -5.67
CA PHE A 97 -15.84 -4.26 -4.43
C PHE A 97 -15.65 -5.76 -4.66
N CYS A 98 -16.63 -6.36 -5.35
CA CYS A 98 -16.66 -7.80 -5.57
C CYS A 98 -15.59 -8.31 -6.54
N ARG A 99 -15.13 -7.42 -7.43
CA ARG A 99 -14.05 -7.76 -8.38
C ARG A 99 -12.72 -8.03 -7.67
N GLN A 100 -12.55 -7.48 -6.47
CA GLN A 100 -11.36 -7.71 -5.65
C GLN A 100 -11.44 -9.05 -4.92
N LEU A 101 -12.67 -9.46 -4.60
CA LEU A 101 -12.94 -10.71 -3.88
C LEU A 101 -12.54 -11.96 -4.66
N PHE A 102 -12.03 -11.78 -5.87
CA PHE A 102 -11.64 -12.91 -6.71
C PHE A 102 -10.29 -12.69 -7.41
N GLY A 103 -9.26 -12.35 -6.63
CA GLY A 103 -7.94 -12.07 -7.19
C GLY A 103 -6.82 -12.90 -6.59
N GLY A 104 -6.73 -14.16 -7.02
CA GLY A 104 -5.65 -15.05 -6.61
C GLY A 104 -5.74 -15.53 -5.18
N PHE A 105 -5.30 -14.70 -4.24
CA PHE A 105 -5.29 -15.05 -2.82
C PHE A 105 -6.69 -15.26 -2.27
N SER A 106 -7.60 -14.37 -2.64
CA SER A 106 -9.00 -14.45 -2.23
C SER A 106 -9.67 -15.71 -2.79
N ILE A 107 -9.27 -16.10 -4.00
CA ILE A 107 -9.77 -17.32 -4.64
C ILE A 107 -9.35 -18.56 -3.85
N LEU A 108 -8.07 -18.60 -3.47
CA LEU A 108 -7.54 -19.71 -2.69
C LEU A 108 -8.15 -19.75 -1.30
N LEU A 109 -8.33 -18.58 -0.69
CA LEU A 109 -8.95 -18.48 0.63
C LEU A 109 -10.43 -18.84 0.59
N TRP A 110 -11.07 -18.62 -0.56
CA TRP A 110 -12.45 -19.05 -0.76
C TRP A 110 -12.55 -20.55 -0.85
N ILE A 111 -11.64 -21.17 -1.61
CA ILE A 111 -11.55 -22.61 -1.73
C ILE A 111 -11.32 -23.25 -0.36
N GLY A 112 -10.51 -22.59 0.46
CA GLY A 112 -10.27 -23.03 1.84
C GLY A 112 -11.51 -22.90 2.71
N ALA A 113 -12.16 -21.74 2.65
CA ALA A 113 -13.37 -21.47 3.43
C ALA A 113 -14.48 -22.46 3.12
N ILE A 114 -14.69 -22.75 1.83
CA ILE A 114 -15.72 -23.70 1.40
C ILE A 114 -15.31 -25.14 1.75
N LEU A 115 -14.02 -25.44 1.59
CA LEU A 115 -13.50 -26.77 1.89
C LEU A 115 -13.59 -27.06 3.38
N CYS A 116 -13.59 -26.01 4.19
CA CYS A 116 -13.86 -26.11 5.63
C CYS A 116 -15.30 -26.55 5.85
N PHE A 117 -16.24 -25.84 5.21
CA PHE A 117 -17.66 -26.18 5.28
C PHE A 117 -17.97 -27.55 4.67
N LEU A 118 -17.15 -27.94 3.69
CA LEU A 118 -17.25 -29.26 3.08
C LEU A 118 -16.97 -30.35 4.11
N ALA A 119 -15.78 -30.28 4.72
CA ALA A 119 -15.38 -31.23 5.76
C ALA A 119 -16.34 -31.22 6.94
N TYR A 120 -16.89 -30.04 7.23
CA TYR A 120 -17.88 -29.89 8.30
C TYR A 120 -19.18 -30.61 7.97
N GLY A 121 -19.63 -30.45 6.72
CA GLY A 121 -20.83 -31.13 6.23
C GLY A 121 -20.69 -32.64 6.28
N ILE A 122 -19.56 -33.13 5.77
CA ILE A 122 -19.23 -34.56 5.78
C ILE A 122 -19.20 -35.12 7.20
N GLN A 123 -18.81 -34.28 8.16
CA GLN A 123 -18.79 -34.66 9.57
C GLN A 123 -20.19 -34.73 10.18
N ALA A 124 -20.95 -33.65 10.02
CA ALA A 124 -22.29 -33.53 10.60
C ALA A 124 -23.23 -34.67 10.18
N ALA A 125 -22.92 -35.29 9.03
CA ALA A 125 -23.70 -36.41 8.52
C ALA A 125 -23.20 -37.76 9.06
N THR A 126 -21.89 -37.99 8.95
CA THR A 126 -21.26 -39.25 9.35
C THR A 126 -21.28 -39.44 10.88
N GLU A 127 -20.22 -39.04 11.55
CA GLU A 127 -20.11 -39.15 13.00
C GLU A 127 -20.39 -37.78 13.60
N ASP A 128 -21.41 -37.70 14.44
CA ASP A 128 -21.81 -36.45 15.08
C ASP A 128 -20.63 -35.81 15.81
N GLU A 129 -20.03 -34.80 15.20
CA GLU A 129 -18.91 -34.08 15.78
C GLU A 129 -19.42 -32.80 16.45
N PRO A 130 -19.40 -32.77 17.81
CA PRO A 130 -19.90 -31.62 18.57
C PRO A 130 -18.93 -30.43 18.54
N ALA A 131 -17.82 -30.59 17.83
CA ALA A 131 -16.80 -29.55 17.68
C ALA A 131 -17.28 -28.38 16.82
N ASN A 132 -16.41 -27.38 16.67
CA ASN A 132 -16.74 -26.17 15.93
C ASN A 132 -15.65 -25.84 14.90
N ASP A 133 -14.64 -26.69 14.84
CA ASP A 133 -13.43 -26.49 14.04
C ASP A 133 -13.70 -25.97 12.63
N ASN A 134 -14.06 -26.88 11.74
CA ASN A 134 -14.26 -26.57 10.32
C ASN A 134 -15.31 -25.48 10.08
N LEU A 135 -16.35 -25.48 10.92
CA LEU A 135 -17.40 -24.47 10.85
C LEU A 135 -16.85 -23.08 11.12
N TYR A 136 -16.16 -22.93 12.25
CA TYR A 136 -15.61 -21.63 12.67
C TYR A 136 -14.45 -21.16 11.80
N LEU A 137 -13.55 -22.08 11.46
CA LEU A 137 -12.43 -21.80 10.57
C LEU A 137 -12.94 -21.36 9.19
N GLY A 138 -14.06 -21.92 8.77
CA GLY A 138 -14.73 -21.51 7.54
C GLY A 138 -15.33 -20.12 7.62
N VAL A 139 -15.83 -19.76 8.80
CA VAL A 139 -16.36 -18.42 9.05
C VAL A 139 -15.23 -17.40 9.10
N VAL A 140 -14.16 -17.76 9.81
CA VAL A 140 -12.99 -16.90 9.96
C VAL A 140 -12.35 -16.58 8.59
N LEU A 141 -12.12 -17.62 7.80
CA LEU A 141 -11.51 -17.46 6.48
C LEU A 141 -12.33 -16.59 5.52
N SER A 142 -13.65 -16.74 5.56
CA SER A 142 -14.56 -15.92 4.74
C SER A 142 -14.51 -14.44 5.13
N THR A 143 -14.33 -14.19 6.43
CA THR A 143 -14.17 -12.83 6.96
C THR A 143 -12.84 -12.22 6.49
N VAL A 144 -11.78 -13.03 6.53
CA VAL A 144 -10.46 -12.62 6.03
C VAL A 144 -10.55 -12.15 4.58
N VAL A 145 -11.33 -12.84 3.76
CA VAL A 145 -11.53 -12.46 2.36
C VAL A 145 -12.24 -11.11 2.25
N ILE A 146 -13.34 -10.96 2.99
CA ILE A 146 -14.12 -9.72 2.95
C ILE A 146 -13.29 -8.51 3.39
N VAL A 147 -12.64 -8.61 4.55
CA VAL A 147 -11.83 -7.50 5.07
C VAL A 147 -10.65 -7.15 4.14
N THR A 148 -10.02 -8.18 3.58
CA THR A 148 -8.94 -8.00 2.60
C THR A 148 -9.49 -7.31 1.35
N GLY A 149 -10.76 -7.57 1.05
CA GLY A 149 -11.47 -6.91 -0.04
C GLY A 149 -11.56 -5.41 0.15
N CYS A 150 -11.84 -4.98 1.37
CA CYS A 150 -11.92 -3.55 1.70
C CYS A 150 -10.59 -2.83 1.49
N PHE A 151 -9.50 -3.51 1.84
CA PHE A 151 -8.15 -2.95 1.72
C PHE A 151 -7.75 -2.70 0.28
N SER A 152 -7.99 -3.68 -0.58
CA SER A 152 -7.66 -3.58 -1.99
C SER A 152 -8.62 -2.63 -2.71
N TYR A 153 -9.85 -2.59 -2.23
CA TYR A 153 -10.86 -1.64 -2.73
C TYR A 153 -10.44 -0.20 -2.41
N TYR A 154 -9.93 0.01 -1.20
CA TYR A 154 -9.42 1.31 -0.77
C TYR A 154 -8.21 1.74 -1.59
N GLN A 155 -7.41 0.76 -2.02
CA GLN A 155 -6.20 1.01 -2.79
C GLN A 155 -6.50 1.33 -4.25
N GLU A 156 -7.53 0.68 -4.80
CA GLU A 156 -7.89 0.81 -6.22
C GLU A 156 -8.94 1.90 -6.44
N ALA A 157 -8.82 3.01 -5.73
CA ALA A 157 -9.81 4.09 -5.80
C ALA A 157 -9.68 4.94 -7.06
N LYS A 158 -10.81 5.45 -7.55
CA LYS A 158 -10.83 6.30 -8.74
C LYS A 158 -11.81 7.47 -8.59
N SER A 159 -11.37 8.53 -7.89
CA SER A 159 -12.17 9.73 -7.68
C SER A 159 -12.14 10.62 -8.93
N SER A 160 -13.11 10.42 -9.82
CA SER A 160 -13.15 11.16 -11.08
C SER A 160 -14.50 11.84 -11.33
N ARG A 161 -14.46 13.17 -11.41
CA ARG A 161 -15.63 13.97 -11.76
C ARG A 161 -15.26 15.00 -12.84
N ILE A 162 -14.62 14.51 -13.91
CA ILE A 162 -14.17 15.35 -15.02
C ILE A 162 -15.34 16.07 -15.68
N MET A 163 -16.31 15.29 -16.16
CA MET A 163 -17.46 15.81 -16.88
C MET A 163 -18.27 16.79 -16.05
N ASP A 164 -18.28 16.59 -14.73
CA ASP A 164 -18.95 17.49 -13.81
C ASP A 164 -18.35 18.90 -13.81
N SER A 165 -17.02 18.99 -13.80
CA SER A 165 -16.31 20.27 -13.86
C SER A 165 -16.62 21.02 -15.14
N PHE A 166 -16.65 20.29 -16.26
CA PHE A 166 -16.98 20.89 -17.56
C PHE A 166 -18.39 21.44 -17.57
N LYS A 167 -19.33 20.67 -17.03
CA LYS A 167 -20.73 21.10 -16.88
C LYS A 167 -20.86 22.39 -16.07
N ASN A 168 -19.96 22.60 -15.12
CA ASN A 168 -19.94 23.83 -14.34
C ASN A 168 -19.57 25.09 -15.14
N MET A 169 -19.03 24.89 -16.34
CA MET A 169 -18.62 25.99 -17.23
C MET A 169 -19.72 26.48 -18.17
N VAL A 170 -20.80 25.72 -18.28
CA VAL A 170 -22.00 26.16 -19.00
C VAL A 170 -22.88 27.00 -18.06
N PRO A 171 -23.18 28.26 -18.44
CA PRO A 171 -23.98 29.11 -17.56
C PRO A 171 -25.38 28.54 -17.39
N GLN A 172 -26.05 28.95 -16.33
CA GLN A 172 -27.42 28.53 -16.08
C GLN A 172 -28.35 29.08 -17.17
N GLN A 173 -28.06 30.31 -17.59
CA GLN A 173 -28.90 31.01 -18.55
C GLN A 173 -28.09 31.67 -19.65
N ALA A 174 -28.75 31.97 -20.76
CA ALA A 174 -28.13 32.69 -21.85
C ALA A 174 -29.08 33.75 -22.39
N LEU A 175 -28.54 34.74 -23.09
CA LEU A 175 -29.33 35.79 -23.69
C LEU A 175 -29.42 35.52 -25.18
N VAL A 176 -30.64 35.37 -25.67
CA VAL A 176 -30.87 35.12 -27.09
C VAL A 176 -31.86 36.13 -27.67
N ILE A 177 -31.77 36.32 -28.98
CA ILE A 177 -32.69 37.15 -29.72
C ILE A 177 -33.62 36.21 -30.48
N ARG A 178 -34.88 36.18 -30.07
CA ARG A 178 -35.91 35.40 -30.72
C ARG A 178 -37.13 36.26 -31.02
N ASP A 179 -37.62 36.16 -32.26
CA ASP A 179 -38.69 37.03 -32.77
C ASP A 179 -38.36 38.51 -32.59
N GLY A 180 -37.11 38.87 -32.86
CA GLY A 180 -36.62 40.25 -32.76
C GLY A 180 -36.56 40.82 -31.35
N GLU A 181 -36.64 39.95 -30.35
CA GLU A 181 -36.61 40.39 -28.96
C GLU A 181 -35.63 39.56 -28.13
N LYS A 182 -34.90 40.25 -27.24
CA LYS A 182 -33.92 39.55 -26.40
C LYS A 182 -34.54 39.06 -25.11
N SER A 183 -34.28 37.80 -24.78
CA SER A 183 -34.80 37.19 -23.57
C SER A 183 -33.77 36.21 -23.01
N THR A 184 -33.79 36.05 -21.69
CA THR A 184 -32.94 35.08 -21.03
C THR A 184 -33.65 33.74 -21.06
N ILE A 185 -32.92 32.70 -21.45
CA ILE A 185 -33.43 31.34 -21.46
C ILE A 185 -32.46 30.40 -20.74
N ASN A 186 -32.97 29.25 -20.29
CA ASN A 186 -32.14 28.15 -19.83
C ASN A 186 -31.11 27.84 -20.92
N ALA A 187 -29.83 27.86 -20.56
CA ALA A 187 -28.76 27.70 -21.55
C ALA A 187 -28.85 26.36 -22.27
N GLU A 188 -29.45 25.37 -21.62
CA GLU A 188 -29.66 24.07 -22.26
C GLU A 188 -30.63 24.16 -23.43
N PHE A 189 -31.52 25.16 -23.41
CA PHE A 189 -32.50 25.38 -24.48
C PHE A 189 -31.91 26.11 -25.70
N VAL A 190 -30.62 26.43 -25.62
CA VAL A 190 -29.90 27.04 -26.72
C VAL A 190 -29.63 26.01 -27.82
N VAL A 191 -29.85 26.41 -29.06
CA VAL A 191 -29.72 25.53 -30.23
C VAL A 191 -28.85 26.18 -31.30
N ALA A 192 -28.31 25.37 -32.21
CA ALA A 192 -27.59 25.90 -33.38
C ALA A 192 -28.52 26.78 -34.20
N GLY A 193 -28.06 27.99 -34.54
CA GLY A 193 -28.83 28.92 -35.33
C GLY A 193 -29.36 30.17 -34.63
N ASP A 194 -29.57 30.12 -33.32
CA ASP A 194 -30.14 31.33 -32.72
C ASP A 194 -29.10 32.41 -32.50
N LEU A 195 -29.61 33.62 -32.30
CA LEU A 195 -28.77 34.79 -32.10
C LEU A 195 -28.52 34.92 -30.61
N VAL A 196 -27.25 34.86 -30.21
CA VAL A 196 -26.86 34.99 -28.81
C VAL A 196 -26.12 36.31 -28.55
N GLU A 197 -26.30 36.88 -27.36
CA GLU A 197 -25.59 38.08 -26.95
C GLU A 197 -24.78 37.84 -25.67
N VAL A 198 -23.53 38.29 -25.66
CA VAL A 198 -22.67 38.20 -24.49
C VAL A 198 -22.04 39.55 -24.20
N LYS A 199 -21.64 39.74 -22.95
CA LYS A 199 -21.02 40.98 -22.47
C LYS A 199 -20.03 40.64 -21.35
N GLY A 200 -19.17 41.60 -21.01
CA GLY A 200 -18.16 41.40 -19.98
C GLY A 200 -18.73 40.78 -18.73
N GLY A 201 -18.12 39.69 -18.29
CA GLY A 201 -18.55 39.00 -17.08
C GLY A 201 -19.34 37.72 -17.32
N ASP A 202 -19.73 37.45 -18.55
CA ASP A 202 -20.47 36.21 -18.74
C ASP A 202 -19.77 35.13 -19.54
N ARG A 203 -20.19 33.90 -19.30
CA ARG A 203 -19.59 32.73 -19.90
C ARG A 203 -20.18 32.55 -21.29
N ILE A 204 -19.37 32.11 -22.24
CA ILE A 204 -19.84 31.83 -23.60
C ILE A 204 -20.71 30.58 -23.48
N PRO A 205 -21.98 30.68 -23.86
CA PRO A 205 -22.93 29.57 -23.62
C PRO A 205 -22.78 28.43 -24.60
N ALA A 206 -22.09 28.68 -25.72
CA ALA A 206 -21.98 27.71 -26.81
C ALA A 206 -20.98 28.25 -27.81
N ASP A 207 -20.54 27.43 -28.76
CA ASP A 207 -19.63 27.91 -29.80
C ASP A 207 -20.36 28.88 -30.72
N LEU A 208 -19.83 30.08 -30.88
CA LEU A 208 -20.51 31.12 -31.63
C LEU A 208 -19.69 31.61 -32.81
N ARG A 209 -20.41 32.00 -33.87
CA ARG A 209 -19.84 32.72 -34.99
C ARG A 209 -20.13 34.19 -34.71
N ILE A 210 -19.08 34.97 -34.44
CA ILE A 210 -19.24 36.40 -34.17
C ILE A 210 -19.74 37.14 -35.40
N ILE A 211 -20.85 37.86 -35.24
CA ILE A 211 -21.43 38.63 -36.34
C ILE A 211 -21.40 40.13 -36.06
N SER A 212 -21.25 40.48 -34.79
CA SER A 212 -21.21 41.86 -34.33
C SER A 212 -20.47 41.91 -32.99
N ALA A 213 -19.62 42.92 -32.81
CA ALA A 213 -18.86 43.08 -31.58
C ALA A 213 -18.39 44.51 -31.35
N HIS A 214 -18.32 44.89 -30.08
CA HIS A 214 -17.87 46.21 -29.70
C HIS A 214 -16.93 46.07 -28.53
N GLY A 215 -15.64 46.32 -28.78
CA GLY A 215 -14.59 46.20 -27.78
C GLY A 215 -14.55 44.86 -27.05
N CYS A 216 -15.05 43.81 -27.69
CA CYS A 216 -15.13 42.51 -27.06
C CYS A 216 -13.77 41.84 -26.90
N LYS A 217 -13.44 41.49 -25.66
CA LYS A 217 -12.26 40.68 -25.38
C LYS A 217 -12.67 39.45 -24.61
N VAL A 218 -11.95 38.37 -24.87
CA VAL A 218 -12.34 37.07 -24.33
C VAL A 218 -11.12 36.38 -23.68
N ASP A 219 -11.40 35.50 -22.71
CA ASP A 219 -10.38 34.73 -22.02
C ASP A 219 -10.40 33.29 -22.54
N ASN A 220 -9.46 32.98 -23.43
CA ASN A 220 -9.39 31.67 -24.07
C ASN A 220 -8.48 30.70 -23.35
N SER A 221 -8.12 31.00 -22.09
CA SER A 221 -7.23 30.13 -21.33
C SER A 221 -7.70 28.68 -21.28
N SER A 222 -9.00 28.45 -21.44
CA SER A 222 -9.51 27.08 -21.50
C SER A 222 -8.89 26.27 -22.62
N LEU A 223 -8.64 26.92 -23.76
CA LEU A 223 -8.08 26.25 -24.94
C LEU A 223 -6.56 26.37 -25.08
N THR A 224 -5.98 27.36 -24.43
CA THR A 224 -4.56 27.68 -24.61
C THR A 224 -3.76 27.59 -23.31
N GLY A 225 -4.44 27.79 -22.20
CA GLY A 225 -3.79 27.89 -20.90
C GLY A 225 -3.26 29.29 -20.64
N GLU A 226 -3.51 30.21 -21.58
CA GLU A 226 -3.08 31.62 -21.47
C GLU A 226 -4.27 32.52 -21.23
N SER A 227 -4.20 33.35 -20.19
CA SER A 227 -5.37 34.15 -19.79
C SER A 227 -5.42 35.57 -20.39
N GLU A 228 -4.45 35.94 -21.21
CA GLU A 228 -4.44 37.29 -21.77
C GLU A 228 -5.66 37.46 -22.70
N PRO A 229 -6.43 38.53 -22.48
CA PRO A 229 -7.70 38.69 -23.19
C PRO A 229 -7.48 38.76 -24.70
N GLN A 230 -8.28 37.99 -25.44
CA GLN A 230 -8.21 37.97 -26.91
C GLN A 230 -9.42 38.68 -27.52
N THR A 231 -9.16 39.65 -28.40
CA THR A 231 -10.25 40.38 -29.07
C THR A 231 -11.13 39.46 -29.92
N ARG A 232 -12.42 39.76 -29.96
CA ARG A 232 -13.39 39.07 -30.82
C ARG A 232 -14.07 40.08 -31.74
N SER A 233 -14.09 39.80 -33.04
CA SER A 233 -14.73 40.68 -34.02
C SER A 233 -15.29 39.83 -35.16
N PRO A 234 -16.20 40.39 -35.98
CA PRO A 234 -16.85 39.60 -37.05
C PRO A 234 -15.91 39.18 -38.17
N GLU A 235 -14.82 39.91 -38.33
CA GLU A 235 -13.85 39.65 -39.39
C GLU A 235 -13.06 38.38 -39.13
N PHE A 236 -12.93 37.55 -40.17
CA PHE A 236 -12.07 36.38 -40.14
C PHE A 236 -10.61 36.81 -40.18
N SER A 237 -9.79 36.26 -39.31
CA SER A 237 -8.41 36.72 -39.21
C SER A 237 -7.35 35.62 -39.23
N SER A 238 -7.78 34.36 -39.36
CA SER A 238 -6.85 33.22 -39.47
C SER A 238 -7.57 31.99 -40.03
N GLU A 239 -6.88 31.24 -40.88
CA GLU A 239 -7.40 29.98 -41.41
C GLU A 239 -7.74 29.01 -40.27
N ASN A 240 -6.89 29.00 -39.25
CA ASN A 240 -7.10 28.21 -38.04
C ASN A 240 -8.21 28.82 -37.19
N PRO A 241 -9.34 28.10 -37.04
CA PRO A 241 -10.49 28.57 -36.25
C PRO A 241 -10.20 28.78 -34.76
N LEU A 242 -9.20 28.10 -34.22
CA LEU A 242 -8.82 28.29 -32.82
C LEU A 242 -8.01 29.56 -32.60
N GLU A 243 -7.70 30.25 -33.70
CA GLU A 243 -6.89 31.46 -33.67
C GLU A 243 -7.65 32.67 -34.22
N THR A 244 -8.69 32.42 -35.00
CA THR A 244 -9.44 33.51 -35.61
C THR A 244 -10.23 34.30 -34.56
N ARG A 245 -10.62 35.52 -34.91
CA ARG A 245 -11.29 36.42 -33.99
C ARG A 245 -12.81 36.29 -34.05
N ASN A 246 -13.32 35.76 -35.16
CA ASN A 246 -14.77 35.68 -35.37
C ASN A 246 -15.42 34.40 -34.83
N ILE A 247 -14.68 33.66 -34.01
CA ILE A 247 -15.24 32.52 -33.27
C ILE A 247 -15.04 32.70 -31.76
N ALA A 248 -16.12 32.48 -31.01
CA ALA A 248 -16.06 32.42 -29.54
C ALA A 248 -16.49 31.04 -29.06
N PHE A 249 -15.80 30.51 -28.04
CA PHE A 249 -15.96 29.11 -27.66
C PHE A 249 -16.62 28.91 -26.32
N PHE A 250 -17.43 27.86 -26.23
CA PHE A 250 -17.95 27.36 -24.97
C PHE A 250 -16.76 26.93 -24.11
N SER A 251 -16.88 27.12 -22.80
CA SER A 251 -15.80 26.91 -21.80
C SER A 251 -14.94 28.16 -21.58
N THR A 252 -15.21 29.22 -22.33
CA THR A 252 -14.48 30.48 -22.11
C THR A 252 -15.43 31.59 -21.65
N ASN A 253 -14.87 32.72 -21.29
CA ASN A 253 -15.71 33.85 -20.85
C ASN A 253 -15.34 35.19 -21.47
N CYS A 254 -16.36 36.04 -21.60
CA CYS A 254 -16.17 37.38 -22.11
C CYS A 254 -15.68 38.25 -20.94
N VAL A 255 -14.61 38.98 -21.20
CA VAL A 255 -13.85 39.71 -20.18
C VAL A 255 -14.22 41.20 -20.21
N GLU A 256 -14.66 41.66 -21.38
CA GLU A 256 -15.07 43.05 -21.57
C GLU A 256 -15.78 43.24 -22.92
N GLY A 257 -16.44 44.39 -23.07
CA GLY A 257 -17.14 44.71 -24.30
C GLY A 257 -18.41 43.93 -24.45
N THR A 258 -18.90 43.87 -25.68
CA THR A 258 -20.16 43.20 -26.00
C THR A 258 -20.02 42.56 -27.37
N ALA A 259 -20.73 41.46 -27.57
CA ALA A 259 -20.71 40.78 -28.86
C ALA A 259 -22.01 40.03 -29.10
N ARG A 260 -22.33 39.86 -30.37
CA ARG A 260 -23.46 39.04 -30.78
C ARG A 260 -22.90 37.99 -31.70
N GLY A 261 -23.52 36.81 -31.74
CA GLY A 261 -23.02 35.71 -32.56
C GLY A 261 -24.08 34.68 -32.86
N VAL A 262 -23.84 33.88 -33.90
CA VAL A 262 -24.73 32.77 -34.25
C VAL A 262 -24.14 31.45 -33.75
N VAL A 263 -24.95 30.69 -33.02
CA VAL A 263 -24.53 29.41 -32.47
C VAL A 263 -24.27 28.43 -33.60
N VAL A 264 -23.04 27.88 -33.65
CA VAL A 264 -22.70 26.85 -34.64
C VAL A 264 -22.64 25.44 -34.05
N TYR A 265 -22.32 25.34 -32.77
CA TYR A 265 -22.24 24.07 -32.08
C TYR A 265 -22.85 24.15 -30.69
N THR A 266 -23.39 23.02 -30.24
CA THR A 266 -24.11 22.91 -28.99
C THR A 266 -23.64 21.64 -28.27
N GLY A 267 -23.72 21.64 -26.94
CA GLY A 267 -23.44 20.48 -26.12
C GLY A 267 -22.14 19.76 -26.41
N ASP A 268 -22.25 18.45 -26.60
CA ASP A 268 -21.12 17.56 -26.89
C ASP A 268 -20.37 17.91 -28.16
N ARG A 269 -21.04 18.65 -29.06
CA ARG A 269 -20.47 19.00 -30.35
C ARG A 269 -19.59 20.25 -30.33
N THR A 270 -19.57 20.97 -29.22
CA THR A 270 -18.68 22.13 -29.10
C THR A 270 -17.22 21.65 -29.06
N VAL A 271 -16.30 22.57 -29.32
CA VAL A 271 -14.88 22.26 -29.30
C VAL A 271 -14.43 21.68 -27.95
N MET A 272 -14.82 22.33 -26.85
CA MET A 272 -14.39 21.87 -25.53
C MET A 272 -15.32 20.83 -24.91
N GLY A 273 -16.54 20.74 -25.44
CA GLY A 273 -17.46 19.66 -25.07
C GLY A 273 -16.91 18.31 -25.53
N ARG A 274 -16.23 18.31 -26.68
CA ARG A 274 -15.53 17.12 -27.18
C ARG A 274 -14.31 16.81 -26.31
N ILE A 275 -13.58 17.84 -25.90
CA ILE A 275 -12.46 17.68 -24.97
C ILE A 275 -12.96 17.06 -23.68
N ALA A 276 -14.08 17.58 -23.18
CA ALA A 276 -14.80 17.00 -22.04
C ALA A 276 -15.02 15.49 -22.20
N THR A 277 -15.64 15.10 -23.32
CA THR A 277 -15.92 13.69 -23.61
C THR A 277 -14.63 12.87 -23.71
N LEU A 278 -13.66 13.39 -24.45
CA LEU A 278 -12.35 12.77 -24.56
C LEU A 278 -11.76 12.51 -23.17
N ALA A 279 -11.67 13.57 -22.37
CA ALA A 279 -11.09 13.50 -21.03
C ALA A 279 -11.84 12.54 -20.10
N SER A 280 -13.17 12.68 -20.05
CA SER A 280 -14.03 11.84 -19.20
C SER A 280 -14.11 10.40 -19.69
N GLY A 281 -13.93 10.22 -21.00
CA GLY A 281 -14.07 8.91 -21.63
C GLY A 281 -12.83 8.04 -21.59
N LEU A 282 -11.66 8.65 -21.53
CA LEU A 282 -10.38 7.94 -21.56
C LEU A 282 -10.34 6.81 -20.55
N GLU A 283 -9.98 5.62 -21.02
CA GLU A 283 -9.79 4.45 -20.15
C GLU A 283 -8.68 4.72 -19.15
N VAL A 284 -8.97 4.51 -17.88
CA VAL A 284 -8.02 4.76 -16.78
C VAL A 284 -6.74 3.92 -16.98
N GLY A 285 -6.87 2.60 -16.83
CA GLY A 285 -5.73 1.69 -16.98
C GLY A 285 -5.06 1.36 -15.66
N ARG A 286 -4.28 0.28 -15.67
CA ARG A 286 -3.58 -0.21 -14.48
C ARG A 286 -2.28 0.54 -14.21
N THR A 287 -2.01 0.84 -12.94
CA THR A 287 -0.79 1.53 -12.55
C THR A 287 0.40 0.56 -12.52
N PRO A 288 1.65 1.09 -12.57
CA PRO A 288 2.83 0.24 -12.47
C PRO A 288 2.80 -0.61 -11.20
N ILE A 289 2.50 0.02 -10.07
CA ILE A 289 2.42 -0.68 -8.78
C ILE A 289 1.37 -1.80 -8.78
N ALA A 290 0.19 -1.53 -9.37
CA ALA A 290 -0.88 -2.52 -9.47
C ALA A 290 -0.42 -3.75 -10.26
N ILE A 291 0.24 -3.51 -11.40
CA ILE A 291 0.78 -4.57 -12.24
C ILE A 291 1.77 -5.46 -11.45
N GLU A 292 2.64 -4.83 -10.66
CA GLU A 292 3.56 -5.56 -9.80
C GLU A 292 2.83 -6.48 -8.79
N ILE A 293 1.78 -5.96 -8.15
CA ILE A 293 0.99 -6.74 -7.18
C ILE A 293 0.43 -8.00 -7.83
N GLU A 294 -0.26 -7.85 -8.95
CA GLU A 294 -0.84 -8.98 -9.67
C GLU A 294 0.21 -10.02 -10.05
N HIS A 295 1.40 -9.54 -10.39
CA HIS A 295 2.52 -10.37 -10.80
C HIS A 295 2.98 -11.34 -9.72
N PHE A 296 3.19 -10.85 -8.49
CA PHE A 296 3.62 -11.75 -7.42
C PHE A 296 2.47 -12.60 -6.89
N ILE A 297 1.24 -12.13 -7.11
CA ILE A 297 0.06 -12.90 -6.77
C ILE A 297 0.04 -14.17 -7.61
N HIS A 298 0.33 -14.03 -8.91
CA HIS A 298 0.46 -15.20 -9.80
C HIS A 298 1.54 -16.18 -9.34
N ILE A 299 2.71 -15.65 -8.98
CA ILE A 299 3.83 -16.47 -8.51
C ILE A 299 3.44 -17.27 -7.27
N ILE A 300 3.00 -16.57 -6.23
CA ILE A 300 2.64 -17.19 -4.96
C ILE A 300 1.41 -18.10 -5.10
N THR A 301 0.43 -17.67 -5.89
CA THR A 301 -0.73 -18.51 -6.22
C THR A 301 -0.28 -19.79 -6.93
N GLY A 302 0.69 -19.65 -7.82
CA GLY A 302 1.26 -20.78 -8.57
C GLY A 302 1.86 -21.84 -7.67
N VAL A 303 2.78 -21.45 -6.80
CA VAL A 303 3.39 -22.38 -5.85
C VAL A 303 2.36 -22.97 -4.90
N ALA A 304 1.31 -22.19 -4.63
CA ALA A 304 0.24 -22.61 -3.73
C ALA A 304 -0.56 -23.77 -4.32
N VAL A 305 -1.00 -23.62 -5.56
CA VAL A 305 -1.75 -24.68 -6.24
C VAL A 305 -0.86 -25.88 -6.54
N PHE A 306 0.41 -25.61 -6.81
CA PHE A 306 1.41 -26.66 -7.04
C PHE A 306 1.52 -27.58 -5.82
N LEU A 307 2.06 -27.05 -4.72
CA LEU A 307 2.19 -27.80 -3.46
C LEU A 307 0.84 -28.28 -2.94
N GLY A 308 -0.20 -27.49 -3.17
CA GLY A 308 -1.56 -27.84 -2.78
C GLY A 308 -1.97 -29.20 -3.29
N VAL A 309 -2.07 -29.33 -4.60
CA VAL A 309 -2.49 -30.60 -5.23
C VAL A 309 -1.37 -31.63 -5.32
N SER A 310 -0.12 -31.15 -5.26
CA SER A 310 1.06 -32.04 -5.30
C SER A 310 1.10 -32.94 -4.08
N PHE A 311 0.62 -32.42 -2.96
CA PHE A 311 0.55 -33.16 -1.70
C PHE A 311 -0.83 -33.75 -1.43
N PHE A 312 -1.84 -33.28 -2.15
CA PHE A 312 -3.19 -33.85 -2.07
C PHE A 312 -3.21 -35.25 -2.65
N ILE A 313 -2.52 -35.42 -3.78
CA ILE A 313 -2.37 -36.74 -4.40
C ILE A 313 -1.36 -37.57 -3.63
N LEU A 314 -0.31 -36.92 -3.13
CA LEU A 314 0.75 -37.56 -2.36
C LEU A 314 0.19 -38.19 -1.08
N SER A 315 -0.92 -37.63 -0.59
CA SER A 315 -1.60 -38.15 0.59
C SER A 315 -2.48 -39.35 0.27
N LEU A 316 -3.26 -39.26 -0.81
CA LEU A 316 -4.14 -40.35 -1.24
C LEU A 316 -3.36 -41.62 -1.56
N ILE A 317 -2.19 -41.45 -2.19
CA ILE A 317 -1.25 -42.54 -2.47
C ILE A 317 -0.79 -43.22 -1.17
N LEU A 318 -0.63 -42.42 -0.12
CA LEU A 318 -0.26 -42.94 1.19
C LEU A 318 -1.44 -43.56 1.94
N GLY A 319 -2.61 -43.54 1.30
CA GLY A 319 -3.81 -44.16 1.84
C GLY A 319 -4.52 -43.30 2.86
N TYR A 320 -4.60 -42.01 2.59
CA TYR A 320 -5.33 -41.07 3.45
C TYR A 320 -6.75 -40.91 2.96
N SER A 321 -7.70 -41.02 3.89
CA SER A 321 -9.12 -40.86 3.60
C SER A 321 -9.39 -39.45 3.09
N TRP A 322 -10.29 -39.33 2.12
CA TRP A 322 -10.68 -38.03 1.56
C TRP A 322 -11.14 -37.07 2.66
N LEU A 323 -11.67 -37.63 3.75
CA LEU A 323 -12.05 -36.89 4.95
C LEU A 323 -10.87 -36.08 5.48
N GLU A 324 -9.69 -36.70 5.48
CA GLU A 324 -8.45 -36.08 5.94
C GLU A 324 -7.76 -35.32 4.79
N ALA A 325 -7.79 -35.91 3.60
CA ALA A 325 -7.13 -35.34 2.41
C ALA A 325 -7.52 -33.89 2.16
N VAL A 326 -8.75 -33.54 2.52
CA VAL A 326 -9.24 -32.16 2.41
C VAL A 326 -8.76 -31.28 3.57
N ILE A 327 -8.71 -31.86 4.77
CA ILE A 327 -8.26 -31.13 5.97
C ILE A 327 -6.81 -30.68 5.82
N PHE A 328 -5.98 -31.54 5.24
CA PHE A 328 -4.59 -31.22 4.96
C PHE A 328 -4.50 -30.11 3.93
N LEU A 329 -5.36 -30.20 2.91
CA LEU A 329 -5.42 -29.21 1.83
C LEU A 329 -5.74 -27.81 2.36
N ILE A 330 -6.75 -27.72 3.23
CA ILE A 330 -7.11 -26.45 3.88
C ILE A 330 -5.89 -25.83 4.57
N GLY A 331 -5.16 -26.65 5.31
CA GLY A 331 -3.93 -26.23 5.96
C GLY A 331 -2.88 -25.75 4.97
N ILE A 332 -2.72 -26.50 3.89
CA ILE A 332 -1.80 -26.11 2.81
C ILE A 332 -2.15 -24.73 2.27
N ILE A 333 -3.45 -24.48 2.04
CA ILE A 333 -3.94 -23.20 1.55
C ILE A 333 -3.50 -22.08 2.49
N VAL A 334 -3.83 -22.23 3.77
CA VAL A 334 -3.56 -21.23 4.80
C VAL A 334 -2.06 -20.96 4.94
N ALA A 335 -1.27 -22.02 4.83
CA ALA A 335 0.19 -21.92 4.91
C ALA A 335 0.80 -21.13 3.74
N ASN A 336 0.34 -21.41 2.53
CA ASN A 336 0.89 -20.81 1.31
C ASN A 336 0.46 -19.37 1.04
N VAL A 337 -0.79 -19.06 1.32
CA VAL A 337 -1.31 -17.71 1.16
C VAL A 337 -0.83 -16.82 2.30
N PRO A 338 -0.14 -15.71 1.98
CA PRO A 338 0.23 -14.73 3.01
C PRO A 338 -0.96 -13.81 3.31
N GLU A 339 -1.80 -14.23 4.26
CA GLU A 339 -3.11 -13.60 4.51
C GLU A 339 -3.06 -12.11 4.78
N GLY A 340 -1.96 -11.64 5.37
CA GLY A 340 -1.88 -10.23 5.78
C GLY A 340 -1.06 -9.35 4.85
N LEU A 341 -0.61 -9.90 3.73
CA LEU A 341 0.32 -9.19 2.86
C LEU A 341 -0.32 -8.04 2.06
N LEU A 342 -1.43 -8.31 1.39
CA LEU A 342 -2.06 -7.27 0.58
C LEU A 342 -2.46 -6.04 1.40
N ALA A 343 -2.92 -6.29 2.63
CA ALA A 343 -3.29 -5.22 3.56
C ALA A 343 -2.06 -4.45 4.06
N THR A 344 -0.95 -5.15 4.21
CA THR A 344 0.32 -4.52 4.58
C THR A 344 0.70 -3.48 3.52
N VAL A 345 0.65 -3.90 2.26
CA VAL A 345 1.00 -3.07 1.12
C VAL A 345 0.20 -1.77 1.16
N THR A 346 -1.11 -1.92 1.30
CA THR A 346 -2.05 -0.79 1.40
C THR A 346 -1.68 0.18 2.53
N VAL A 347 -1.36 -0.37 3.72
CA VAL A 347 -0.98 0.44 4.87
C VAL A 347 0.35 1.16 4.64
N CYS A 348 1.32 0.47 4.05
CA CYS A 348 2.60 1.08 3.72
C CYS A 348 2.44 2.23 2.72
N LEU A 349 1.60 2.01 1.71
CA LEU A 349 1.22 3.06 0.78
C LEU A 349 0.57 4.25 1.50
N THR A 350 -0.47 3.97 2.29
CA THR A 350 -1.18 4.99 3.07
C THR A 350 -0.23 5.84 3.92
N LEU A 351 0.70 5.18 4.61
CA LEU A 351 1.63 5.88 5.49
C LEU A 351 2.58 6.76 4.71
N THR A 352 2.96 6.32 3.52
CA THR A 352 3.80 7.12 2.64
C THR A 352 3.02 8.35 2.12
N ALA A 353 1.74 8.15 1.80
CA ALA A 353 0.86 9.26 1.39
C ALA A 353 0.63 10.30 2.50
N LYS A 354 0.64 9.83 3.76
CA LYS A 354 0.47 10.74 4.91
C LYS A 354 1.65 11.70 5.07
N ARG A 355 2.85 11.19 4.83
CA ARG A 355 4.07 11.99 4.91
C ARG A 355 4.08 13.10 3.84
N MET A 356 3.58 12.76 2.65
CA MET A 356 3.51 13.68 1.52
C MET A 356 2.38 14.71 1.69
N ALA A 357 1.30 14.31 2.33
CA ALA A 357 0.26 15.26 2.73
C ALA A 357 0.84 16.36 3.62
N ARG A 358 1.87 15.99 4.39
CA ARG A 358 2.54 16.91 5.31
C ARG A 358 3.60 17.79 4.63
N LYS A 359 3.73 17.64 3.31
CA LYS A 359 4.58 18.54 2.52
C LYS A 359 3.75 19.24 1.45
N ASN A 360 2.44 19.34 1.71
CA ASN A 360 1.49 20.04 0.84
C ASN A 360 1.25 19.31 -0.49
N CYS A 361 1.43 18.00 -0.47
CA CYS A 361 1.26 17.18 -1.66
C CYS A 361 0.15 16.15 -1.43
N LEU A 362 -1.04 16.46 -1.94
CA LEU A 362 -2.21 15.61 -1.72
C LEU A 362 -2.27 14.48 -2.75
N VAL A 363 -2.46 13.27 -2.26
CA VAL A 363 -2.59 12.10 -3.12
C VAL A 363 -4.05 11.65 -3.14
N LYS A 364 -4.66 11.67 -4.31
CA LYS A 364 -6.06 11.26 -4.45
C LYS A 364 -6.20 9.74 -4.62
N ASN A 365 -5.17 9.12 -5.19
CA ASN A 365 -5.16 7.70 -5.48
C ASN A 365 -3.92 7.07 -4.89
N LEU A 366 -4.14 6.15 -3.96
CA LEU A 366 -3.06 5.60 -3.16
C LEU A 366 -1.90 5.03 -3.97
N GLU A 367 -2.19 4.50 -5.16
CA GLU A 367 -1.18 3.89 -6.00
C GLU A 367 -0.24 4.91 -6.64
N ALA A 368 -0.76 6.12 -6.87
CA ALA A 368 0.01 7.23 -7.43
C ALA A 368 1.18 7.63 -6.53
N VAL A 369 1.18 7.09 -5.31
CA VAL A 369 2.27 7.25 -4.36
C VAL A 369 3.58 6.65 -4.90
N GLU A 370 3.46 5.65 -5.76
CA GLU A 370 4.61 4.92 -6.28
C GLU A 370 4.97 5.28 -7.73
N THR A 371 3.96 5.60 -8.55
CA THR A 371 4.17 5.88 -9.98
C THR A 371 5.23 6.94 -10.22
N LEU A 372 5.23 7.97 -9.40
CA LEU A 372 6.20 9.05 -9.53
C LEU A 372 7.63 8.54 -9.41
N GLY A 373 7.84 7.52 -8.57
CA GLY A 373 9.13 6.87 -8.44
C GLY A 373 9.56 6.06 -9.67
N SER A 374 8.57 5.59 -10.43
CA SER A 374 8.85 4.78 -11.61
C SER A 374 8.83 5.60 -12.90
N THR A 375 8.67 6.91 -12.76
CA THR A 375 8.52 7.80 -13.89
C THR A 375 9.83 8.01 -14.64
N SER A 376 9.79 7.81 -15.95
CA SER A 376 10.95 8.02 -16.81
C SER A 376 10.83 9.27 -17.69
N THR A 377 9.60 9.78 -17.84
CA THR A 377 9.36 10.96 -18.65
C THR A 377 8.32 11.88 -18.01
N ILE A 378 8.68 13.16 -17.87
CA ILE A 378 7.70 14.18 -17.47
C ILE A 378 7.29 15.08 -18.65
N CYS A 379 5.99 15.10 -18.94
CA CYS A 379 5.40 16.06 -19.86
C CYS A 379 4.78 17.22 -19.05
N SER A 380 5.38 18.40 -19.16
CA SER A 380 4.95 19.54 -18.36
C SER A 380 4.38 20.71 -19.15
N ASP A 381 3.22 21.16 -18.71
CA ASP A 381 2.66 22.44 -19.13
C ASP A 381 3.65 23.52 -18.69
N LYS A 382 3.58 24.69 -19.30
CA LYS A 382 4.43 25.81 -18.88
C LYS A 382 3.69 26.79 -17.95
N THR A 383 2.65 27.43 -18.47
CA THR A 383 1.98 28.55 -17.79
C THR A 383 1.19 28.13 -16.54
N GLY A 384 1.65 28.59 -15.37
CA GLY A 384 1.00 28.25 -14.10
C GLY A 384 1.53 26.97 -13.49
N THR A 385 2.42 26.30 -14.23
CA THR A 385 3.07 25.08 -13.78
C THR A 385 4.57 25.34 -13.57
N LEU A 386 5.32 25.42 -14.67
CA LEU A 386 6.72 25.84 -14.61
C LEU A 386 6.82 27.32 -14.27
N THR A 387 5.85 28.10 -14.77
CA THR A 387 5.85 29.54 -14.55
C THR A 387 4.82 30.00 -13.52
N GLN A 388 5.04 31.19 -12.99
CA GLN A 388 4.17 31.78 -11.96
C GLN A 388 2.81 32.22 -12.51
N ASN A 389 2.75 32.41 -13.83
CA ASN A 389 1.55 32.90 -14.53
C ASN A 389 1.25 34.37 -14.20
N ARG A 390 2.27 35.20 -14.37
CA ARG A 390 2.17 36.62 -14.01
C ARG A 390 3.27 37.39 -14.71
N MET A 391 2.86 38.30 -15.60
CA MET A 391 3.78 39.21 -16.25
C MET A 391 4.62 39.92 -15.18
N THR A 392 5.93 39.72 -15.26
CA THR A 392 6.87 40.27 -14.28
C THR A 392 8.05 40.91 -15.01
N VAL A 393 8.47 42.10 -14.53
CA VAL A 393 9.63 42.81 -15.09
C VAL A 393 10.89 41.97 -14.91
N ALA A 394 11.61 41.73 -16.01
CA ALA A 394 12.78 40.86 -15.99
C ALA A 394 14.10 41.61 -16.14
N HIS A 395 14.12 42.61 -17.00
CA HIS A 395 15.31 43.41 -17.25
C HIS A 395 14.98 44.88 -17.52
N MET A 396 15.99 45.73 -17.35
CA MET A 396 15.87 47.16 -17.61
C MET A 396 17.12 47.64 -18.34
N TRP A 397 16.94 48.47 -19.36
CA TRP A 397 18.07 49.06 -20.05
C TRP A 397 18.15 50.57 -19.88
N PHE A 398 19.08 50.99 -19.02
CA PHE A 398 19.38 52.41 -18.81
C PHE A 398 20.87 52.58 -18.50
N ASP A 399 21.39 53.78 -18.77
CA ASP A 399 22.82 54.09 -18.63
C ASP A 399 23.69 53.21 -19.54
N ASN A 400 23.17 52.88 -20.72
CA ASN A 400 23.84 52.00 -21.67
C ASN A 400 24.22 50.64 -21.05
N GLN A 401 23.33 50.11 -20.21
CA GLN A 401 23.60 48.90 -19.45
C GLN A 401 22.33 48.06 -19.22
N ILE A 402 22.48 46.74 -19.38
CA ILE A 402 21.42 45.78 -19.10
C ILE A 402 21.43 45.42 -17.63
N HIS A 403 20.32 45.69 -16.94
CA HIS A 403 20.15 45.30 -15.55
C HIS A 403 19.11 44.19 -15.46
N GLU A 404 19.33 43.25 -14.56
CA GLU A 404 18.37 42.18 -14.34
C GLU A 404 17.64 42.32 -13.00
N ALA A 405 16.32 42.23 -13.04
CA ALA A 405 15.50 42.26 -11.85
C ALA A 405 15.31 40.84 -11.30
N ASP A 406 14.78 40.75 -10.09
CA ASP A 406 14.46 39.46 -9.49
C ASP A 406 13.01 39.07 -9.83
N THR A 407 12.86 37.94 -10.52
CA THR A 407 11.55 37.47 -11.00
C THR A 407 10.86 36.48 -10.06
N THR A 408 11.61 35.96 -9.09
CA THR A 408 11.10 34.92 -8.18
C THR A 408 9.99 35.44 -7.27
N GLU A 409 9.04 34.56 -6.91
CA GLU A 409 7.92 34.88 -6.01
C GLU A 409 8.41 35.51 -4.71
N ASN A 410 9.10 34.70 -3.93
CA ASN A 410 9.63 35.10 -2.62
C ASN A 410 10.84 36.04 -2.69
N GLN A 411 11.21 36.46 -3.90
CA GLN A 411 12.37 37.34 -4.14
C GLN A 411 13.67 36.80 -3.53
N SER A 412 14.15 35.69 -4.09
CA SER A 412 15.35 35.00 -3.63
C SER A 412 16.64 35.49 -4.32
N GLY A 413 16.51 36.48 -5.19
CA GLY A 413 17.65 37.05 -5.90
C GLY A 413 18.29 38.21 -5.16
N ALA A 414 18.88 39.13 -5.92
CA ALA A 414 19.53 40.32 -5.35
C ALA A 414 19.17 41.59 -6.13
N ALA A 415 19.62 42.74 -5.63
CA ALA A 415 19.37 44.03 -6.28
C ALA A 415 20.21 44.19 -7.55
N PHE A 416 19.82 45.15 -8.38
CA PHE A 416 20.48 45.42 -9.66
C PHE A 416 21.11 46.82 -9.68
N ASP A 417 20.38 47.78 -9.11
CA ASP A 417 20.76 49.18 -9.10
C ASP A 417 19.78 49.97 -8.23
N LYS A 418 20.30 50.98 -7.54
CA LYS A 418 19.50 51.84 -6.68
C LYS A 418 20.06 53.26 -6.76
N THR A 419 21.38 53.34 -6.98
CA THR A 419 22.13 54.58 -6.91
C THR A 419 21.86 55.54 -8.08
N SER A 420 21.95 55.02 -9.31
CA SER A 420 21.83 55.83 -10.52
C SER A 420 20.60 56.74 -10.49
N ALA A 421 20.83 58.03 -10.75
CA ALA A 421 19.76 59.02 -10.81
C ALA A 421 18.83 58.72 -11.98
N THR A 422 19.36 58.04 -12.98
CA THR A 422 18.61 57.57 -14.14
C THR A 422 17.50 56.62 -13.71
N TRP A 423 17.83 55.70 -12.80
CA TRP A 423 16.87 54.74 -12.29
C TRP A 423 15.62 55.43 -11.72
N SER A 424 15.84 56.44 -10.88
CA SER A 424 14.74 57.19 -10.27
C SER A 424 13.86 57.90 -11.29
N ALA A 425 14.46 58.29 -12.41
CA ALA A 425 13.72 58.92 -13.51
C ALA A 425 12.88 57.89 -14.25
N LEU A 426 13.44 56.71 -14.48
CA LEU A 426 12.74 55.59 -15.13
C LEU A 426 11.63 55.06 -14.22
N SER A 427 11.98 54.90 -12.94
CA SER A 427 11.07 54.45 -11.90
C SER A 427 9.83 55.34 -11.79
N ARG A 428 10.03 56.65 -11.96
CA ARG A 428 8.95 57.62 -11.86
C ARG A 428 7.96 57.50 -13.02
N ILE A 429 8.49 57.23 -14.22
CA ILE A 429 7.65 57.04 -15.40
C ILE A 429 6.86 55.73 -15.28
N ALA A 430 7.50 54.70 -14.74
CA ALA A 430 6.86 53.39 -14.58
C ALA A 430 5.69 53.47 -13.61
N ALA A 431 5.81 54.35 -12.61
CA ALA A 431 4.76 54.54 -11.61
C ALA A 431 3.70 55.52 -12.10
N LEU A 432 4.15 56.65 -12.65
CA LEU A 432 3.26 57.73 -13.08
C LEU A 432 2.51 57.43 -14.38
N CYS A 433 3.20 56.89 -15.38
CA CYS A 433 2.59 56.58 -16.67
C CYS A 433 1.96 55.18 -16.59
N ASN A 434 1.11 54.99 -15.59
CA ASN A 434 0.56 53.69 -15.27
C ASN A 434 -0.81 53.89 -14.65
N ARG A 435 -1.80 53.15 -15.16
CA ARG A 435 -3.17 53.26 -14.68
C ARG A 435 -3.62 52.09 -13.83
N ALA A 436 -2.71 51.16 -13.55
CA ALA A 436 -3.01 49.99 -12.71
C ALA A 436 -3.03 50.32 -11.21
N VAL A 437 -3.87 49.60 -10.48
CA VAL A 437 -4.00 49.77 -9.03
C VAL A 437 -4.20 48.43 -8.32
N PHE A 438 -3.68 48.33 -7.10
CA PHE A 438 -3.93 47.17 -6.24
C PHE A 438 -5.39 47.14 -5.76
N GLN A 439 -6.00 45.96 -5.74
CA GLN A 439 -7.35 45.78 -5.19
C GLN A 439 -7.34 46.12 -3.72
N ALA A 440 -8.49 46.54 -3.19
CA ALA A 440 -8.60 46.90 -1.78
C ALA A 440 -8.35 45.71 -0.85
N GLY A 441 -7.74 45.99 0.30
CA GLY A 441 -7.55 45.00 1.37
C GLY A 441 -6.51 43.91 1.13
N GLN A 442 -5.47 44.26 0.37
CA GLN A 442 -4.41 43.30 0.02
C GLN A 442 -3.16 43.50 0.87
N ASP A 443 -3.11 44.60 1.62
CA ASP A 443 -1.92 45.01 2.41
C ASP A 443 -1.31 43.88 3.23
N ASN A 444 -2.10 42.86 3.50
CA ASN A 444 -1.66 41.67 4.21
C ASN A 444 -0.78 40.74 3.35
N VAL A 445 -1.14 40.56 2.08
CA VAL A 445 -0.44 39.63 1.20
C VAL A 445 0.78 40.28 0.54
N PRO A 446 1.79 39.48 0.14
CA PRO A 446 2.98 40.03 -0.52
C PRO A 446 2.67 40.71 -1.86
N ILE A 447 3.48 41.72 -2.19
CA ILE A 447 3.29 42.55 -3.38
C ILE A 447 3.04 41.73 -4.66
N LEU A 448 3.92 40.78 -4.96
CA LEU A 448 3.84 40.00 -6.20
C LEU A 448 2.63 39.07 -6.27
N LYS A 449 2.03 38.77 -5.11
CA LYS A 449 0.89 37.85 -5.06
C LYS A 449 -0.48 38.54 -5.09
N ARG A 450 -0.50 39.85 -4.87
CA ARG A 450 -1.78 40.57 -4.75
C ARG A 450 -2.46 40.82 -6.08
N SER A 451 -3.80 40.80 -6.06
CA SER A 451 -4.59 41.02 -7.26
C SER A 451 -4.55 42.49 -7.70
N VAL A 452 -4.43 42.70 -9.00
CA VAL A 452 -4.33 44.04 -9.57
C VAL A 452 -5.39 44.24 -10.63
N ALA A 453 -6.09 45.38 -10.56
CA ALA A 453 -6.97 45.80 -11.64
C ALA A 453 -6.12 46.48 -12.71
N GLY A 454 -6.02 45.83 -13.87
CA GLY A 454 -5.27 46.37 -15.01
C GLY A 454 -4.75 45.31 -15.96
N ASP A 455 -4.20 45.74 -17.10
CA ASP A 455 -3.55 44.81 -18.01
C ASP A 455 -2.26 44.26 -17.39
N ALA A 456 -1.78 43.13 -17.92
CA ALA A 456 -0.62 42.44 -17.34
C ALA A 456 0.65 43.29 -17.30
N SER A 457 0.90 44.08 -18.35
CA SER A 457 2.13 44.86 -18.39
C SER A 457 2.15 46.00 -17.37
N GLU A 458 1.01 46.69 -17.22
CA GLU A 458 0.91 47.74 -16.20
C GLU A 458 0.99 47.19 -14.77
N SER A 459 0.44 45.99 -14.55
CA SER A 459 0.52 45.33 -13.24
C SER A 459 1.97 44.98 -12.89
N ALA A 460 2.69 44.46 -13.88
CA ALA A 460 4.09 44.12 -13.75
C ALA A 460 4.92 45.33 -13.32
N LEU A 461 4.70 46.45 -14.02
CA LEU A 461 5.42 47.69 -13.72
C LEU A 461 5.05 48.23 -12.34
N LEU A 462 3.77 48.15 -12.00
CA LEU A 462 3.27 48.55 -10.69
C LEU A 462 4.02 47.81 -9.60
N LYS A 463 4.05 46.48 -9.71
CA LYS A 463 4.65 45.60 -8.70
C LYS A 463 6.16 45.77 -8.64
N CYS A 464 6.76 46.12 -9.78
CA CYS A 464 8.17 46.36 -9.86
C CYS A 464 8.60 47.57 -9.03
N ILE A 465 7.89 48.69 -9.21
CA ILE A 465 8.22 49.93 -8.53
C ILE A 465 7.82 49.87 -7.05
N GLU A 466 6.63 49.34 -6.78
CA GLU A 466 6.13 49.17 -5.42
C GLU A 466 7.12 48.39 -4.55
N LEU A 467 7.83 47.47 -5.20
CA LEU A 467 8.77 46.59 -4.52
C LEU A 467 10.06 47.30 -4.15
N CYS A 468 10.65 48.02 -5.09
CA CYS A 468 11.97 48.63 -4.89
C CYS A 468 11.96 50.15 -4.64
N CYS A 469 10.78 50.75 -4.63
CA CYS A 469 10.64 52.20 -4.36
C CYS A 469 9.54 52.51 -3.34
N GLY A 470 8.99 51.47 -2.72
CA GLY A 470 7.89 51.64 -1.77
C GLY A 470 6.60 52.04 -2.45
N SER A 471 5.62 52.45 -1.64
CA SER A 471 4.27 52.78 -2.11
C SER A 471 4.22 53.60 -3.39
N VAL A 472 3.61 53.04 -4.43
CA VAL A 472 3.42 53.71 -5.70
C VAL A 472 2.33 54.78 -5.58
N GLN A 473 1.29 54.46 -4.81
CA GLN A 473 0.21 55.41 -4.51
C GLN A 473 0.75 56.74 -3.98
N GLY A 474 1.84 56.66 -3.21
CA GLY A 474 2.54 57.86 -2.72
C GLY A 474 3.11 58.71 -3.83
N MET A 475 3.75 58.06 -4.80
CA MET A 475 4.35 58.73 -5.95
C MET A 475 3.28 59.39 -6.82
N ARG A 476 2.11 58.76 -6.89
CA ARG A 476 0.97 59.28 -7.63
C ARG A 476 0.16 60.31 -6.85
N ASP A 477 0.51 60.53 -5.59
CA ASP A 477 -0.09 61.60 -4.79
C ASP A 477 0.80 62.83 -4.77
N ARG A 478 2.12 62.61 -4.78
CA ARG A 478 3.10 63.68 -4.81
C ARG A 478 3.16 64.35 -6.19
N ASN A 479 2.79 63.60 -7.23
CA ASN A 479 2.80 64.12 -8.60
C ASN A 479 1.40 64.01 -9.23
N PRO A 480 0.50 64.94 -8.88
CA PRO A 480 -0.88 64.88 -9.39
C PRO A 480 -0.96 64.90 -10.90
N LYS A 481 -1.64 63.90 -11.47
CA LYS A 481 -1.88 63.82 -12.90
C LYS A 481 -2.95 64.82 -13.30
N ILE A 482 -2.64 65.69 -14.26
CA ILE A 482 -3.59 66.70 -14.72
C ILE A 482 -4.24 66.35 -16.05
N VAL A 483 -3.46 65.75 -16.95
CA VAL A 483 -3.94 65.31 -18.26
C VAL A 483 -3.20 64.03 -18.68
N GLU A 484 -3.89 63.16 -19.41
CA GLU A 484 -3.29 61.94 -19.95
C GLU A 484 -3.90 61.50 -21.28
N ILE A 485 -3.09 60.83 -22.09
CA ILE A 485 -3.56 60.17 -23.31
C ILE A 485 -3.32 58.67 -23.16
N PRO A 486 -4.38 57.89 -22.86
CA PRO A 486 -4.26 56.44 -22.68
C PRO A 486 -3.76 55.76 -23.94
N PHE A 487 -3.07 54.63 -23.77
CA PHE A 487 -2.47 53.87 -24.86
C PHE A 487 -3.45 53.65 -26.02
N ASN A 488 -3.06 54.11 -27.20
CA ASN A 488 -3.89 53.99 -28.40
C ASN A 488 -3.33 52.98 -29.40
N SER A 489 -4.24 52.27 -30.05
CA SER A 489 -3.90 51.33 -31.12
C SER A 489 -3.07 52.03 -32.21
N THR A 490 -3.42 53.28 -32.51
CA THR A 490 -2.75 54.09 -33.53
C THR A 490 -1.49 54.80 -33.03
N ASN A 491 -1.57 55.42 -31.85
CA ASN A 491 -0.44 56.13 -31.24
C ASN A 491 0.72 55.20 -30.87
N LYS A 492 0.36 54.01 -30.39
CA LYS A 492 1.31 53.00 -29.91
C LYS A 492 2.15 53.52 -28.73
N TYR A 493 1.59 54.50 -28.02
CA TYR A 493 2.20 55.06 -26.82
C TYR A 493 1.13 55.58 -25.86
N GLN A 494 1.54 55.80 -24.62
CA GLN A 494 0.69 56.37 -23.58
C GLN A 494 1.46 57.50 -22.93
N LEU A 495 0.84 58.69 -22.83
CA LEU A 495 1.50 59.83 -22.20
C LEU A 495 0.70 60.41 -21.02
N SER A 496 1.42 61.06 -20.11
CA SER A 496 0.82 61.69 -18.93
C SER A 496 1.56 62.96 -18.54
N ILE A 497 0.81 63.95 -18.05
CA ILE A 497 1.37 65.20 -17.58
C ILE A 497 1.08 65.38 -16.09
N HIS A 498 2.13 65.58 -15.30
CA HIS A 498 2.00 65.63 -13.84
C HIS A 498 2.62 66.89 -13.25
N GLU A 499 2.13 67.29 -12.08
CA GLU A 499 2.72 68.38 -11.32
C GLU A 499 3.94 67.86 -10.59
N ASN A 500 5.13 68.27 -11.02
CA ASN A 500 6.38 67.86 -10.40
C ASN A 500 6.31 68.02 -8.89
N GLU A 501 6.59 66.94 -8.17
CA GLU A 501 6.54 66.91 -6.70
C GLU A 501 7.52 67.89 -6.06
N LYS A 502 8.55 68.26 -6.80
CA LYS A 502 9.56 69.21 -6.36
C LYS A 502 8.92 70.56 -6.04
N SER A 503 9.26 71.10 -4.88
CA SER A 503 8.73 72.38 -4.44
C SER A 503 9.38 73.54 -5.19
N SER A 504 10.69 73.44 -5.43
CA SER A 504 11.45 74.46 -6.15
C SER A 504 11.07 74.54 -7.63
N GLU A 505 10.27 73.58 -8.09
CA GLU A 505 9.74 73.60 -9.45
C GLU A 505 8.22 73.63 -9.50
N SER A 506 7.58 72.60 -8.92
CA SER A 506 6.12 72.48 -8.89
C SER A 506 5.52 72.66 -10.30
N ARG A 507 6.35 72.42 -11.30
CA ARG A 507 6.00 72.65 -12.71
C ARG A 507 5.38 71.39 -13.32
N TYR A 508 5.34 71.33 -14.65
CA TYR A 508 4.69 70.25 -15.36
C TYR A 508 5.67 69.28 -16.02
N LEU A 509 5.60 68.02 -15.60
CA LEU A 509 6.41 66.96 -16.19
C LEU A 509 5.60 66.09 -17.13
N LEU A 510 6.18 65.78 -18.29
CA LEU A 510 5.56 64.88 -19.25
C LEU A 510 6.27 63.52 -19.23
N VAL A 511 5.49 62.45 -19.12
CA VAL A 511 6.01 61.08 -19.21
C VAL A 511 5.25 60.27 -20.25
N MET A 512 5.94 59.36 -20.92
CA MET A 512 5.29 58.44 -21.86
C MET A 512 6.02 57.09 -22.03
N LYS A 513 5.23 56.06 -22.35
CA LYS A 513 5.75 54.73 -22.59
C LYS A 513 5.05 54.12 -23.81
N GLY A 514 5.70 53.17 -24.46
CA GLY A 514 5.15 52.54 -25.65
C GLY A 514 6.18 51.67 -26.34
N ALA A 515 5.88 51.30 -27.59
CA ALA A 515 6.78 50.51 -28.42
C ALA A 515 8.16 51.16 -28.49
N PRO A 516 9.22 50.39 -28.17
CA PRO A 516 10.60 50.88 -28.04
C PRO A 516 11.05 51.76 -29.21
N GLU A 517 10.78 51.31 -30.43
CA GLU A 517 11.14 52.06 -31.63
C GLU A 517 10.35 53.36 -31.81
N ARG A 518 9.07 53.35 -31.45
CA ARG A 518 8.22 54.54 -31.51
C ARG A 518 8.67 55.62 -30.54
N ILE A 519 9.10 55.18 -29.35
CA ILE A 519 9.59 56.08 -28.30
C ILE A 519 10.90 56.71 -28.76
N LEU A 520 11.73 55.92 -29.46
CA LEU A 520 13.02 56.37 -29.98
C LEU A 520 12.86 57.51 -31.00
N ASP A 521 11.87 57.39 -31.88
CA ASP A 521 11.60 58.42 -32.90
C ASP A 521 11.02 59.70 -32.31
N ARG A 522 10.95 59.76 -30.98
CA ARG A 522 10.42 60.93 -30.29
C ARG A 522 11.41 61.47 -29.25
N CYS A 523 12.67 61.05 -29.36
CA CYS A 523 13.70 61.44 -28.41
C CYS A 523 14.87 62.18 -29.05
N SER A 524 15.40 63.16 -28.34
CA SER A 524 16.56 63.92 -28.80
C SER A 524 17.74 63.77 -27.83
N THR A 525 17.42 63.59 -26.56
CA THR A 525 18.43 63.44 -25.51
C THR A 525 18.26 62.13 -24.73
N ILE A 526 19.32 61.70 -24.04
CA ILE A 526 19.26 60.51 -23.21
C ILE A 526 19.80 60.81 -21.80
N LEU A 527 18.99 60.48 -20.79
CA LEU A 527 19.38 60.68 -19.40
C LEU A 527 20.46 59.67 -19.01
N LEU A 528 21.71 60.05 -19.22
CA LEU A 528 22.85 59.20 -18.88
C LEU A 528 23.37 59.52 -17.49
N ASN A 529 23.27 58.54 -16.59
CA ASN A 529 23.78 58.62 -15.22
C ASN A 529 23.37 59.89 -14.45
N GLY A 530 22.33 60.57 -14.92
CA GLY A 530 21.85 61.80 -14.30
C GLY A 530 21.63 62.93 -15.28
N ALA A 531 22.70 63.32 -15.98
CA ALA A 531 22.65 64.42 -16.93
C ALA A 531 22.27 63.94 -18.33
N GLU A 532 21.45 64.76 -19.01
CA GLU A 532 21.04 64.50 -20.39
C GLU A 532 22.22 64.67 -21.35
N GLU A 533 22.01 64.23 -22.60
CA GLU A 533 23.00 64.36 -23.67
C GLU A 533 22.39 64.02 -25.02
N PRO A 534 22.94 64.56 -26.13
CA PRO A 534 22.39 64.28 -27.46
C PRO A 534 22.36 62.79 -27.79
N LEU A 535 21.36 62.40 -28.57
CA LEU A 535 21.17 61.00 -28.96
C LEU A 535 21.96 60.69 -30.23
N LYS A 536 23.25 60.42 -30.06
CA LYS A 536 24.12 60.09 -31.20
C LYS A 536 23.89 58.67 -31.67
N GLU A 537 24.19 58.41 -32.95
CA GLU A 537 24.03 57.10 -33.58
C GLU A 537 24.65 55.97 -32.75
N ASP A 538 25.65 56.31 -31.95
CA ASP A 538 26.34 55.36 -31.07
C ASP A 538 25.39 54.73 -30.06
N MET A 539 24.79 55.58 -29.22
CA MET A 539 23.82 55.15 -28.21
C MET A 539 22.58 54.57 -28.84
N LYS A 540 22.23 55.08 -30.02
CA LYS A 540 21.09 54.59 -30.80
C LYS A 540 21.30 53.15 -31.25
N GLU A 541 22.54 52.79 -31.54
CA GLU A 541 22.89 51.43 -31.94
C GLU A 541 22.91 50.49 -30.73
N ALA A 542 23.38 51.00 -29.60
CA ALA A 542 23.40 50.26 -28.35
C ALA A 542 21.98 49.96 -27.87
N PHE A 543 21.07 50.88 -28.18
CA PHE A 543 19.65 50.71 -27.94
C PHE A 543 19.10 49.53 -28.73
N GLN A 544 19.44 49.48 -30.03
CA GLN A 544 19.01 48.39 -30.90
C GLN A 544 19.55 47.05 -30.41
N ASN A 545 20.80 47.05 -29.97
CA ASN A 545 21.44 45.86 -29.42
C ASN A 545 20.73 45.37 -28.17
N ALA A 546 20.51 46.29 -27.22
CA ALA A 546 19.78 46.01 -25.99
C ALA A 546 18.37 45.50 -26.29
N TYR A 547 17.70 46.18 -27.23
CA TYR A 547 16.37 45.82 -27.69
C TYR A 547 16.31 44.41 -28.30
N LEU A 548 17.30 44.06 -29.11
CA LEU A 548 17.34 42.74 -29.75
C LEU A 548 17.63 41.60 -28.78
N GLU A 549 18.51 41.85 -27.81
CA GLU A 549 18.87 40.88 -26.78
C GLU A 549 17.68 40.54 -25.88
N LEU A 550 17.02 41.57 -25.36
CA LEU A 550 15.85 41.40 -24.49
C LEU A 550 14.73 40.67 -25.21
N GLY A 551 14.47 41.07 -26.45
CA GLY A 551 13.47 40.42 -27.29
C GLY A 551 13.81 38.97 -27.60
N GLY A 552 15.11 38.69 -27.71
CA GLY A 552 15.61 37.33 -27.92
C GLY A 552 15.37 36.42 -26.73
N LEU A 553 15.34 37.02 -25.55
CA LEU A 553 15.03 36.32 -24.30
C LEU A 553 13.53 36.00 -24.16
N GLY A 554 12.77 36.27 -25.22
CA GLY A 554 11.32 36.03 -25.23
C GLY A 554 10.56 37.03 -24.38
N GLU A 555 11.16 38.18 -24.13
CA GLU A 555 10.59 39.18 -23.23
C GLU A 555 9.92 40.31 -23.99
N ARG A 556 8.81 40.80 -23.45
CA ARG A 556 8.09 41.94 -24.02
C ARG A 556 8.77 43.23 -23.58
N VAL A 557 9.20 44.03 -24.55
CA VAL A 557 10.02 45.21 -24.26
C VAL A 557 9.23 46.51 -24.48
N LEU A 558 9.34 47.41 -23.52
CA LEU A 558 8.74 48.74 -23.62
C LEU A 558 9.77 49.85 -23.50
N GLY A 559 9.50 50.97 -24.18
CA GLY A 559 10.32 52.16 -24.10
C GLY A 559 9.74 53.17 -23.14
N PHE A 560 10.62 53.89 -22.44
CA PHE A 560 10.21 54.89 -21.47
C PHE A 560 10.97 56.19 -21.70
N CYS A 561 10.25 57.30 -21.69
CA CYS A 561 10.84 58.62 -21.87
C CYS A 561 10.02 59.71 -21.19
N HIS A 562 10.68 60.83 -20.91
CA HIS A 562 10.01 61.97 -20.27
C HIS A 562 10.50 63.30 -20.85
N PHE A 563 9.83 64.39 -20.47
CA PHE A 563 10.21 65.72 -20.92
C PHE A 563 9.73 66.78 -19.94
N ALA A 564 10.68 67.49 -19.34
CA ALA A 564 10.37 68.63 -18.48
C ALA A 564 10.03 69.83 -19.35
N LEU A 565 8.74 70.12 -19.47
CA LEU A 565 8.24 71.23 -20.29
C LEU A 565 8.76 72.58 -19.76
N PRO A 566 9.09 73.51 -20.68
CA PRO A 566 9.60 74.83 -20.26
C PRO A 566 8.60 75.65 -19.43
N GLU A 567 9.07 76.18 -18.31
CA GLU A 567 8.22 76.91 -17.34
C GLU A 567 7.53 78.12 -17.95
N ASP A 568 8.31 78.96 -18.61
CA ASP A 568 7.80 80.20 -19.20
C ASP A 568 6.72 79.95 -20.27
N LYS A 569 6.82 78.81 -20.94
CA LYS A 569 5.87 78.42 -21.97
C LYS A 569 4.65 77.66 -21.41
N TYR A 570 4.69 77.35 -20.11
CA TYR A 570 3.60 76.62 -19.45
C TYR A 570 3.36 77.10 -18.01
N ASN A 571 2.36 77.97 -17.86
CA ASN A 571 2.01 78.56 -16.55
C ASN A 571 1.38 77.55 -15.60
N GLU A 572 1.38 77.86 -14.31
CA GLU A 572 0.79 76.99 -13.27
C GLU A 572 -0.69 76.70 -13.52
N GLY A 573 -1.31 77.45 -14.43
CA GLY A 573 -2.70 77.23 -14.81
C GLY A 573 -2.90 76.87 -16.27
N TYR A 574 -1.80 76.61 -16.98
CA TYR A 574 -1.86 76.27 -18.40
C TYR A 574 -2.71 75.02 -18.65
N PRO A 575 -3.72 75.13 -19.52
CA PRO A 575 -4.59 73.99 -19.85
C PRO A 575 -4.00 73.10 -20.95
N PHE A 576 -4.00 71.79 -20.72
CA PHE A 576 -3.51 70.84 -21.72
C PHE A 576 -4.68 70.12 -22.36
N ASP A 577 -4.66 70.08 -23.69
CA ASP A 577 -5.69 69.39 -24.46
C ASP A 577 -5.21 68.00 -24.85
N ALA A 578 -5.93 66.98 -24.39
CA ALA A 578 -5.60 65.58 -24.66
C ALA A 578 -6.08 65.11 -26.03
N ASP A 579 -7.15 65.73 -26.52
CA ASP A 579 -7.75 65.40 -27.81
C ASP A 579 -6.88 65.86 -28.98
N GLU A 580 -6.45 67.12 -28.93
CA GLU A 580 -5.59 67.70 -29.96
C GLU A 580 -4.24 68.07 -29.34
N PRO A 581 -3.13 67.64 -29.99
CA PRO A 581 -1.78 67.91 -29.49
C PRO A 581 -1.58 69.37 -29.10
N ASN A 582 -1.76 69.63 -27.80
CA ASN A 582 -1.61 70.97 -27.24
C ASN A 582 -0.23 71.16 -26.61
N PHE A 583 0.62 70.14 -26.79
CA PHE A 583 1.95 70.08 -26.19
C PHE A 583 2.88 69.21 -27.04
N PRO A 584 4.20 69.49 -27.00
CA PRO A 584 5.15 68.73 -27.82
C PRO A 584 5.28 67.27 -27.40
N THR A 585 5.36 66.40 -28.40
CA THR A 585 5.52 64.96 -28.18
C THR A 585 6.78 64.47 -28.89
N THR A 586 7.64 65.42 -29.29
CA THR A 586 8.89 65.13 -29.97
C THR A 586 10.05 65.78 -29.22
N ASP A 587 11.28 65.42 -29.59
CA ASP A 587 12.51 65.93 -28.97
C ASP A 587 12.56 65.65 -27.47
N LEU A 588 11.86 64.59 -27.04
CA LEU A 588 11.80 64.22 -25.64
C LEU A 588 13.09 63.53 -25.20
N CYS A 589 13.21 63.27 -23.91
CA CYS A 589 14.39 62.60 -23.37
C CYS A 589 14.12 61.11 -23.10
N PHE A 590 14.82 60.24 -23.83
CA PHE A 590 14.76 58.79 -23.61
C PHE A 590 15.43 58.45 -22.29
N VAL A 591 14.70 57.77 -21.40
CA VAL A 591 15.24 57.42 -20.11
C VAL A 591 15.75 55.98 -20.11
N GLY A 592 14.91 55.04 -20.57
CA GLY A 592 15.31 53.64 -20.60
C GLY A 592 14.32 52.63 -21.15
N LEU A 593 14.74 51.38 -21.17
CA LEU A 593 13.89 50.26 -21.58
C LEU A 593 13.55 49.39 -20.40
N MET A 594 12.41 48.72 -20.48
CA MET A 594 12.05 47.68 -19.51
C MET A 594 11.44 46.48 -20.22
N ALA A 595 11.84 45.30 -19.78
CA ALA A 595 11.43 44.05 -20.41
C ALA A 595 10.71 43.19 -19.37
N MET A 596 9.80 42.35 -19.82
CA MET A 596 9.00 41.53 -18.91
C MET A 596 8.56 40.21 -19.53
N ILE A 597 8.21 39.27 -18.66
CA ILE A 597 7.83 37.92 -19.06
C ILE A 597 7.07 37.25 -17.92
N ASP A 598 6.32 36.20 -18.23
CA ASP A 598 5.78 35.32 -17.20
C ASP A 598 6.91 34.35 -16.79
N PRO A 599 7.52 34.60 -15.61
CA PRO A 599 8.77 33.93 -15.24
C PRO A 599 8.58 32.57 -14.61
N PRO A 600 9.63 31.75 -14.59
CA PRO A 600 9.57 30.46 -13.88
C PRO A 600 9.35 30.64 -12.39
N ARG A 601 8.75 29.63 -11.75
CA ARG A 601 8.66 29.61 -10.30
C ARG A 601 10.08 29.34 -9.79
N ALA A 602 10.41 29.94 -8.65
CA ALA A 602 11.75 29.93 -8.09
C ALA A 602 12.37 28.53 -8.06
N ALA A 603 11.60 27.56 -7.61
CA ALA A 603 12.10 26.19 -7.43
C ALA A 603 12.21 25.38 -8.73
N VAL A 604 11.59 25.88 -9.80
CA VAL A 604 11.47 25.10 -11.06
C VAL A 604 12.82 24.73 -11.74
N PRO A 605 13.70 25.71 -12.02
CA PRO A 605 14.98 25.34 -12.63
C PRO A 605 15.72 24.19 -11.91
N ASP A 606 15.85 24.31 -10.59
CA ASP A 606 16.52 23.31 -9.78
C ASP A 606 15.79 21.96 -9.75
N ALA A 607 14.45 22.00 -9.77
CA ALA A 607 13.68 20.76 -9.76
C ALA A 607 13.84 20.02 -11.08
N VAL A 608 13.98 20.78 -12.16
CA VAL A 608 14.11 20.20 -13.50
C VAL A 608 15.44 19.47 -13.61
N GLY A 609 16.51 20.13 -13.17
CA GLY A 609 17.84 19.53 -13.13
C GLY A 609 17.90 18.26 -12.31
N LYS A 610 17.19 18.27 -11.17
CA LYS A 610 17.13 17.11 -10.27
C LYS A 610 16.40 15.94 -10.91
N CYS A 611 15.30 16.23 -11.60
CA CYS A 611 14.61 15.21 -12.37
C CYS A 611 15.54 14.60 -13.43
N ARG A 612 16.29 15.48 -14.12
CA ARG A 612 17.21 15.05 -15.17
C ARG A 612 18.42 14.25 -14.64
N SER A 613 18.91 14.60 -13.45
CA SER A 613 19.97 13.83 -12.77
C SER A 613 19.49 12.43 -12.36
N ALA A 614 18.20 12.30 -12.11
CA ALA A 614 17.62 11.00 -11.80
C ALA A 614 17.26 10.26 -13.08
N GLY A 615 17.70 10.81 -14.22
CA GLY A 615 17.54 10.16 -15.52
C GLY A 615 16.14 10.24 -16.11
N ILE A 616 15.36 11.19 -15.61
CA ILE A 616 14.01 11.43 -16.11
C ILE A 616 14.10 12.45 -17.25
N LYS A 617 13.46 12.12 -18.37
CA LYS A 617 13.39 13.03 -19.50
C LYS A 617 12.25 14.03 -19.30
N VAL A 618 12.57 15.32 -19.48
CA VAL A 618 11.60 16.39 -19.27
C VAL A 618 11.26 17.08 -20.60
N ILE A 619 9.98 16.98 -20.97
CA ILE A 619 9.44 17.59 -22.20
C ILE A 619 8.47 18.72 -21.83
N MET A 620 8.51 19.83 -22.59
CA MET A 620 7.55 20.90 -22.45
C MET A 620 6.40 20.74 -23.44
N VAL A 621 5.16 20.87 -22.94
CA VAL A 621 3.98 20.77 -23.78
C VAL A 621 3.02 21.90 -23.43
N THR A 622 2.95 22.90 -24.31
CA THR A 622 2.25 24.13 -23.98
C THR A 622 1.38 24.66 -25.12
N GLY A 623 0.29 25.32 -24.75
CA GLY A 623 -0.55 26.02 -25.70
C GLY A 623 0.02 27.37 -26.10
N ASP A 624 1.09 27.80 -25.42
CA ASP A 624 1.68 29.12 -25.68
C ASP A 624 2.50 29.16 -26.96
N HIS A 625 2.75 30.39 -27.45
CA HIS A 625 3.58 30.65 -28.63
C HIS A 625 5.02 30.15 -28.47
N PRO A 626 5.63 29.68 -29.58
CA PRO A 626 6.96 29.08 -29.62
C PRO A 626 8.09 29.93 -29.04
N ILE A 627 8.13 31.23 -29.34
CA ILE A 627 9.23 32.07 -28.88
C ILE A 627 9.27 32.12 -27.35
N THR A 628 8.09 32.24 -26.74
CA THR A 628 7.98 32.24 -25.30
C THR A 628 8.29 30.86 -24.72
N ALA A 629 7.73 29.83 -25.33
CA ALA A 629 7.95 28.47 -24.88
C ALA A 629 9.45 28.12 -24.87
N LYS A 630 10.14 28.41 -25.97
CA LYS A 630 11.57 28.13 -26.09
C LYS A 630 12.41 28.89 -25.06
N ALA A 631 12.09 30.15 -24.83
CA ALA A 631 12.85 30.97 -23.87
C ALA A 631 12.76 30.43 -22.44
N ILE A 632 11.56 30.03 -22.01
CA ILE A 632 11.40 29.43 -20.67
C ILE A 632 12.07 28.06 -20.61
N ALA A 633 12.04 27.31 -21.71
CA ALA A 633 12.74 26.02 -21.79
C ALA A 633 14.21 26.15 -21.41
N LYS A 634 14.86 27.19 -21.93
CA LYS A 634 16.26 27.46 -21.60
C LYS A 634 16.40 27.97 -20.17
N GLY A 635 15.44 28.79 -19.74
CA GLY A 635 15.42 29.35 -18.38
C GLY A 635 15.33 28.30 -17.29
N VAL A 636 14.49 27.27 -17.49
CA VAL A 636 14.30 26.22 -16.49
C VAL A 636 15.21 25.00 -16.68
N GLY A 637 15.92 24.94 -17.81
CA GLY A 637 16.82 23.83 -18.11
C GLY A 637 16.23 22.67 -18.91
N ILE A 638 15.07 22.86 -19.54
CA ILE A 638 14.55 21.85 -20.47
C ILE A 638 15.51 21.75 -21.66
N ILE A 639 15.96 22.91 -22.15
CA ILE A 639 16.98 22.98 -23.18
C ILE A 639 18.26 23.49 -22.53
N SER A 640 19.28 22.62 -22.48
CA SER A 640 20.54 22.94 -21.82
C SER A 640 21.42 23.81 -22.71
N GLU A 641 22.41 24.46 -22.11
CA GLU A 641 23.22 25.45 -22.82
C GLU A 641 24.03 24.82 -23.95
N GLY A 642 24.00 25.47 -25.11
CA GLY A 642 24.70 24.95 -26.28
C GLY A 642 23.87 24.10 -27.22
N ASN A 643 22.83 23.44 -26.72
CA ASN A 643 21.96 22.61 -27.57
C ASN A 643 21.11 23.39 -28.56
N GLU A 644 21.05 22.88 -29.77
CA GLU A 644 20.46 23.62 -30.88
C GLU A 644 19.32 22.87 -31.53
N THR A 645 18.45 23.64 -32.17
CA THR A 645 17.44 23.09 -33.05
C THR A 645 17.99 23.18 -34.47
N ILE A 646 17.34 22.51 -35.41
CA ILE A 646 17.72 22.63 -36.82
C ILE A 646 17.69 24.08 -37.30
N GLU A 647 16.72 24.85 -36.81
CA GLU A 647 16.58 26.28 -37.14
C GLU A 647 17.76 27.12 -36.62
N ASP A 648 18.22 26.81 -35.41
CA ASP A 648 19.40 27.45 -34.83
C ASP A 648 20.66 27.21 -35.65
N ILE A 649 20.89 25.96 -36.08
CA ILE A 649 22.04 25.60 -36.91
C ILE A 649 22.02 26.40 -38.21
N ALA A 650 20.86 26.39 -38.86
CA ALA A 650 20.66 27.08 -40.12
C ALA A 650 20.96 28.59 -40.05
N ALA A 651 20.53 29.25 -38.97
CA ALA A 651 20.72 30.69 -38.81
C ALA A 651 22.18 31.04 -38.49
N ARG A 652 22.80 30.23 -37.63
CA ARG A 652 24.19 30.39 -37.25
C ARG A 652 25.12 30.22 -38.47
N LEU A 653 24.97 29.10 -39.17
CA LEU A 653 25.73 28.81 -40.39
C LEU A 653 25.26 29.59 -41.63
N ASN A 654 24.19 30.37 -41.46
CA ASN A 654 23.53 31.05 -42.59
C ASN A 654 23.32 30.12 -43.80
N ILE A 655 22.62 29.00 -43.56
CA ILE A 655 22.29 28.03 -44.62
C ILE A 655 20.83 27.61 -44.55
N PRO A 656 20.26 27.08 -45.66
CA PRO A 656 18.89 26.55 -45.65
C PRO A 656 18.70 25.41 -44.62
N ILE A 657 17.53 25.37 -43.99
CA ILE A 657 17.21 24.33 -43.01
C ILE A 657 17.27 22.91 -43.63
N GLY A 658 16.97 22.80 -44.92
CA GLY A 658 17.04 21.51 -45.62
C GLY A 658 18.47 21.02 -45.80
N GLN A 659 19.43 21.95 -45.66
CA GLN A 659 20.84 21.64 -45.81
C GLN A 659 21.44 21.17 -44.48
N VAL A 660 20.66 21.30 -43.41
CA VAL A 660 21.10 20.88 -42.08
C VAL A 660 20.75 19.42 -41.83
N ASN A 661 21.76 18.64 -41.40
CA ASN A 661 21.54 17.28 -40.91
C ASN A 661 20.76 17.35 -39.59
N PRO A 662 19.52 16.83 -39.59
CA PRO A 662 18.67 16.95 -38.40
C PRO A 662 19.20 16.21 -37.18
N ARG A 663 20.07 15.21 -37.40
CA ARG A 663 20.71 14.45 -36.32
C ARG A 663 21.75 15.28 -35.55
N ASP A 664 22.19 16.39 -36.14
CA ASP A 664 23.09 17.31 -35.48
C ASP A 664 22.37 18.17 -34.43
N ALA A 665 21.04 18.07 -34.40
CA ALA A 665 20.22 18.84 -33.47
C ALA A 665 19.55 17.98 -32.43
N LYS A 666 20.00 18.09 -31.18
CA LYS A 666 19.45 17.29 -30.08
C LYS A 666 18.19 17.94 -29.49
N ALA A 667 18.03 19.23 -29.76
CA ALA A 667 16.88 19.98 -29.28
C ALA A 667 15.90 20.23 -30.42
N CYS A 668 14.61 20.24 -30.11
CA CYS A 668 13.61 20.64 -31.10
C CYS A 668 12.45 21.42 -30.51
N VAL A 669 11.85 22.26 -31.35
CA VAL A 669 10.68 23.04 -31.00
C VAL A 669 9.62 22.78 -32.08
N VAL A 670 8.54 22.11 -31.70
CA VAL A 670 7.48 21.75 -32.66
C VAL A 670 6.22 22.60 -32.44
N HIS A 671 5.84 23.37 -33.46
CA HIS A 671 4.57 24.12 -33.43
C HIS A 671 3.38 23.17 -33.67
N GLY A 672 2.27 23.43 -32.97
CA GLY A 672 1.06 22.60 -33.09
C GLY A 672 0.51 22.47 -34.50
N SER A 673 0.65 23.53 -35.29
CA SER A 673 0.22 23.54 -36.69
C SER A 673 1.01 22.55 -37.54
N ASP A 674 2.27 22.33 -37.21
CA ASP A 674 3.04 21.29 -37.90
C ASP A 674 2.74 19.90 -37.32
N LEU A 675 2.60 19.83 -35.99
CA LEU A 675 2.25 18.58 -35.31
C LEU A 675 1.00 17.94 -35.93
N LYS A 676 0.05 18.78 -36.31
CA LYS A 676 -1.23 18.37 -36.88
C LYS A 676 -1.10 17.52 -38.16
N ASP A 677 -0.11 17.83 -38.99
CA ASP A 677 0.10 17.09 -40.23
C ASP A 677 1.15 15.97 -40.12
N LEU A 678 1.55 15.64 -38.90
CA LEU A 678 2.48 14.53 -38.69
C LEU A 678 1.75 13.29 -38.20
N SER A 679 2.13 12.15 -38.74
CA SER A 679 1.64 10.86 -38.27
C SER A 679 2.33 10.52 -36.96
N THR A 680 1.73 9.59 -36.23
CA THR A 680 2.25 9.15 -34.94
C THR A 680 3.64 8.50 -35.03
N GLU A 681 3.88 7.81 -36.14
CA GLU A 681 5.18 7.21 -36.42
C GLU A 681 6.24 8.30 -36.53
N VAL A 682 5.86 9.44 -37.10
CA VAL A 682 6.77 10.55 -37.26
C VAL A 682 6.95 11.30 -35.93
N LEU A 683 5.90 11.30 -35.13
CA LEU A 683 5.96 11.83 -33.78
C LEU A 683 6.86 10.97 -32.91
N ASP A 684 6.78 9.66 -33.11
CA ASP A 684 7.66 8.71 -32.43
C ASP A 684 9.14 8.92 -32.77
N ASP A 685 9.44 9.20 -34.04
CA ASP A 685 10.80 9.55 -34.44
C ASP A 685 11.31 10.83 -33.75
N ILE A 686 10.47 11.87 -33.69
CA ILE A 686 10.83 13.10 -32.95
C ILE A 686 11.20 12.82 -31.49
N LEU A 687 10.39 11.99 -30.83
CA LEU A 687 10.59 11.60 -29.45
C LEU A 687 11.88 10.82 -29.23
N HIS A 688 12.16 9.89 -30.13
CA HIS A 688 13.38 9.08 -30.13
C HIS A 688 14.65 9.86 -30.44
N TYR A 689 14.55 10.86 -31.32
CA TYR A 689 15.74 11.53 -31.88
C TYR A 689 16.18 12.80 -31.15
N HIS A 690 15.39 13.20 -30.16
CA HIS A 690 15.72 14.42 -29.41
C HIS A 690 15.68 14.19 -27.91
N THR A 691 16.64 14.77 -27.23
CA THR A 691 16.74 14.72 -25.79
C THR A 691 16.00 15.90 -25.16
N GLU A 692 15.88 17.00 -25.90
CA GLU A 692 15.34 18.25 -25.36
C GLU A 692 14.19 18.73 -26.24
N ILE A 693 12.97 18.42 -25.82
CA ILE A 693 11.82 18.61 -26.68
C ILE A 693 10.86 19.66 -26.13
N VAL A 694 10.43 20.54 -27.02
CA VAL A 694 9.44 21.55 -26.72
C VAL A 694 8.30 21.44 -27.74
N PHE A 695 7.10 21.14 -27.24
CA PHE A 695 5.86 21.15 -28.03
C PHE A 695 5.05 22.40 -27.69
N ALA A 696 5.02 23.34 -28.63
CA ALA A 696 4.40 24.64 -28.40
C ALA A 696 3.14 24.82 -29.23
N ARG A 697 2.25 25.70 -28.76
CA ARG A 697 0.97 25.98 -29.44
C ARG A 697 0.16 24.70 -29.71
N THR A 698 0.23 23.77 -28.76
CA THR A 698 -0.47 22.51 -28.83
C THR A 698 -1.90 22.72 -28.35
N SER A 699 -2.83 21.97 -28.95
CA SER A 699 -4.21 21.86 -28.47
C SER A 699 -4.28 20.81 -27.37
N PRO A 700 -5.43 20.72 -26.67
CA PRO A 700 -5.55 19.70 -25.60
C PRO A 700 -5.38 18.26 -26.11
N GLN A 701 -5.98 17.93 -27.25
CA GLN A 701 -5.82 16.58 -27.84
C GLN A 701 -4.37 16.30 -28.20
N GLN A 702 -3.67 17.34 -28.65
CA GLN A 702 -2.26 17.21 -29.02
C GLN A 702 -1.39 16.86 -27.83
N LYS A 703 -1.74 17.39 -26.66
CA LYS A 703 -1.04 17.04 -25.42
C LYS A 703 -1.25 15.56 -25.12
N LEU A 704 -2.49 15.10 -25.25
CA LEU A 704 -2.83 13.68 -25.09
C LEU A 704 -1.99 12.80 -26.05
N ILE A 705 -1.94 13.19 -27.32
CA ILE A 705 -1.16 12.49 -28.35
C ILE A 705 0.33 12.38 -28.00
N ILE A 706 0.92 13.45 -27.47
CA ILE A 706 2.34 13.45 -27.08
C ILE A 706 2.56 12.50 -25.91
N VAL A 707 1.63 12.52 -24.96
CA VAL A 707 1.68 11.61 -23.80
C VAL A 707 1.64 10.15 -24.24
N GLU A 708 0.68 9.84 -25.13
CA GLU A 708 0.50 8.50 -25.68
C GLU A 708 1.72 8.06 -26.46
N GLY A 709 2.30 8.97 -27.25
CA GLY A 709 3.55 8.74 -27.97
C GLY A 709 4.66 8.28 -27.06
N CYS A 710 4.85 9.00 -25.95
CA CYS A 710 5.87 8.64 -24.95
C CYS A 710 5.62 7.27 -24.35
N GLN A 711 4.35 7.01 -24.02
CA GLN A 711 3.94 5.73 -23.45
C GLN A 711 4.15 4.58 -24.43
N ARG A 712 3.91 4.85 -25.71
CA ARG A 712 4.02 3.87 -26.78
C ARG A 712 5.45 3.29 -26.85
N GLN A 713 6.43 4.11 -26.48
CA GLN A 713 7.84 3.71 -26.43
C GLN A 713 8.17 2.90 -25.17
N GLY A 714 7.16 2.65 -24.35
CA GLY A 714 7.33 1.84 -23.14
C GLY A 714 7.68 2.63 -21.88
N ALA A 715 7.54 3.96 -21.94
CA ALA A 715 7.90 4.80 -20.80
C ALA A 715 6.74 5.06 -19.84
N ILE A 716 7.06 5.10 -18.56
CA ILE A 716 6.13 5.56 -17.53
C ILE A 716 6.15 7.09 -17.54
N VAL A 717 4.99 7.71 -17.79
CA VAL A 717 4.96 9.17 -17.93
C VAL A 717 4.12 9.91 -16.89
N ALA A 718 4.71 10.97 -16.34
CA ALA A 718 3.98 11.92 -15.52
C ALA A 718 3.63 13.17 -16.32
N VAL A 719 2.44 13.72 -16.07
CA VAL A 719 2.05 15.03 -16.59
C VAL A 719 1.89 16.02 -15.44
N THR A 720 2.43 17.23 -15.63
CA THR A 720 2.21 18.31 -14.70
C THR A 720 1.48 19.45 -15.40
N GLY A 721 0.39 19.95 -14.80
CA GLY A 721 -0.41 21.02 -15.43
C GLY A 721 -1.35 21.73 -14.47
N ASP A 722 -2.10 22.70 -14.98
CA ASP A 722 -2.98 23.52 -14.13
C ASP A 722 -4.22 24.02 -14.85
N GLY A 723 -4.28 23.79 -16.16
CA GLY A 723 -5.39 24.29 -16.94
C GLY A 723 -6.35 23.21 -17.38
N VAL A 724 -7.50 23.62 -17.90
CA VAL A 724 -8.48 22.67 -18.41
C VAL A 724 -7.97 22.03 -19.71
N ASN A 725 -7.04 22.71 -20.38
CA ASN A 725 -6.40 22.18 -21.59
C ASN A 725 -5.36 21.09 -21.28
N ASP A 726 -5.16 20.80 -19.99
CA ASP A 726 -4.27 19.72 -19.56
C ASP A 726 -5.08 18.48 -19.18
N SER A 727 -6.40 18.61 -19.15
CA SER A 727 -7.26 17.54 -18.63
C SER A 727 -7.07 16.19 -19.33
N PRO A 728 -7.16 16.14 -20.68
CA PRO A 728 -6.94 14.84 -21.33
C PRO A 728 -5.56 14.23 -21.05
N ALA A 729 -4.51 15.05 -21.16
CA ALA A 729 -3.15 14.58 -20.90
C ALA A 729 -2.98 14.09 -19.46
N LEU A 730 -3.61 14.79 -18.52
CA LEU A 730 -3.51 14.43 -17.10
C LEU A 730 -4.18 13.10 -16.84
N LYS A 731 -5.31 12.87 -17.52
CA LYS A 731 -6.06 11.63 -17.39
C LYS A 731 -5.25 10.46 -17.95
N LYS A 732 -4.66 10.64 -19.13
CA LYS A 732 -3.94 9.57 -19.80
C LYS A 732 -2.61 9.25 -19.15
N ALA A 733 -1.97 10.25 -18.56
CA ALA A 733 -0.72 10.07 -17.85
C ALA A 733 -0.81 8.89 -16.86
N ASP A 734 0.28 8.16 -16.69
CA ASP A 734 0.37 7.14 -15.65
C ASP A 734 0.13 7.79 -14.28
N ILE A 735 0.58 9.05 -14.15
CA ILE A 735 0.27 9.88 -13.00
C ILE A 735 0.16 11.34 -13.46
N GLY A 736 -0.98 11.95 -13.17
CA GLY A 736 -1.17 13.36 -13.43
C GLY A 736 -1.02 14.14 -12.15
N VAL A 737 -0.24 15.21 -12.20
CA VAL A 737 -0.07 16.09 -11.06
C VAL A 737 -0.58 17.50 -11.37
N ALA A 738 -1.55 17.97 -10.61
CA ALA A 738 -2.10 19.31 -10.81
C ALA A 738 -1.61 20.32 -9.77
N MET A 739 -1.52 21.59 -10.16
CA MET A 739 -1.18 22.66 -9.23
C MET A 739 -2.42 23.02 -8.42
N GLY A 740 -2.24 23.20 -7.12
CA GLY A 740 -3.36 23.39 -6.20
C GLY A 740 -3.91 24.81 -6.11
N ILE A 741 -3.04 25.80 -6.04
CA ILE A 741 -3.49 27.20 -5.96
C ILE A 741 -3.89 27.71 -7.33
N SER A 742 -2.98 27.60 -8.30
CA SER A 742 -3.23 28.12 -9.64
C SER A 742 -4.11 27.19 -10.50
N GLY A 743 -4.26 25.94 -10.09
CA GLY A 743 -4.98 24.95 -10.90
C GLY A 743 -6.48 25.20 -11.03
N SER A 744 -6.99 24.95 -12.23
CA SER A 744 -8.41 24.96 -12.48
C SER A 744 -9.03 23.71 -11.89
N ASP A 745 -10.31 23.80 -11.56
CA ASP A 745 -11.08 22.69 -11.01
C ASP A 745 -10.96 21.42 -11.87
N VAL A 746 -11.12 21.56 -13.19
CA VAL A 746 -11.00 20.44 -14.13
C VAL A 746 -9.67 19.71 -14.02
N SER A 747 -8.57 20.45 -14.06
CA SER A 747 -7.24 19.87 -13.99
C SER A 747 -7.07 19.04 -12.71
N LYS A 748 -7.56 19.57 -11.58
CA LYS A 748 -7.43 18.85 -10.32
C LYS A 748 -8.33 17.63 -10.21
N GLN A 749 -9.41 17.62 -10.99
CA GLN A 749 -10.26 16.43 -11.11
C GLN A 749 -9.57 15.34 -11.93
N ALA A 750 -8.78 15.76 -12.91
CA ALA A 750 -8.14 14.84 -13.84
C ALA A 750 -6.85 14.24 -13.29
N ALA A 751 -6.36 14.83 -12.20
CA ALA A 751 -5.06 14.46 -11.64
C ALA A 751 -5.15 13.37 -10.59
N ASP A 752 -4.00 12.74 -10.31
CA ASP A 752 -3.88 11.76 -9.25
C ASP A 752 -3.29 12.38 -7.99
N MET A 753 -2.70 13.56 -8.15
CA MET A 753 -1.95 14.22 -7.09
C MET A 753 -2.08 15.74 -7.23
N ILE A 754 -2.22 16.42 -6.10
CA ILE A 754 -2.32 17.89 -6.09
C ILE A 754 -1.19 18.51 -5.27
N LEU A 755 -0.48 19.46 -5.86
CA LEU A 755 0.51 20.27 -5.14
C LEU A 755 -0.21 21.48 -4.55
N LEU A 756 -0.57 21.38 -3.27
CA LEU A 756 -1.45 22.36 -2.62
C LEU A 756 -0.83 23.75 -2.44
N ASP A 757 0.49 23.82 -2.56
CA ASP A 757 1.19 25.10 -2.40
C ASP A 757 1.92 25.52 -3.67
N ASP A 758 1.68 24.77 -4.75
CA ASP A 758 2.32 25.02 -6.05
C ASP A 758 3.84 24.87 -6.03
N ASN A 759 4.32 24.08 -5.08
CA ASN A 759 5.75 23.84 -4.90
C ASN A 759 6.27 22.74 -5.82
N PHE A 760 6.79 23.14 -6.96
CA PHE A 760 7.30 22.20 -7.97
C PHE A 760 8.41 21.28 -7.45
N ALA A 761 9.12 21.70 -6.41
CA ALA A 761 10.13 20.86 -5.75
C ALA A 761 9.51 19.56 -5.21
N SER A 762 8.20 19.57 -5.00
CA SER A 762 7.49 18.40 -4.54
C SER A 762 7.56 17.22 -5.51
N ILE A 763 7.61 17.50 -6.82
CA ILE A 763 7.81 16.44 -7.82
C ILE A 763 9.09 15.64 -7.51
N VAL A 764 10.17 16.35 -7.20
CA VAL A 764 11.46 15.75 -6.85
C VAL A 764 11.32 14.87 -5.61
N THR A 765 10.64 15.39 -4.60
CA THR A 765 10.34 14.65 -3.38
C THR A 765 9.47 13.43 -3.67
N GLY A 766 8.48 13.64 -4.52
CA GLY A 766 7.55 12.57 -4.91
C GLY A 766 8.26 11.40 -5.58
N VAL A 767 9.16 11.70 -6.52
CA VAL A 767 9.90 10.64 -7.20
C VAL A 767 10.80 9.90 -6.20
N GLU A 768 11.45 10.66 -5.32
CA GLU A 768 12.27 10.08 -4.25
C GLU A 768 11.48 9.16 -3.29
N GLU A 769 10.31 9.64 -2.85
CA GLU A 769 9.42 8.85 -2.00
C GLU A 769 8.96 7.59 -2.74
N GLY A 770 8.57 7.78 -4.00
CA GLY A 770 8.15 6.69 -4.87
C GLY A 770 9.17 5.57 -5.00
N ARG A 771 10.45 5.94 -5.14
CA ARG A 771 11.52 4.94 -5.26
C ARG A 771 11.74 4.23 -3.93
N LEU A 772 11.75 5.00 -2.84
CA LEU A 772 11.96 4.48 -1.49
C LEU A 772 10.91 3.45 -1.08
N ILE A 773 9.64 3.75 -1.37
CA ILE A 773 8.55 2.85 -1.03
C ILE A 773 8.61 1.56 -1.85
N PHE A 774 9.09 1.66 -3.09
CA PHE A 774 9.28 0.50 -3.95
C PHE A 774 10.27 -0.50 -3.35
N ASP A 775 11.41 0.00 -2.89
CA ASP A 775 12.41 -0.84 -2.22
C ASP A 775 11.88 -1.42 -0.91
N ASN A 776 11.30 -0.55 -0.06
CA ASN A 776 10.73 -0.97 1.22
C ASN A 776 9.60 -1.99 1.12
N LEU A 777 8.86 -1.96 0.02
CA LEU A 777 7.83 -2.97 -0.21
C LEU A 777 8.47 -4.34 -0.38
N LYS A 778 9.57 -4.39 -1.13
CA LYS A 778 10.37 -5.62 -1.28
C LYS A 778 10.78 -6.20 0.06
N LYS A 779 11.29 -5.33 0.92
CA LYS A 779 11.72 -5.73 2.26
C LYS A 779 10.54 -6.30 3.05
N SER A 780 9.42 -5.59 3.02
CA SER A 780 8.21 -5.99 3.72
C SER A 780 7.60 -7.26 3.15
N ILE A 781 7.68 -7.44 1.84
CA ILE A 781 7.16 -8.63 1.18
C ILE A 781 8.03 -9.86 1.51
N ALA A 782 9.35 -9.72 1.39
CA ALA A 782 10.27 -10.79 1.75
C ALA A 782 10.07 -11.24 3.19
N TYR A 783 9.90 -10.26 4.07
CA TYR A 783 9.70 -10.51 5.50
C TYR A 783 8.46 -11.33 5.75
N THR A 784 7.38 -10.98 5.04
CA THR A 784 6.10 -11.62 5.22
C THR A 784 6.14 -13.03 4.63
N LEU A 785 6.75 -13.17 3.46
CA LEU A 785 6.84 -14.46 2.79
C LEU A 785 7.72 -15.45 3.54
N THR A 786 8.81 -14.95 4.12
CA THR A 786 9.78 -15.81 4.80
C THR A 786 9.11 -16.74 5.81
N SER A 787 8.14 -16.22 6.55
CA SER A 787 7.44 -17.00 7.58
C SER A 787 6.43 -18.00 7.01
N ASN A 788 6.26 -18.05 5.69
CA ASN A 788 5.40 -19.05 5.05
C ASN A 788 5.99 -20.45 5.14
N ILE A 789 7.30 -20.54 5.03
CA ILE A 789 7.98 -21.84 5.06
C ILE A 789 7.75 -22.58 6.40
N PRO A 790 8.03 -21.93 7.53
CA PRO A 790 7.80 -22.61 8.80
C PRO A 790 6.32 -22.95 9.06
N GLU A 791 5.43 -22.46 8.22
CA GLU A 791 4.00 -22.80 8.32
C GLU A 791 3.61 -23.92 7.35
N ILE A 792 4.38 -24.05 6.26
CA ILE A 792 4.17 -25.10 5.25
C ILE A 792 4.82 -26.42 5.68
N THR A 793 6.10 -26.37 6.05
CA THR A 793 6.88 -27.56 6.36
C THR A 793 6.28 -28.49 7.43
N PRO A 794 5.67 -27.93 8.50
CA PRO A 794 5.06 -28.81 9.50
C PRO A 794 3.97 -29.71 8.93
N PHE A 795 3.15 -29.15 8.03
CA PHE A 795 2.08 -29.92 7.40
C PHE A 795 2.62 -31.03 6.51
N LEU A 796 3.75 -30.76 5.85
CA LEU A 796 4.38 -31.74 4.97
C LEU A 796 4.96 -32.92 5.77
N VAL A 797 5.70 -32.61 6.82
CA VAL A 797 6.30 -33.63 7.67
C VAL A 797 5.23 -34.43 8.41
N PHE A 798 4.09 -33.79 8.67
CA PHE A 798 2.93 -34.44 9.26
C PHE A 798 2.45 -35.63 8.40
N ILE A 799 2.53 -35.47 7.08
CA ILE A 799 2.15 -36.50 6.12
C ILE A 799 3.26 -37.53 5.92
N ILE A 800 4.44 -37.04 5.56
CA ILE A 800 5.61 -37.89 5.22
C ILE A 800 6.18 -38.64 6.43
N GLY A 801 6.04 -38.06 7.62
CA GLY A 801 6.61 -38.64 8.84
C GLY A 801 5.62 -39.37 9.74
N ASN A 802 4.33 -39.08 9.58
CA ASN A 802 3.27 -39.59 10.47
C ASN A 802 3.49 -39.23 11.95
N VAL A 803 3.94 -38.00 12.19
CA VAL A 803 4.17 -37.50 13.55
C VAL A 803 2.98 -36.65 14.00
N PRO A 804 2.91 -36.28 15.30
CA PRO A 804 1.84 -35.36 15.70
C PRO A 804 2.01 -33.99 15.03
N LEU A 805 0.88 -33.39 14.63
CA LEU A 805 0.85 -32.09 13.98
C LEU A 805 1.62 -31.03 14.76
N PRO A 806 2.70 -30.49 14.15
CA PRO A 806 3.56 -29.53 14.83
C PRO A 806 2.93 -28.16 15.03
N LEU A 807 2.17 -27.70 14.04
CA LEU A 807 1.55 -26.39 14.08
C LEU A 807 0.14 -26.49 13.49
N GLY A 808 -0.79 -25.73 14.06
CA GLY A 808 -2.18 -25.74 13.61
C GLY A 808 -2.52 -24.65 12.60
N THR A 809 -3.72 -24.73 12.03
CA THR A 809 -4.21 -23.76 11.06
C THR A 809 -4.48 -22.40 11.72
N VAL A 810 -5.16 -22.44 12.87
CA VAL A 810 -5.45 -21.26 13.68
C VAL A 810 -4.16 -20.52 14.03
N THR A 811 -3.13 -21.29 14.41
CA THR A 811 -1.83 -20.75 14.80
C THR A 811 -1.18 -19.92 13.67
N ILE A 812 -1.33 -20.39 12.44
CA ILE A 812 -0.83 -19.67 11.25
C ILE A 812 -1.44 -18.27 11.12
N LEU A 813 -2.77 -18.18 11.28
CA LEU A 813 -3.48 -16.89 11.24
C LEU A 813 -3.09 -15.96 12.40
N CYS A 814 -2.63 -16.51 13.51
CA CYS A 814 -2.13 -15.70 14.62
C CYS A 814 -0.81 -15.02 14.26
N ILE A 815 -0.09 -15.58 13.30
CA ILE A 815 1.15 -15.02 12.79
C ILE A 815 0.89 -13.98 11.71
N ASP A 816 0.27 -14.40 10.60
CA ASP A 816 0.10 -13.57 9.42
C ASP A 816 -0.86 -12.42 9.63
N LEU A 817 -1.83 -12.63 10.53
CA LEU A 817 -2.82 -11.62 10.85
C LEU A 817 -2.51 -10.91 12.15
N GLY A 818 -1.59 -11.46 12.94
CA GLY A 818 -1.31 -10.94 14.27
C GLY A 818 0.08 -10.37 14.41
N THR A 819 1.04 -11.25 14.70
CA THR A 819 2.38 -10.85 15.10
C THR A 819 3.19 -10.18 14.00
N ASP A 820 3.12 -10.73 12.78
CA ASP A 820 3.91 -10.20 11.67
C ASP A 820 3.46 -8.84 11.13
N MET A 821 2.25 -8.42 11.50
CA MET A 821 1.60 -7.23 10.93
C MET A 821 2.37 -5.93 11.15
N VAL A 822 2.58 -5.55 12.42
CA VAL A 822 3.25 -4.29 12.72
C VAL A 822 4.70 -4.29 12.25
N PRO A 823 5.45 -5.39 12.48
CA PRO A 823 6.80 -5.46 11.94
C PRO A 823 6.86 -5.27 10.42
N ALA A 824 5.99 -5.97 9.67
CA ALA A 824 5.97 -5.84 8.21
C ALA A 824 5.70 -4.40 7.75
N ILE A 825 4.76 -3.73 8.43
CA ILE A 825 4.42 -2.35 8.15
C ILE A 825 5.63 -1.44 8.40
N SER A 826 6.31 -1.67 9.52
CA SER A 826 7.41 -0.81 9.98
C SER A 826 8.55 -0.66 8.97
N LEU A 827 8.69 -1.63 8.07
CA LEU A 827 9.70 -1.55 7.01
C LEU A 827 9.46 -0.38 6.04
N ALA A 828 8.21 0.11 5.97
CA ALA A 828 7.89 1.30 5.18
C ALA A 828 8.60 2.57 5.68
N TYR A 829 9.11 2.54 6.91
CA TYR A 829 9.80 3.71 7.47
C TYR A 829 11.32 3.65 7.30
N GLU A 830 11.80 2.67 6.53
CA GLU A 830 13.24 2.56 6.27
C GLU A 830 13.77 3.69 5.39
N GLN A 831 14.88 4.26 5.84
CA GLN A 831 15.65 5.25 5.07
C GLN A 831 16.31 4.56 3.86
N ALA A 832 16.71 5.36 2.88
CA ALA A 832 17.42 4.83 1.72
C ALA A 832 18.79 4.30 2.13
N GLU A 833 19.24 3.25 1.45
CA GLU A 833 20.54 2.64 1.72
C GLU A 833 21.66 3.36 0.97
N SER A 834 21.28 4.04 -0.11
CA SER A 834 22.19 4.86 -0.92
C SER A 834 21.40 6.00 -1.55
N ASP A 835 22.08 6.81 -2.37
CA ASP A 835 21.45 7.96 -3.02
C ASP A 835 20.55 7.52 -4.19
N ILE A 836 19.30 7.20 -3.87
CA ILE A 836 18.33 6.72 -4.87
C ILE A 836 18.07 7.68 -6.02
N MET A 837 18.26 8.98 -5.79
CA MET A 837 18.08 9.98 -6.85
C MET A 837 19.24 9.98 -7.84
N LYS A 838 20.27 9.19 -7.54
CA LYS A 838 21.44 9.05 -8.40
C LYS A 838 21.28 7.93 -9.43
N ARG A 839 20.34 7.01 -9.20
CA ARG A 839 20.11 5.92 -10.13
C ARG A 839 19.07 6.25 -11.21
N GLN A 840 19.11 5.50 -12.31
CA GLN A 840 18.15 5.66 -13.41
C GLN A 840 16.78 5.13 -12.97
N PRO A 841 15.71 5.54 -13.67
CA PRO A 841 14.39 4.96 -13.35
C PRO A 841 14.36 3.45 -13.61
N ARG A 842 13.63 2.71 -12.78
CA ARG A 842 13.54 1.27 -12.98
C ARG A 842 12.96 0.93 -14.36
N ASN A 843 13.40 -0.18 -14.92
CA ASN A 843 12.80 -0.73 -16.12
C ASN A 843 11.61 -1.58 -15.70
N PRO A 844 10.37 -1.11 -15.96
CA PRO A 844 9.18 -1.83 -15.53
C PRO A 844 9.02 -3.22 -16.16
N LYS A 845 9.77 -3.49 -17.23
CA LYS A 845 9.74 -4.80 -17.88
C LYS A 845 10.70 -5.80 -17.21
N THR A 846 11.83 -5.31 -16.70
CA THR A 846 12.85 -6.15 -16.07
C THR A 846 12.84 -6.08 -14.54
N ASP A 847 12.84 -4.86 -13.98
CA ASP A 847 12.92 -4.66 -12.54
C ASP A 847 11.57 -4.84 -11.85
N LYS A 848 11.33 -6.05 -11.35
CA LYS A 848 10.05 -6.41 -10.75
C LYS A 848 10.05 -6.24 -9.23
N LEU A 849 8.86 -6.11 -8.66
CA LEU A 849 8.71 -5.96 -7.21
C LEU A 849 9.06 -7.26 -6.50
N VAL A 850 8.67 -8.38 -7.10
CA VAL A 850 8.98 -9.70 -6.57
C VAL A 850 9.55 -10.55 -7.70
N ASN A 851 10.82 -10.94 -7.55
CA ASN A 851 11.52 -11.74 -8.55
C ASN A 851 11.99 -13.07 -7.97
N GLU A 852 12.74 -13.82 -8.76
CA GLU A 852 13.25 -15.13 -8.33
C GLU A 852 14.25 -15.02 -7.17
N ARG A 853 14.99 -13.91 -7.12
CA ARG A 853 15.97 -13.66 -6.06
C ARG A 853 15.34 -13.49 -4.68
N LEU A 854 14.14 -12.92 -4.65
CA LEU A 854 13.40 -12.76 -3.41
C LEU A 854 12.92 -14.12 -2.90
N ILE A 855 12.36 -14.93 -3.79
CA ILE A 855 11.83 -16.25 -3.44
C ILE A 855 12.94 -17.18 -2.94
N SER A 856 14.08 -17.14 -3.63
CA SER A 856 15.24 -17.93 -3.25
C SER A 856 15.70 -17.65 -1.81
N MET A 857 15.71 -16.38 -1.44
CA MET A 857 16.12 -15.94 -0.13
C MET A 857 15.06 -16.21 0.94
N ALA A 858 13.82 -15.83 0.64
CA ALA A 858 12.72 -15.94 1.60
C ALA A 858 12.28 -17.39 1.80
N TYR A 859 12.14 -18.13 0.70
CA TYR A 859 11.65 -19.50 0.73
C TYR A 859 12.77 -20.51 0.87
N GLY A 860 13.87 -20.31 0.15
CA GLY A 860 14.93 -21.31 0.07
C GLY A 860 15.99 -21.24 1.17
N GLN A 861 16.19 -20.06 1.74
CA GLN A 861 17.29 -19.86 2.69
C GLN A 861 16.85 -19.50 4.10
N ILE A 862 16.28 -18.31 4.28
CA ILE A 862 15.88 -17.85 5.62
C ILE A 862 14.67 -18.61 6.18
N GLY A 863 13.63 -18.78 5.36
CA GLY A 863 12.43 -19.50 5.79
C GLY A 863 12.72 -20.95 6.19
N MET A 864 13.71 -21.53 5.53
CA MET A 864 14.13 -22.89 5.79
C MET A 864 14.78 -22.99 7.17
N ILE A 865 15.63 -22.02 7.50
CA ILE A 865 16.22 -21.92 8.85
C ILE A 865 15.16 -21.70 9.92
N GLN A 866 14.12 -20.93 9.60
CA GLN A 866 13.01 -20.70 10.53
C GLN A 866 12.22 -21.99 10.78
N ALA A 867 11.98 -22.77 9.72
CA ALA A 867 11.27 -24.05 9.83
C ALA A 867 11.93 -24.99 10.84
N LEU A 868 13.25 -25.11 10.78
CA LEU A 868 14.02 -25.98 11.67
C LEU A 868 13.89 -25.54 13.12
N GLY A 869 14.06 -24.24 13.36
CA GLY A 869 13.92 -23.64 14.69
C GLY A 869 12.56 -23.93 15.28
N GLY A 870 11.55 -23.97 14.41
CA GLY A 870 10.21 -24.33 14.82
C GLY A 870 10.15 -25.78 15.24
N PHE A 871 10.66 -26.67 14.38
CA PHE A 871 10.67 -28.10 14.65
C PHE A 871 11.46 -28.43 15.91
N PHE A 872 12.61 -27.78 16.07
CA PHE A 872 13.45 -28.01 17.24
C PHE A 872 12.65 -27.84 18.54
N SER A 873 11.98 -26.69 18.69
CA SER A 873 11.16 -26.41 19.86
C SER A 873 10.07 -27.45 20.03
N TYR A 874 9.50 -27.90 18.91
CA TYR A 874 8.52 -28.97 18.87
C TYR A 874 9.07 -30.27 19.48
N PHE A 875 10.25 -30.70 19.03
CA PHE A 875 10.90 -31.90 19.57
C PHE A 875 11.32 -31.74 21.03
N VAL A 876 11.68 -30.51 21.42
CA VAL A 876 12.05 -30.20 22.79
C VAL A 876 10.88 -30.38 23.75
N ILE A 877 9.72 -29.87 23.37
CA ILE A 877 8.52 -29.92 24.20
C ILE A 877 8.10 -31.37 24.42
N LEU A 878 8.03 -32.12 23.32
CA LEU A 878 7.61 -33.51 23.36
C LEU A 878 8.57 -34.40 24.13
N ALA A 879 9.87 -34.23 23.88
CA ALA A 879 10.91 -35.02 24.54
C ALA A 879 11.02 -34.76 26.04
N GLU A 880 10.70 -33.54 26.46
CA GLU A 880 10.80 -33.18 27.88
C GLU A 880 9.56 -33.63 28.64
N ASN A 881 8.50 -33.97 27.90
CA ASN A 881 7.28 -34.54 28.46
C ASN A 881 7.24 -36.06 28.35
N GLY A 882 8.28 -36.66 27.75
CA GLY A 882 8.39 -38.11 27.69
C GLY A 882 8.37 -38.76 26.31
N PHE A 883 8.03 -38.00 25.28
CA PHE A 883 8.02 -38.54 23.92
C PHE A 883 9.29 -38.14 23.17
N LEU A 884 10.31 -38.98 23.24
CA LEU A 884 11.59 -38.73 22.56
C LEU A 884 11.41 -38.75 21.05
N PRO A 885 12.24 -37.98 20.31
CA PRO A 885 12.10 -37.84 18.86
C PRO A 885 11.98 -39.16 18.08
N MET A 886 12.74 -40.17 18.49
CA MET A 886 12.76 -41.48 17.82
C MET A 886 11.42 -42.19 17.78
N ASP A 887 10.69 -42.15 18.89
CA ASP A 887 9.42 -42.87 19.02
C ASP A 887 8.25 -42.12 18.39
N LEU A 888 8.49 -40.92 17.89
CA LEU A 888 7.44 -40.09 17.30
C LEU A 888 7.05 -40.48 15.87
N ILE A 889 7.99 -41.06 15.14
CA ILE A 889 7.75 -41.48 13.75
C ILE A 889 6.65 -42.54 13.66
N GLY A 890 5.61 -42.24 12.89
CA GLY A 890 4.51 -43.15 12.67
C GLY A 890 3.63 -43.40 13.89
N LYS A 891 3.44 -42.36 14.70
CA LYS A 891 2.63 -42.48 15.91
C LYS A 891 1.29 -41.73 15.83
N ARG A 892 1.15 -40.86 14.83
CA ARG A 892 -0.06 -40.03 14.70
C ARG A 892 -1.34 -40.85 14.71
N VAL A 893 -1.29 -42.05 14.12
CA VAL A 893 -2.41 -42.98 14.06
C VAL A 893 -2.98 -43.24 15.45
N ARG A 894 -2.12 -43.61 16.39
CA ARG A 894 -2.52 -43.83 17.77
C ARG A 894 -2.67 -42.51 18.54
N TRP A 895 -1.91 -41.50 18.14
CA TRP A 895 -1.94 -40.19 18.78
C TRP A 895 -3.29 -39.49 18.60
N ASP A 896 -3.82 -39.56 17.38
CA ASP A 896 -5.08 -38.90 17.04
C ASP A 896 -6.29 -39.75 17.39
N ASP A 897 -6.05 -41.03 17.70
CA ASP A 897 -7.11 -41.95 18.06
C ASP A 897 -7.75 -41.54 19.38
N ARG A 898 -8.95 -40.98 19.28
CA ARG A 898 -9.69 -40.43 20.43
C ARG A 898 -10.09 -41.49 21.46
N TRP A 899 -10.01 -42.76 21.07
CA TRP A 899 -10.51 -43.87 21.88
C TRP A 899 -9.38 -44.58 22.61
N ILE A 900 -8.15 -44.24 22.25
CA ILE A 900 -6.97 -44.72 22.94
C ILE A 900 -6.60 -43.70 24.00
N SER A 901 -7.01 -43.99 25.24
CA SER A 901 -6.71 -43.13 26.36
C SER A 901 -5.59 -43.73 27.21
N ASP A 902 -4.55 -44.23 26.53
CA ASP A 902 -3.41 -44.88 27.20
C ASP A 902 -2.13 -45.02 26.34
N VAL A 903 -1.87 -44.08 25.44
CA VAL A 903 -0.66 -44.13 24.58
C VAL A 903 0.61 -44.19 25.44
N GLU A 904 1.50 -45.10 25.08
CA GLU A 904 2.75 -45.27 25.80
C GLU A 904 3.84 -44.33 25.26
N ASP A 905 4.47 -43.58 26.15
CA ASP A 905 5.62 -42.75 25.76
C ASP A 905 6.92 -43.56 25.80
N SER A 906 8.04 -42.87 25.63
CA SER A 906 9.36 -43.50 25.60
C SER A 906 9.76 -44.07 26.95
N PHE A 907 9.18 -43.54 28.01
CA PHE A 907 9.53 -43.92 29.38
C PHE A 907 8.57 -44.97 29.95
N GLY A 908 7.58 -45.35 29.17
CA GLY A 908 6.61 -46.39 29.57
C GLY A 908 5.38 -45.89 30.29
N GLN A 909 5.16 -44.58 30.28
CA GLN A 909 3.98 -44.00 30.91
C GLN A 909 2.80 -43.98 29.94
N GLN A 910 1.59 -43.88 30.48
CA GLN A 910 0.36 -43.93 29.67
C GLN A 910 -0.42 -42.61 29.74
N TRP A 911 -0.79 -42.12 28.56
CA TRP A 911 -1.46 -40.83 28.44
C TRP A 911 -2.88 -41.01 27.92
N THR A 912 -3.82 -40.25 28.49
CA THR A 912 -5.18 -40.18 27.96
C THR A 912 -5.18 -39.37 26.67
N TYR A 913 -6.36 -39.12 26.11
CA TYR A 913 -6.47 -38.37 24.86
C TYR A 913 -6.21 -36.88 25.06
N GLU A 914 -6.91 -36.28 26.01
CA GLU A 914 -6.84 -34.85 26.25
C GLU A 914 -5.51 -34.41 26.83
N GLN A 915 -4.86 -35.30 27.57
CA GLN A 915 -3.56 -35.03 28.18
C GLN A 915 -2.46 -34.81 27.14
N ARG A 916 -2.36 -35.73 26.19
CA ARG A 916 -1.33 -35.65 25.15
C ARG A 916 -1.62 -34.48 24.21
N LYS A 917 -2.91 -34.17 24.05
CA LYS A 917 -3.33 -33.07 23.19
C LYS A 917 -2.91 -31.72 23.76
N ILE A 918 -2.93 -31.60 25.08
CA ILE A 918 -2.48 -30.39 25.76
C ILE A 918 -1.00 -30.15 25.45
N VAL A 919 -0.21 -31.23 25.47
CA VAL A 919 1.20 -31.16 25.09
C VAL A 919 1.34 -30.80 23.61
N GLU A 920 0.49 -31.40 22.78
CA GLU A 920 0.50 -31.11 21.36
C GLU A 920 0.20 -29.64 21.09
N PHE A 921 -0.81 -29.10 21.77
CA PHE A 921 -1.19 -27.71 21.56
C PHE A 921 -0.13 -26.76 22.13
N THR A 922 0.51 -27.19 23.21
CA THR A 922 1.68 -26.51 23.76
C THR A 922 2.81 -26.48 22.72
N CYS A 923 2.90 -27.55 21.92
CA CYS A 923 3.84 -27.60 20.81
C CYS A 923 3.48 -26.59 19.73
N HIS A 924 2.18 -26.47 19.41
CA HIS A 924 1.71 -25.43 18.48
C HIS A 924 2.09 -24.04 19.00
N THR A 925 1.98 -23.83 20.31
CA THR A 925 2.22 -22.54 20.94
C THR A 925 3.69 -22.13 20.89
N SER A 926 4.59 -23.06 21.18
CA SER A 926 6.02 -22.80 21.17
C SER A 926 6.57 -22.72 19.74
N PHE A 927 5.99 -23.50 18.83
CA PHE A 927 6.34 -23.41 17.41
C PHE A 927 5.97 -22.00 16.94
N PHE A 928 4.77 -21.55 17.31
CA PHE A 928 4.31 -20.20 17.04
C PHE A 928 5.29 -19.16 17.57
N ILE A 929 5.67 -19.31 18.84
CA ILE A 929 6.59 -18.39 19.49
C ILE A 929 7.99 -18.47 18.87
N SER A 930 8.36 -19.65 18.38
CA SER A 930 9.61 -19.84 17.65
C SER A 930 9.64 -19.00 16.37
N ILE A 931 8.52 -18.98 15.65
CA ILE A 931 8.39 -18.12 14.46
C ILE A 931 8.64 -16.66 14.84
N VAL A 932 8.02 -16.21 15.94
CA VAL A 932 8.15 -14.84 16.40
C VAL A 932 9.61 -14.51 16.68
N VAL A 933 10.26 -15.41 17.41
CA VAL A 933 11.68 -15.28 17.77
C VAL A 933 12.59 -15.26 16.55
N VAL A 934 12.31 -16.10 15.56
CA VAL A 934 13.13 -16.08 14.34
C VAL A 934 12.77 -14.89 13.42
N GLN A 935 11.56 -14.37 13.57
CA GLN A 935 11.15 -13.16 12.83
C GLN A 935 11.83 -11.90 13.38
N TRP A 936 12.29 -11.96 14.63
CA TRP A 936 13.09 -10.88 15.20
C TRP A 936 14.29 -10.60 14.31
N ALA A 937 15.08 -11.65 14.05
CA ALA A 937 16.27 -11.54 13.21
C ALA A 937 15.87 -11.18 11.79
N ASP A 938 14.86 -11.87 11.25
CA ASP A 938 14.38 -11.57 9.91
C ASP A 938 13.98 -10.11 9.73
N LEU A 939 13.29 -9.54 10.72
CA LEU A 939 12.94 -8.12 10.68
C LEU A 939 14.19 -7.23 10.56
N ILE A 940 15.24 -7.59 11.28
CA ILE A 940 16.49 -6.82 11.27
C ILE A 940 17.26 -6.98 9.96
N ILE A 941 17.21 -8.16 9.36
CA ILE A 941 17.93 -8.43 8.10
C ILE A 941 17.17 -7.85 6.90
N CYS A 942 15.84 -7.93 6.95
CA CYS A 942 15.00 -7.32 5.92
C CYS A 942 15.06 -5.80 5.97
N LYS A 943 15.69 -5.26 7.00
CA LYS A 943 15.87 -3.82 7.15
C LYS A 943 16.67 -3.28 5.96
N THR A 944 17.68 -4.04 5.55
CA THR A 944 18.60 -3.60 4.50
C THR A 944 18.81 -4.68 3.44
N ARG A 945 18.83 -4.27 2.17
CA ARG A 945 19.06 -5.20 1.05
C ARG A 945 20.55 -5.38 0.74
N ARG A 946 21.34 -4.36 1.05
CA ARG A 946 22.76 -4.29 0.70
C ARG A 946 23.60 -3.97 1.93
N ASN A 947 23.26 -2.87 2.59
CA ASN A 947 24.02 -2.36 3.71
C ASN A 947 23.94 -3.27 4.90
N SER A 948 24.89 -3.10 5.82
CA SER A 948 24.89 -3.81 7.09
C SER A 948 24.02 -3.06 8.10
N ILE A 949 23.47 -3.77 9.08
CA ILE A 949 22.77 -3.12 10.19
C ILE A 949 23.72 -2.20 10.96
N PHE A 950 25.01 -2.55 10.98
CA PHE A 950 26.02 -1.72 11.64
C PHE A 950 26.29 -0.43 10.87
N GLN A 951 25.84 -0.37 9.62
CA GLN A 951 25.93 0.85 8.82
C GLN A 951 24.62 1.63 8.85
N GLN A 952 23.51 0.94 8.57
CA GLN A 952 22.20 1.57 8.53
C GLN A 952 21.69 1.93 9.94
N GLY A 953 22.12 1.18 10.94
CA GLY A 953 21.72 1.44 12.33
C GLY A 953 20.33 0.95 12.68
N MET A 954 19.84 1.38 13.83
CA MET A 954 18.50 1.02 14.31
C MET A 954 17.74 2.29 14.71
N LYS A 955 17.55 3.18 13.73
CA LYS A 955 16.90 4.47 13.97
C LYS A 955 15.42 4.45 13.57
N ASN A 956 14.95 3.30 13.13
CA ASN A 956 13.53 3.12 12.84
C ASN A 956 12.78 2.77 14.12
N LYS A 957 12.09 3.75 14.68
CA LYS A 957 11.37 3.61 15.94
C LYS A 957 10.10 2.79 15.79
N ILE A 958 9.47 2.83 14.61
CA ILE A 958 8.29 2.01 14.34
C ILE A 958 8.68 0.54 14.34
N LEU A 959 9.85 0.23 13.76
CA LEU A 959 10.36 -1.13 13.69
C LEU A 959 10.58 -1.70 15.08
N ILE A 960 11.29 -0.95 15.93
CA ILE A 960 11.52 -1.33 17.34
C ILE A 960 10.20 -1.54 18.08
N PHE A 961 9.25 -0.62 17.86
CA PHE A 961 7.88 -0.74 18.37
C PHE A 961 7.29 -2.09 17.96
N GLY A 962 7.47 -2.46 16.68
CA GLY A 962 7.01 -3.73 16.16
C GLY A 962 7.54 -4.93 16.92
N LEU A 963 8.83 -4.90 17.23
CA LEU A 963 9.49 -5.96 18.00
C LEU A 963 8.86 -6.14 19.37
N PHE A 964 8.74 -5.04 20.12
CA PHE A 964 8.12 -5.07 21.44
C PHE A 964 6.66 -5.51 21.42
N GLU A 965 5.86 -4.97 20.49
CA GLU A 965 4.43 -5.28 20.45
C GLU A 965 4.16 -6.68 19.95
N GLU A 966 5.01 -7.14 19.04
CA GLU A 966 4.93 -8.49 18.52
C GLU A 966 5.13 -9.49 19.66
N THR A 967 6.16 -9.26 20.47
CA THR A 967 6.48 -10.13 21.59
C THR A 967 5.43 -10.03 22.69
N ALA A 968 4.92 -8.82 22.92
CA ALA A 968 3.83 -8.63 23.88
C ALA A 968 2.59 -9.42 23.46
N LEU A 969 2.25 -9.37 22.18
CA LEU A 969 1.08 -10.07 21.62
C LEU A 969 1.21 -11.58 21.81
N ALA A 970 2.37 -12.12 21.43
CA ALA A 970 2.66 -13.54 21.56
C ALA A 970 2.57 -14.02 23.02
N ALA A 971 3.18 -13.26 23.93
CA ALA A 971 3.14 -13.58 25.35
C ALA A 971 1.70 -13.56 25.89
N PHE A 972 0.96 -12.52 25.50
CA PHE A 972 -0.44 -12.37 25.87
C PHE A 972 -1.26 -13.55 25.35
N LEU A 973 -0.99 -13.97 24.13
CA LEU A 973 -1.75 -15.03 23.51
C LEU A 973 -1.49 -16.39 24.18
N SER A 974 -0.31 -16.52 24.79
CA SER A 974 0.07 -17.76 25.46
C SER A 974 -0.35 -17.81 26.93
N TYR A 975 -0.23 -16.68 27.62
CA TYR A 975 -0.42 -16.62 29.07
C TYR A 975 -1.80 -16.15 29.51
N CYS A 976 -2.51 -15.44 28.64
CA CYS A 976 -3.86 -14.97 28.98
C CYS A 976 -4.81 -16.15 29.17
N PRO A 977 -5.51 -16.18 30.32
CA PRO A 977 -6.41 -17.30 30.63
C PRO A 977 -7.63 -17.29 29.72
N GLY A 978 -7.98 -18.45 29.18
CA GLY A 978 -9.10 -18.60 28.25
C GLY A 978 -8.69 -18.71 26.80
N THR A 979 -7.44 -18.33 26.50
CA THR A 979 -6.92 -18.38 25.13
C THR A 979 -6.64 -19.83 24.71
N ASP A 980 -6.54 -20.73 25.69
CA ASP A 980 -6.38 -22.16 25.45
C ASP A 980 -7.64 -22.79 24.84
N VAL A 981 -8.75 -22.08 24.97
CA VAL A 981 -10.03 -22.53 24.42
C VAL A 981 -10.32 -21.88 23.07
N ALA A 982 -10.10 -20.57 22.97
CA ALA A 982 -10.44 -19.80 21.77
C ALA A 982 -9.43 -19.97 20.65
N LEU A 983 -8.17 -20.19 21.01
CA LEU A 983 -7.09 -20.27 20.02
C LEU A 983 -6.20 -21.48 20.22
N ARG A 984 -6.45 -22.25 21.28
CA ARG A 984 -5.65 -23.42 21.64
C ARG A 984 -4.19 -23.04 21.90
N MET A 985 -4.01 -21.92 22.60
CA MET A 985 -2.70 -21.43 22.98
C MET A 985 -2.46 -21.78 24.44
N TYR A 986 -1.33 -22.41 24.72
CA TYR A 986 -1.04 -22.87 26.07
C TYR A 986 0.15 -22.16 26.68
N PRO A 987 0.17 -22.03 28.02
CA PRO A 987 1.29 -21.33 28.64
C PRO A 987 2.61 -22.03 28.39
N LEU A 988 3.63 -21.25 28.02
CA LEU A 988 4.95 -21.80 27.80
C LEU A 988 5.84 -21.61 29.02
N LYS A 989 6.64 -22.61 29.31
CA LYS A 989 7.62 -22.51 30.38
C LYS A 989 8.78 -21.62 29.91
N PRO A 990 9.42 -20.89 30.84
CA PRO A 990 10.43 -19.89 30.47
C PRO A 990 11.48 -20.44 29.50
N SER A 991 12.03 -21.62 29.80
CA SER A 991 13.01 -22.27 28.93
C SER A 991 12.54 -22.46 27.49
N TRP A 992 11.23 -22.68 27.29
CA TRP A 992 10.64 -22.84 25.94
C TRP A 992 10.93 -21.65 25.02
N TRP A 993 10.94 -20.43 25.57
CA TRP A 993 11.13 -19.21 24.76
C TRP A 993 12.46 -19.17 24.04
N PHE A 994 13.44 -19.89 24.58
CA PHE A 994 14.83 -19.79 24.11
C PHE A 994 15.24 -20.86 23.10
N CYS A 995 14.32 -21.78 22.81
CA CYS A 995 14.60 -22.85 21.86
C CYS A 995 15.13 -22.34 20.52
N ALA A 996 14.44 -21.36 19.94
CA ALA A 996 14.77 -20.87 18.60
C ALA A 996 15.87 -19.81 18.58
N PHE A 997 16.31 -19.36 19.75
CA PHE A 997 17.35 -18.32 19.84
C PHE A 997 18.61 -18.62 19.01
N PRO A 998 19.14 -19.86 19.06
CA PRO A 998 20.34 -20.13 18.26
C PRO A 998 20.06 -20.06 16.75
N TYR A 999 18.82 -20.34 16.35
CA TYR A 999 18.40 -20.23 14.95
C TYR A 999 18.16 -18.78 14.55
N SER A 1000 17.59 -18.01 15.46
CA SER A 1000 17.39 -16.59 15.26
C SER A 1000 18.74 -15.92 14.99
N LEU A 1001 19.75 -16.28 15.79
CA LEU A 1001 21.10 -15.73 15.65
C LEU A 1001 21.79 -16.16 14.33
N ILE A 1002 21.63 -17.43 13.95
CA ILE A 1002 22.26 -17.92 12.71
C ILE A 1002 21.75 -17.12 11.51
N ILE A 1003 20.45 -16.80 11.52
CA ILE A 1003 19.84 -15.95 10.50
C ILE A 1003 20.55 -14.59 10.40
N PHE A 1004 20.70 -13.93 11.55
CA PHE A 1004 21.36 -12.64 11.60
C PHE A 1004 22.78 -12.71 11.05
N LEU A 1005 23.53 -13.72 11.45
CA LEU A 1005 24.91 -13.87 11.02
C LEU A 1005 25.01 -14.19 9.56
N TYR A 1006 24.20 -15.18 9.14
CA TYR A 1006 24.18 -15.66 7.77
C TYR A 1006 23.93 -14.52 6.79
N ASP A 1007 22.89 -13.73 7.05
CA ASP A 1007 22.50 -12.66 6.16
C ASP A 1007 23.50 -11.52 6.18
N GLU A 1008 24.14 -11.33 7.32
CA GLU A 1008 25.16 -10.31 7.48
C GLU A 1008 26.44 -10.70 6.73
N MET A 1009 26.77 -12.00 6.74
CA MET A 1009 27.92 -12.50 5.98
C MET A 1009 27.66 -12.41 4.48
N ARG A 1010 26.47 -12.84 4.07
CA ARG A 1010 26.02 -12.80 2.68
C ARG A 1010 26.09 -11.39 2.07
N ARG A 1011 25.56 -10.41 2.80
CA ARG A 1011 25.55 -9.02 2.34
C ARG A 1011 26.94 -8.40 2.35
N PHE A 1012 27.78 -8.90 3.25
CA PHE A 1012 29.18 -8.54 3.27
C PHE A 1012 29.87 -8.96 1.96
N ILE A 1013 29.46 -10.11 1.42
CA ILE A 1013 29.97 -10.59 0.14
C ILE A 1013 29.48 -9.71 -1.02
N ILE A 1014 28.19 -9.39 -1.02
CA ILE A 1014 27.58 -8.48 -2.01
C ILE A 1014 28.40 -7.21 -2.16
N ARG A 1015 28.60 -6.50 -1.04
CA ARG A 1015 29.32 -5.23 -1.01
C ARG A 1015 30.78 -5.40 -1.45
N ARG A 1016 31.44 -6.42 -0.92
CA ARG A 1016 32.86 -6.67 -1.18
C ARG A 1016 33.15 -7.03 -2.63
N SER A 1017 32.12 -7.44 -3.38
CA SER A 1017 32.27 -7.74 -4.80
C SER A 1017 30.98 -7.48 -5.58
N PRO A 1018 30.85 -6.25 -6.13
CA PRO A 1018 29.71 -5.88 -7.00
C PRO A 1018 29.62 -6.75 -8.26
N GLY A 1019 30.60 -7.64 -8.44
CA GLY A 1019 30.63 -8.61 -9.54
C GLY A 1019 29.27 -9.18 -9.89
N GLY A 1020 28.77 -10.11 -9.10
CA GLY A 1020 27.43 -10.62 -9.37
C GLY A 1020 26.95 -11.87 -8.69
N TRP A 1021 27.83 -12.80 -8.33
CA TRP A 1021 27.34 -14.10 -7.88
C TRP A 1021 26.29 -14.02 -6.76
N VAL A 1022 26.68 -13.51 -5.61
CA VAL A 1022 25.75 -13.37 -4.47
C VAL A 1022 24.67 -12.35 -4.84
N GLU A 1023 25.09 -11.31 -5.55
CA GLU A 1023 24.21 -10.26 -6.02
C GLU A 1023 23.09 -10.77 -6.96
N GLN A 1024 23.49 -11.38 -8.08
CA GLN A 1024 22.53 -11.83 -9.08
C GLN A 1024 21.68 -13.01 -8.62
N GLU A 1025 22.07 -13.61 -7.50
CA GLU A 1025 21.33 -14.74 -6.93
C GLU A 1025 20.35 -14.34 -5.83
N THR A 1026 20.75 -13.40 -4.98
CA THR A 1026 19.97 -13.11 -3.77
C THR A 1026 19.56 -11.64 -3.56
N TYR A 1027 20.20 -10.72 -4.30
CA TYR A 1027 19.92 -9.28 -4.16
C TYR A 1027 18.51 -8.90 -4.62
N TYR A 1028 17.56 -9.00 -3.66
CA TYR A 1028 16.11 -8.76 -3.83
C TYR A 1028 15.67 -8.07 -5.12
N ARG B 28 15.15 -20.46 -14.55
CA ARG B 28 15.53 -20.77 -15.95
C ARG B 28 16.79 -20.01 -16.38
N THR B 29 17.95 -20.53 -15.96
CA THR B 29 19.25 -19.91 -16.27
C THR B 29 20.07 -20.78 -17.23
N GLY B 30 21.37 -20.46 -17.35
CA GLY B 30 22.28 -21.19 -18.23
C GLY B 30 22.87 -22.41 -17.56
N SER B 31 24.20 -22.52 -17.57
CA SER B 31 24.90 -23.60 -16.85
C SER B 31 24.85 -23.35 -15.35
N SER B 32 24.44 -22.12 -14.99
CA SER B 32 24.27 -21.65 -13.62
C SER B 32 23.48 -22.61 -12.73
N TRP B 33 22.69 -23.49 -13.34
CA TRP B 33 21.93 -24.54 -12.65
C TRP B 33 22.80 -25.42 -11.76
N PHE B 34 24.06 -25.62 -12.17
CA PHE B 34 25.02 -26.40 -11.39
C PHE B 34 25.43 -25.66 -10.12
N LYS B 35 25.84 -24.40 -10.28
CA LYS B 35 26.35 -23.59 -9.16
C LYS B 35 25.30 -23.39 -8.06
N ILE B 36 24.03 -23.31 -8.47
CA ILE B 36 22.93 -23.17 -7.52
C ILE B 36 22.55 -24.51 -6.88
N PHE B 37 22.91 -25.62 -7.54
CA PHE B 37 22.73 -26.95 -6.98
C PHE B 37 23.84 -27.26 -5.96
N LEU B 38 25.07 -26.88 -6.31
CA LEU B 38 26.23 -27.02 -5.41
C LEU B 38 26.04 -26.22 -4.13
N PHE B 39 25.38 -25.07 -4.25
CA PHE B 39 25.10 -24.21 -3.09
C PHE B 39 24.08 -24.85 -2.14
N TYR B 40 22.87 -25.10 -2.66
CA TYR B 40 21.79 -25.65 -1.85
C TYR B 40 22.07 -27.02 -1.27
N LEU B 41 22.97 -27.76 -1.91
CA LEU B 41 23.43 -29.06 -1.42
C LEU B 41 24.27 -28.88 -0.15
N ILE B 42 25.25 -27.97 -0.22
CA ILE B 42 26.11 -27.66 0.92
C ILE B 42 25.32 -26.93 2.00
N PHE B 43 24.48 -25.99 1.57
CA PHE B 43 23.66 -25.19 2.46
C PHE B 43 22.72 -26.04 3.30
N TYR B 44 21.85 -26.82 2.65
CA TYR B 44 20.92 -27.71 3.35
C TYR B 44 21.63 -28.81 4.13
N GLY B 45 22.81 -29.20 3.64
CA GLY B 45 23.66 -30.16 4.34
C GLY B 45 24.10 -29.63 5.69
N CYS B 46 24.60 -28.40 5.70
CA CYS B 46 24.96 -27.69 6.93
C CYS B 46 23.79 -27.53 7.88
N LEU B 47 22.65 -27.09 7.34
CA LEU B 47 21.45 -26.89 8.14
C LEU B 47 20.99 -28.18 8.81
N ALA B 48 21.05 -29.28 8.07
CA ALA B 48 20.71 -30.60 8.61
C ALA B 48 21.70 -30.98 9.72
N GLY B 49 22.98 -30.76 9.47
CA GLY B 49 24.02 -30.99 10.47
C GLY B 49 23.89 -30.14 11.72
N ILE B 50 23.35 -28.93 11.58
CA ILE B 50 23.14 -28.05 12.73
C ILE B 50 21.90 -28.49 13.52
N PHE B 51 20.82 -28.74 12.79
CA PHE B 51 19.58 -29.24 13.39
C PHE B 51 19.84 -30.48 14.25
N ILE B 52 20.56 -31.45 13.67
CA ILE B 52 20.97 -32.67 14.37
C ILE B 52 21.79 -32.37 15.63
N GLY B 53 22.74 -31.44 15.50
CA GLY B 53 23.54 -30.96 16.64
C GLY B 53 22.71 -30.46 17.81
N THR B 54 21.69 -29.65 17.52
CA THR B 54 20.78 -29.14 18.55
C THR B 54 19.91 -30.24 19.17
N ILE B 55 19.58 -31.25 18.36
CA ILE B 55 18.87 -32.43 18.88
C ILE B 55 19.78 -33.25 19.81
N GLN B 56 21.07 -33.32 19.47
CA GLN B 56 22.04 -34.04 20.29
C GLN B 56 22.10 -33.45 21.69
N VAL B 57 22.29 -32.13 21.75
CA VAL B 57 22.42 -31.43 23.03
C VAL B 57 21.14 -31.52 23.86
N LEU B 58 19.98 -31.45 23.19
CA LEU B 58 18.71 -31.66 23.87
C LEU B 58 18.68 -33.01 24.59
N LEU B 59 19.00 -34.07 23.86
CA LEU B 59 19.01 -35.43 24.41
C LEU B 59 20.01 -35.56 25.55
N LEU B 60 21.17 -34.93 25.38
CA LEU B 60 22.22 -34.93 26.39
C LEU B 60 21.76 -34.34 27.73
N THR B 61 20.73 -33.49 27.70
CA THR B 61 20.21 -32.87 28.92
C THR B 61 19.10 -33.69 29.60
N LEU B 62 18.76 -34.84 29.01
CA LEU B 62 17.66 -35.66 29.50
C LEU B 62 18.10 -36.96 30.15
N SER B 63 17.34 -37.42 31.14
CA SER B 63 17.59 -38.71 31.79
C SER B 63 17.05 -39.88 30.97
N ASP B 64 17.62 -41.06 31.20
CA ASP B 64 17.20 -42.28 30.52
C ASP B 64 16.11 -43.01 31.30
N PHE B 65 15.94 -42.65 32.57
CA PHE B 65 15.02 -43.37 33.46
C PHE B 65 13.74 -42.58 33.79
N GLU B 66 13.82 -41.26 33.68
CA GLU B 66 12.73 -40.38 34.10
C GLU B 66 12.61 -39.15 33.18
N PRO B 67 11.38 -38.81 32.77
CA PRO B 67 11.16 -37.63 31.93
C PRO B 67 11.34 -36.34 32.72
N LYS B 68 11.75 -35.27 32.03
CA LYS B 68 11.98 -33.97 32.67
C LYS B 68 10.72 -33.42 33.35
N TYR B 69 9.58 -33.53 32.68
CA TYR B 69 8.31 -33.04 33.23
C TYR B 69 7.27 -34.15 33.33
N GLN B 70 6.44 -34.08 34.37
CA GLN B 70 5.38 -35.07 34.56
C GLN B 70 4.04 -34.46 34.93
N ASP B 71 3.96 -33.13 34.93
CA ASP B 71 2.75 -32.40 35.30
C ASP B 71 1.59 -32.56 34.31
N ARG B 72 1.87 -33.09 33.12
CA ARG B 72 0.85 -33.23 32.08
C ARG B 72 0.20 -34.62 32.06
N VAL B 73 0.77 -35.55 32.82
CA VAL B 73 0.16 -36.86 33.04
C VAL B 73 -0.36 -36.95 34.47
N ALA B 74 0.04 -35.96 35.28
CA ALA B 74 -0.15 -35.92 36.73
C ALA B 74 -1.33 -36.73 37.28
N PRO B 75 -2.56 -36.20 37.16
CA PRO B 75 -3.69 -37.01 37.62
C PRO B 75 -3.88 -38.20 36.67
N PRO B 76 -3.71 -39.43 37.18
CA PRO B 76 -3.71 -40.63 36.34
C PRO B 76 -5.04 -40.80 35.62
N GLY B 77 -4.93 -41.24 34.37
CA GLY B 77 -6.11 -41.59 33.59
C GLY B 77 -6.55 -43.01 33.87
N LEU B 78 -7.84 -43.26 33.73
CA LEU B 78 -8.39 -44.60 33.86
C LEU B 78 -8.91 -45.07 32.51
N SER B 79 -8.28 -46.13 31.98
CA SER B 79 -8.63 -46.68 30.67
C SER B 79 -9.04 -48.15 30.78
N HIS B 80 -9.95 -48.57 29.90
CA HIS B 80 -10.41 -49.96 29.88
C HIS B 80 -10.10 -50.68 28.58
N ALA B 81 -10.29 -52.00 28.59
CA ALA B 81 -9.99 -52.86 27.44
C ALA B 81 -11.02 -52.75 26.30
N PRO B 82 -12.33 -52.83 26.61
CA PRO B 82 -13.30 -52.74 25.51
C PRO B 82 -13.15 -51.45 24.70
N TYR B 83 -12.62 -51.61 23.48
CA TYR B 83 -12.38 -50.49 22.57
C TYR B 83 -13.70 -49.86 22.15
N ALA B 84 -14.02 -48.74 22.78
CA ALA B 84 -15.28 -48.04 22.55
C ALA B 84 -15.26 -47.27 21.25
N ILE B 85 -16.30 -47.45 20.45
CA ILE B 85 -16.48 -46.71 19.21
C ILE B 85 -16.48 -45.22 19.53
N LYS B 86 -17.26 -44.85 20.54
CA LYS B 86 -17.35 -43.47 21.03
C LYS B 86 -17.78 -43.52 22.50
N THR B 87 -16.87 -43.99 23.36
CA THR B 87 -17.16 -44.21 24.79
C THR B 87 -18.40 -45.09 24.97
N GLU B 88 -18.58 -46.04 24.04
CA GLU B 88 -19.78 -46.88 23.98
C GLU B 88 -19.47 -48.29 23.52
N ILE B 89 -20.16 -49.26 24.11
CA ILE B 89 -20.02 -50.67 23.73
C ILE B 89 -21.40 -51.34 23.58
N SER B 90 -22.05 -51.08 22.44
CA SER B 90 -23.36 -51.64 22.15
C SER B 90 -23.26 -52.88 21.26
N PHE B 91 -24.07 -53.88 21.56
CA PHE B 91 -24.05 -55.15 20.83
C PHE B 91 -25.33 -55.96 21.07
N SER B 92 -25.43 -57.09 20.39
CA SER B 92 -26.58 -57.99 20.52
C SER B 92 -26.15 -59.35 21.07
N ILE B 93 -26.78 -59.77 22.16
CA ILE B 93 -26.51 -61.06 22.79
C ILE B 93 -26.89 -62.22 21.86
N SER B 94 -27.99 -62.05 21.14
CA SER B 94 -28.48 -63.07 20.20
C SER B 94 -27.71 -63.07 18.86
N ASN B 95 -26.50 -62.50 18.87
CA ASN B 95 -25.65 -62.46 17.68
C ASN B 95 -24.18 -62.70 18.02
N PRO B 96 -23.52 -63.63 17.29
CA PRO B 96 -22.12 -63.99 17.53
C PRO B 96 -21.13 -62.87 17.21
N LYS B 97 -21.12 -62.41 15.95
CA LYS B 97 -20.16 -61.39 15.50
C LYS B 97 -20.55 -59.97 15.91
N SER B 98 -21.44 -59.87 16.91
CA SER B 98 -21.90 -58.57 17.41
C SER B 98 -20.98 -58.05 18.52
N TYR B 99 -20.28 -58.97 19.19
CA TYR B 99 -19.39 -58.63 20.29
C TYR B 99 -17.95 -59.07 20.06
N GLU B 100 -17.73 -59.84 19.00
CA GLU B 100 -16.39 -60.37 18.65
C GLU B 100 -15.36 -59.27 18.38
N SER B 101 -15.85 -58.03 18.24
CA SER B 101 -14.99 -56.85 18.08
C SER B 101 -14.39 -56.43 19.42
N PHE B 102 -15.22 -56.45 20.47
CA PHE B 102 -14.80 -56.04 21.80
C PHE B 102 -13.96 -57.14 22.49
N VAL B 103 -14.17 -58.39 22.07
CA VAL B 103 -13.42 -59.54 22.59
C VAL B 103 -11.99 -59.55 22.05
N LYS B 104 -11.77 -58.93 20.90
CA LYS B 104 -10.44 -58.81 20.29
C LYS B 104 -9.50 -57.99 21.18
N SER B 105 -9.96 -56.82 21.61
CA SER B 105 -9.18 -55.94 22.48
C SER B 105 -9.09 -56.49 23.89
N MET B 106 -10.19 -57.03 24.39
CA MET B 106 -10.23 -57.68 25.70
C MET B 106 -9.19 -58.79 25.79
N HIS B 107 -9.09 -59.60 24.73
CA HIS B 107 -8.06 -60.64 24.63
C HIS B 107 -6.64 -60.08 24.55
N LYS B 108 -6.47 -59.02 23.77
CA LYS B 108 -5.17 -58.36 23.58
C LYS B 108 -4.51 -57.98 24.90
N LEU B 109 -5.30 -57.46 25.84
CA LEU B 109 -4.81 -57.04 27.14
C LEU B 109 -4.48 -58.21 28.06
N MET B 110 -5.46 -59.12 28.23
CA MET B 110 -5.34 -60.24 29.17
C MET B 110 -4.30 -61.26 28.72
N ASP B 111 -4.08 -61.34 27.42
CA ASP B 111 -3.06 -62.20 26.83
C ASP B 111 -1.66 -61.85 27.35
N LEU B 112 -1.50 -60.63 27.87
CA LEU B 112 -0.23 -60.17 28.42
C LEU B 112 -0.02 -60.61 29.86
N TYR B 113 -1.11 -60.88 30.56
CA TYR B 113 -1.08 -61.28 31.98
C TYR B 113 -0.98 -62.79 32.16
N ASN B 114 -0.54 -63.47 31.10
CA ASN B 114 -0.35 -64.91 31.11
C ASN B 114 0.74 -65.37 32.06
N GLU B 115 0.59 -66.58 32.58
CA GLU B 115 1.52 -67.14 33.57
C GLU B 115 2.84 -67.55 32.93
N SER B 116 2.78 -67.99 31.67
CA SER B 116 3.97 -68.35 30.91
C SER B 116 4.87 -67.15 30.64
N SER B 117 4.29 -65.95 30.72
CA SER B 117 5.04 -64.70 30.57
C SER B 117 5.76 -64.32 31.86
N GLN B 118 5.27 -64.85 32.98
CA GLN B 118 5.83 -64.58 34.30
C GLN B 118 6.49 -65.84 34.85
N ALA B 119 7.73 -66.09 34.44
CA ALA B 119 8.44 -67.30 34.82
C ALA B 119 9.78 -67.03 35.52
N GLY B 120 10.06 -67.80 36.56
CA GLY B 120 11.31 -67.67 37.31
C GLY B 120 11.33 -66.48 38.25
N ASN B 121 12.34 -66.45 39.12
CA ASN B 121 12.54 -65.34 40.06
C ASN B 121 13.00 -64.06 39.36
N SER B 122 13.26 -64.17 38.06
CA SER B 122 13.66 -63.02 37.25
C SER B 122 12.77 -62.87 36.01
N PRO B 123 12.22 -61.65 35.79
CA PRO B 123 12.37 -60.51 36.69
C PRO B 123 11.16 -60.33 37.61
N PHE B 124 10.38 -61.39 37.81
CA PHE B 124 9.16 -61.33 38.61
C PHE B 124 9.32 -61.82 40.05
N GLU B 125 8.39 -61.39 40.91
CA GLU B 125 8.38 -61.77 42.32
C GLU B 125 6.96 -62.05 42.79
N ASP B 126 6.81 -63.06 43.63
CA ASP B 126 5.54 -63.34 44.28
C ASP B 126 5.31 -62.33 45.40
N CYS B 127 4.24 -61.56 45.27
CA CYS B 127 3.89 -60.54 46.25
C CYS B 127 2.60 -60.93 46.97
N SER B 128 2.30 -60.26 48.08
CA SER B 128 1.14 -60.56 48.91
C SER B 128 -0.13 -60.76 48.09
N ASP B 129 -0.83 -61.87 48.35
CA ASP B 129 -2.09 -62.19 47.68
C ASP B 129 -3.22 -61.32 48.21
N THR B 130 -2.87 -60.43 49.13
CA THR B 130 -3.78 -59.45 49.70
C THR B 130 -3.18 -58.06 49.53
N PRO B 131 -4.01 -57.02 49.27
CA PRO B 131 -3.50 -55.66 49.10
C PRO B 131 -2.53 -55.26 50.20
N ALA B 132 -1.33 -54.86 49.81
CA ALA B 132 -0.27 -54.50 50.75
C ALA B 132 0.23 -53.08 50.51
N ASP B 133 1.32 -52.71 51.18
CA ASP B 133 1.89 -51.36 51.07
C ASP B 133 2.84 -51.25 49.87
N TYR B 134 3.34 -50.03 49.64
CA TYR B 134 4.27 -49.75 48.55
C TYR B 134 5.56 -50.55 48.66
N ILE B 135 6.31 -50.60 47.56
CA ILE B 135 7.61 -51.26 47.53
C ILE B 135 8.65 -50.41 46.80
N LYS B 136 9.65 -49.96 47.56
CA LYS B 136 10.73 -49.13 47.03
C LYS B 136 11.95 -49.99 46.71
N ARG B 137 12.28 -50.06 45.42
CA ARG B 137 13.46 -50.80 44.96
C ARG B 137 14.66 -49.87 44.78
N GLY B 138 14.75 -48.87 45.66
CA GLY B 138 15.82 -47.88 45.59
C GLY B 138 15.40 -46.67 44.78
N ASP B 139 16.35 -46.09 44.05
CA ASP B 139 16.11 -44.88 43.28
C ASP B 139 15.96 -45.22 41.80
N LEU B 140 15.68 -44.18 41.00
CA LEU B 140 15.62 -44.32 39.55
C LEU B 140 17.03 -44.41 38.96
N ASP B 141 17.78 -45.41 39.42
CA ASP B 141 19.16 -45.61 38.99
C ASP B 141 19.36 -46.95 38.30
N ASP B 142 20.47 -47.06 37.57
CA ASP B 142 20.87 -48.31 36.94
C ASP B 142 21.88 -49.03 37.83
N SER B 143 22.07 -48.52 39.05
CA SER B 143 22.97 -49.11 40.04
C SER B 143 22.52 -50.53 40.46
N GLN B 144 21.36 -50.94 39.95
CA GLN B 144 20.82 -52.27 40.12
C GLN B 144 20.32 -52.73 38.75
N GLY B 145 20.11 -54.04 38.60
CA GLY B 145 19.55 -54.59 37.37
C GLY B 145 18.10 -54.18 37.17
N GLN B 146 17.34 -54.99 36.43
CA GLN B 146 15.93 -54.71 36.22
C GLN B 146 15.16 -54.87 37.53
N LYS B 147 14.61 -53.75 38.01
CA LYS B 147 13.81 -53.71 39.23
C LYS B 147 12.69 -54.75 39.14
N LYS B 148 12.59 -55.60 40.15
CA LYS B 148 11.68 -56.73 40.12
C LYS B 148 10.23 -56.33 40.39
N ALA B 149 9.35 -56.68 39.44
CA ALA B 149 7.95 -56.31 39.52
C ALA B 149 7.11 -57.43 40.14
N CYS B 150 6.00 -57.03 40.77
CA CYS B 150 5.04 -57.98 41.34
C CYS B 150 4.28 -58.74 40.25
N ARG B 151 4.14 -60.04 40.46
CA ARG B 151 3.34 -60.90 39.58
C ARG B 151 1.87 -60.55 39.71
N PHE B 152 1.10 -60.80 38.66
CA PHE B 152 -0.34 -60.63 38.71
C PHE B 152 -1.02 -61.70 37.87
N SER B 153 -1.83 -62.51 38.53
CA SER B 153 -2.56 -63.59 37.86
C SER B 153 -3.88 -63.07 37.31
N ARG B 154 -4.11 -63.34 36.03
CA ARG B 154 -5.41 -63.05 35.41
C ARG B 154 -6.50 -63.91 36.05
N MET B 155 -6.07 -64.89 36.83
CA MET B 155 -6.96 -65.77 37.58
C MET B 155 -7.58 -65.09 38.80
N TRP B 156 -7.01 -63.96 39.22
CA TRP B 156 -7.62 -63.11 40.25
C TRP B 156 -8.87 -62.43 39.71
N LEU B 157 -9.00 -62.41 38.38
CA LEU B 157 -10.15 -61.82 37.71
C LEU B 157 -11.20 -62.90 37.49
N LYS B 158 -11.99 -63.13 38.53
CA LYS B 158 -13.05 -64.14 38.53
C LYS B 158 -14.10 -63.85 37.46
N ASN B 159 -14.76 -64.90 37.00
CA ASN B 159 -15.77 -64.84 35.94
C ASN B 159 -15.23 -64.45 34.55
N CYS B 160 -14.12 -63.73 34.49
CA CYS B 160 -13.56 -63.29 33.22
C CYS B 160 -12.06 -62.99 33.31
N GLY B 169 -13.89 -67.27 25.35
CA GLY B 169 -14.65 -66.04 25.12
C GLY B 169 -15.10 -65.38 26.41
N TYR B 170 -15.50 -64.12 26.31
CA TYR B 170 -15.94 -63.34 27.47
C TYR B 170 -17.45 -63.24 27.54
N ALA B 171 -17.94 -62.35 28.42
CA ALA B 171 -19.37 -62.20 28.66
C ALA B 171 -20.15 -61.84 27.40
N GLU B 172 -20.67 -62.89 26.75
CA GLU B 172 -21.51 -62.75 25.56
C GLU B 172 -22.80 -62.00 25.86
N GLY B 173 -23.22 -62.07 27.12
CA GLY B 173 -24.35 -61.32 27.63
C GLY B 173 -23.91 -60.65 28.92
N LYS B 174 -24.20 -59.36 29.04
CA LYS B 174 -23.82 -58.56 30.21
C LYS B 174 -22.29 -58.54 30.40
N PRO B 175 -21.59 -57.63 29.70
CA PRO B 175 -20.13 -57.54 29.57
C PRO B 175 -19.34 -57.58 30.89
N CYS B 176 -18.08 -57.98 30.77
CA CYS B 176 -17.17 -58.10 31.91
C CYS B 176 -15.96 -57.16 31.73
N VAL B 177 -16.23 -55.85 31.67
CA VAL B 177 -15.22 -54.80 31.42
C VAL B 177 -14.01 -54.86 32.36
N VAL B 178 -12.83 -54.55 31.84
CA VAL B 178 -11.59 -54.55 32.63
C VAL B 178 -10.98 -53.15 32.73
N ALA B 179 -10.88 -52.65 33.96
CA ALA B 179 -10.33 -51.31 34.22
C ALA B 179 -8.80 -51.33 34.38
N LYS B 180 -8.20 -50.14 34.39
CA LYS B 180 -6.74 -49.99 34.44
C LYS B 180 -6.35 -48.56 34.80
N LEU B 181 -5.39 -48.42 35.70
CA LEU B 181 -4.84 -47.10 36.06
C LEU B 181 -3.57 -46.81 35.28
N ASN B 182 -3.56 -45.69 34.57
CA ASN B 182 -2.41 -45.28 33.74
C ASN B 182 -1.10 -45.19 34.52
N ARG B 183 -0.04 -45.74 33.94
CA ARG B 183 1.26 -45.82 34.60
C ARG B 183 1.97 -44.47 34.62
N ILE B 184 2.49 -44.12 35.79
CA ILE B 184 3.27 -42.90 35.98
C ILE B 184 4.48 -43.21 36.86
N ILE B 185 5.68 -42.94 36.34
CA ILE B 185 6.93 -43.21 37.05
C ILE B 185 7.00 -42.44 38.37
N GLY B 186 7.24 -43.19 39.45
CA GLY B 186 7.41 -42.60 40.77
C GLY B 186 6.12 -42.14 41.41
N PHE B 187 5.00 -42.53 40.81
CA PHE B 187 3.70 -42.17 41.34
C PHE B 187 3.22 -43.14 42.41
N TYR B 188 2.86 -42.60 43.56
CA TYR B 188 2.34 -43.36 44.69
C TYR B 188 0.86 -43.06 44.86
N PRO B 189 -0.02 -43.89 44.27
CA PRO B 189 -1.46 -43.66 44.43
C PRO B 189 -1.88 -43.83 45.90
N LYS B 190 -2.43 -42.77 46.46
CA LYS B 190 -2.78 -42.74 47.88
C LYS B 190 -4.29 -42.78 48.05
N PRO B 191 -4.81 -43.83 48.70
CA PRO B 191 -6.24 -43.96 48.96
C PRO B 191 -6.73 -42.91 49.94
N LEU B 192 -8.04 -42.65 49.93
CA LEU B 192 -8.66 -41.72 50.86
C LEU B 192 -8.80 -42.34 52.25
N LYS B 193 -8.63 -41.51 53.27
CA LYS B 193 -8.78 -41.95 54.67
C LYS B 193 -10.23 -41.84 55.13
N ASN B 194 -10.66 -42.79 55.95
CA ASN B 194 -12.02 -42.82 56.49
C ASN B 194 -12.26 -41.83 57.64
N THR B 195 -11.88 -40.58 57.42
CA THR B 195 -12.05 -39.52 58.42
C THR B 195 -13.49 -39.02 58.42
N THR B 196 -14.01 -38.74 57.23
CA THR B 196 -15.37 -38.23 57.07
C THR B 196 -16.22 -39.22 56.27
N ASP B 197 -17.26 -38.70 55.61
CA ASP B 197 -18.16 -39.51 54.81
C ASP B 197 -17.53 -39.92 53.48
N LEU B 198 -18.03 -41.03 52.93
CA LEU B 198 -17.53 -41.59 51.67
C LEU B 198 -18.71 -42.09 50.83
N PRO B 199 -18.53 -42.17 49.49
CA PRO B 199 -19.60 -42.67 48.61
C PRO B 199 -20.04 -44.08 49.00
N GLU B 200 -19.15 -45.05 48.83
CA GLU B 200 -19.37 -46.42 49.32
C GLU B 200 -19.08 -46.48 50.82
N GLU B 201 -19.83 -45.67 51.57
CA GLU B 201 -19.60 -45.45 53.01
C GLU B 201 -19.06 -46.66 53.79
N LEU B 202 -17.75 -46.63 54.03
CA LEU B 202 -17.05 -47.54 54.96
C LEU B 202 -17.10 -49.06 54.67
N GLN B 203 -17.77 -49.45 53.58
CA GLN B 203 -17.88 -50.88 53.24
C GLN B 203 -16.56 -51.44 52.68
N ALA B 204 -16.09 -52.51 53.30
CA ALA B 204 -14.82 -53.15 52.94
C ALA B 204 -13.67 -52.14 52.77
N ASN B 205 -13.68 -51.11 53.60
CA ASN B 205 -12.70 -50.03 53.53
C ASN B 205 -11.32 -50.49 54.02
N TYR B 206 -10.51 -50.97 53.08
CA TYR B 206 -9.13 -51.34 53.35
C TYR B 206 -8.28 -50.08 53.31
N ASN B 207 -8.73 -49.08 54.05
CA ASN B 207 -8.17 -47.72 54.08
C ASN B 207 -6.67 -47.60 53.78
N GLN B 208 -5.88 -48.44 54.40
CA GLN B 208 -4.42 -48.33 54.31
C GLN B 208 -3.80 -48.78 52.98
N TYR B 209 -4.45 -49.69 52.25
CA TYR B 209 -3.79 -50.34 51.10
C TYR B 209 -4.60 -50.58 49.80
N VAL B 210 -5.74 -49.93 49.63
CA VAL B 210 -6.57 -50.13 48.43
C VAL B 210 -7.08 -48.84 47.78
N LEU B 211 -6.85 -48.71 46.47
CA LEU B 211 -7.38 -47.59 45.68
C LEU B 211 -8.69 -48.00 45.02
N PRO B 212 -9.84 -47.57 45.61
CA PRO B 212 -11.17 -48.07 45.23
C PRO B 212 -11.65 -47.62 43.85
N LEU B 213 -12.55 -48.40 43.27
CA LEU B 213 -13.19 -48.08 42.00
C LEU B 213 -14.67 -48.46 42.05
N ARG B 214 -15.51 -47.43 42.13
CA ARG B 214 -16.96 -47.62 42.22
C ARG B 214 -17.65 -47.06 40.98
N CYS B 215 -18.30 -47.94 40.24
CA CYS B 215 -19.06 -47.55 39.04
C CYS B 215 -20.49 -47.17 39.39
N ALA B 216 -21.05 -46.20 38.66
CA ALA B 216 -22.41 -45.73 38.90
C ALA B 216 -23.10 -45.35 37.60
N ALA B 217 -24.29 -44.74 37.72
CA ALA B 217 -25.06 -44.30 36.56
C ALA B 217 -24.94 -42.78 36.37
N ARG B 223 -30.45 -42.64 41.31
CA ARG B 223 -31.15 -42.48 40.04
C ARG B 223 -30.56 -43.36 38.94
N GLU B 224 -31.40 -43.74 37.97
CA GLU B 224 -31.01 -44.57 36.83
C GLU B 224 -30.39 -45.92 37.24
N LYS B 225 -30.66 -46.33 38.48
CA LYS B 225 -30.11 -47.57 39.03
C LYS B 225 -30.81 -48.80 38.46
N ILE B 226 -30.48 -49.14 37.22
CA ILE B 226 -31.04 -50.29 36.52
C ILE B 226 -29.91 -51.20 36.06
N GLY B 227 -29.19 -51.78 37.04
CA GLY B 227 -28.04 -52.64 36.75
C GLY B 227 -27.73 -53.60 37.88
N SER B 228 -26.47 -54.04 37.93
CA SER B 228 -25.97 -54.94 38.97
C SER B 228 -24.45 -54.98 38.95
N ILE B 229 -23.84 -54.08 39.71
CA ILE B 229 -22.37 -53.93 39.75
C ILE B 229 -21.69 -55.07 40.50
N GLU B 230 -20.69 -55.66 39.86
CA GLU B 230 -19.90 -56.75 40.43
C GLU B 230 -18.43 -56.51 40.11
N TYR B 231 -17.61 -56.39 41.15
CA TYR B 231 -16.19 -56.09 40.97
C TYR B 231 -15.28 -57.27 41.30
N PHE B 232 -14.25 -57.45 40.49
CA PHE B 232 -13.25 -58.49 40.69
C PHE B 232 -11.85 -57.88 40.65
N GLY B 233 -10.96 -58.41 41.50
CA GLY B 233 -9.59 -57.92 41.56
C GLY B 233 -8.68 -58.69 42.48
N LEU B 234 -7.53 -58.10 42.79
CA LEU B 234 -6.53 -58.69 43.67
C LEU B 234 -7.03 -58.72 45.10
N GLY B 235 -6.97 -59.90 45.72
CA GLY B 235 -7.45 -60.10 47.08
C GLY B 235 -8.96 -60.08 47.19
N GLY B 236 -9.63 -60.00 46.05
CA GLY B 236 -11.09 -59.92 46.01
C GLY B 236 -11.64 -58.52 46.21
N TYR B 237 -10.75 -57.55 46.35
CA TYR B 237 -11.13 -56.15 46.57
C TYR B 237 -11.42 -55.41 45.26
N ALA B 238 -12.27 -54.39 45.35
CA ALA B 238 -12.62 -53.56 44.21
C ALA B 238 -11.67 -52.37 44.08
N GLY B 239 -10.38 -52.66 44.01
CA GLY B 239 -9.36 -51.62 43.92
C GLY B 239 -8.06 -52.07 43.30
N PHE B 240 -7.02 -51.26 43.49
CA PHE B 240 -5.68 -51.58 43.00
C PHE B 240 -4.73 -51.74 44.19
N PRO B 241 -4.09 -52.92 44.30
CA PRO B 241 -3.13 -53.21 45.37
C PRO B 241 -1.89 -52.31 45.28
N LEU B 242 -1.62 -51.60 46.38
CA LEU B 242 -0.54 -50.60 46.45
C LEU B 242 0.88 -51.19 46.35
N GLN B 243 0.97 -52.51 46.36
CA GLN B 243 2.26 -53.21 46.29
C GLN B 243 2.87 -53.20 44.89
N TYR B 244 2.14 -52.65 43.92
CA TYR B 244 2.59 -52.58 42.54
C TYR B 244 3.19 -51.21 42.21
N TYR B 245 3.45 -50.42 43.25
CA TYR B 245 3.92 -49.05 43.10
C TYR B 245 5.15 -48.77 43.98
N PRO B 246 5.99 -47.80 43.58
CA PRO B 246 5.87 -46.97 42.37
C PRO B 246 6.41 -47.66 41.13
N TYR B 247 5.91 -47.25 39.96
CA TYR B 247 6.41 -47.73 38.68
C TYR B 247 7.76 -47.07 38.41
N TYR B 248 8.75 -47.89 38.01
CA TYR B 248 10.12 -47.42 37.80
C TYR B 248 10.43 -47.10 36.33
N GLY B 249 9.44 -47.25 35.46
CA GLY B 249 9.58 -46.94 34.05
C GLY B 249 10.02 -48.10 33.19
N LYS B 250 9.77 -47.98 31.89
CA LYS B 250 10.10 -49.02 30.90
C LYS B 250 11.58 -49.41 30.90
N ARG B 251 12.46 -48.41 31.07
CA ARG B 251 13.89 -48.63 31.04
C ARG B 251 14.39 -49.40 32.28
N LEU B 252 13.82 -49.12 33.44
CA LEU B 252 14.22 -49.78 34.67
C LEU B 252 13.31 -50.94 35.08
N GLN B 253 12.19 -51.08 34.40
CA GLN B 253 11.20 -52.14 34.67
C GLN B 253 10.46 -52.55 33.41
N LYS B 254 11.10 -53.35 32.56
CA LYS B 254 10.41 -53.98 31.44
C LYS B 254 9.69 -55.22 31.94
N LYS B 255 8.67 -55.65 31.19
CA LYS B 255 7.83 -56.81 31.55
C LYS B 255 6.97 -56.56 32.79
N TYR B 256 7.15 -55.40 33.43
CA TYR B 256 6.33 -54.96 34.56
C TYR B 256 4.83 -55.11 34.26
N LEU B 257 4.07 -55.51 35.27
CA LEU B 257 2.63 -55.64 35.14
C LEU B 257 1.87 -54.76 36.12
N GLN B 258 0.95 -53.97 35.58
CA GLN B 258 0.10 -53.10 36.38
C GLN B 258 -1.16 -53.84 36.79
N PRO B 259 -1.69 -53.53 37.98
CA PRO B 259 -2.89 -54.22 38.48
C PRO B 259 -4.14 -53.92 37.65
N LEU B 260 -4.98 -54.94 37.47
CA LEU B 260 -6.24 -54.81 36.75
C LEU B 260 -7.42 -54.95 37.70
N LEU B 261 -8.55 -54.38 37.30
CA LEU B 261 -9.78 -54.50 38.06
C LEU B 261 -10.94 -54.85 37.13
N ALA B 262 -11.34 -56.12 37.15
CA ALA B 262 -12.44 -56.59 36.33
C ALA B 262 -13.78 -56.13 36.91
N ILE B 263 -14.65 -55.63 36.04
CA ILE B 263 -15.98 -55.15 36.42
C ILE B 263 -17.04 -55.81 35.54
N GLN B 264 -18.03 -56.43 36.18
CA GLN B 264 -19.11 -57.11 35.46
C GLN B 264 -20.46 -56.48 35.74
N PHE B 265 -21.20 -56.21 34.66
CA PHE B 265 -22.52 -55.58 34.76
C PHE B 265 -23.59 -56.59 34.35
N THR B 266 -24.01 -57.44 35.30
CA THR B 266 -25.05 -58.43 35.04
C THR B 266 -26.46 -57.83 35.15
N ASN B 267 -26.61 -56.60 34.63
CA ASN B 267 -27.87 -55.86 34.67
C ASN B 267 -29.06 -56.67 34.19
N LEU B 268 -30.18 -56.54 34.90
CA LEU B 268 -31.42 -57.22 34.55
C LEU B 268 -32.23 -56.48 33.49
N THR B 269 -31.66 -55.38 32.97
CA THR B 269 -32.29 -54.58 31.92
C THR B 269 -31.75 -54.93 30.54
N GLN B 270 -32.44 -54.46 29.49
CA GLN B 270 -32.10 -54.80 28.12
C GLN B 270 -32.63 -53.75 27.13
N ASN B 271 -31.91 -53.58 26.02
CA ASN B 271 -32.32 -52.71 24.90
C ASN B 271 -32.47 -51.23 25.23
N MET B 272 -31.47 -50.68 25.92
CA MET B 272 -31.43 -49.25 26.23
C MET B 272 -30.02 -48.78 26.58
N GLU B 273 -29.69 -47.57 26.16
CA GLU B 273 -28.38 -46.98 26.45
C GLU B 273 -28.28 -46.62 27.92
N LEU B 274 -27.31 -47.22 28.60
CA LEU B 274 -27.05 -46.95 30.00
C LEU B 274 -25.69 -46.30 30.16
N ARG B 275 -25.69 -45.06 30.62
CA ARG B 275 -24.47 -44.30 30.82
C ARG B 275 -23.87 -44.67 32.19
N ILE B 276 -22.86 -45.54 32.15
CA ILE B 276 -22.19 -46.00 33.37
C ILE B 276 -20.80 -45.39 33.53
N GLU B 277 -20.58 -44.75 34.68
CA GLU B 277 -19.31 -44.09 34.96
C GLU B 277 -18.58 -44.77 36.12
N CYS B 278 -17.39 -45.29 35.83
CA CYS B 278 -16.54 -45.87 36.85
C CYS B 278 -15.54 -44.84 37.35
N LYS B 279 -15.58 -44.56 38.65
CA LYS B 279 -14.76 -43.52 39.26
C LYS B 279 -13.76 -44.10 40.26
N VAL B 280 -12.51 -43.64 40.21
CA VAL B 280 -11.49 -43.99 41.19
C VAL B 280 -11.33 -42.86 42.19
N TYR B 281 -11.04 -43.21 43.44
CA TYR B 281 -10.92 -42.24 44.53
C TYR B 281 -9.53 -42.26 45.13
N GLY B 282 -9.04 -41.10 45.54
CA GLY B 282 -7.72 -40.99 46.14
C GLY B 282 -7.26 -39.57 46.39
N GLU B 283 -6.15 -39.45 47.12
CA GLU B 283 -5.55 -38.15 47.43
C GLU B 283 -4.88 -37.54 46.20
N ASN B 284 -4.30 -38.40 45.36
CA ASN B 284 -3.62 -37.97 44.15
C ASN B 284 -4.50 -38.10 42.90
N ILE B 285 -5.79 -38.35 43.12
CA ILE B 285 -6.72 -38.56 42.01
C ILE B 285 -7.69 -37.39 41.89
N ASP B 286 -7.78 -36.85 40.68
CA ASP B 286 -8.69 -35.75 40.38
C ASP B 286 -9.31 -35.95 39.00
N TYR B 287 -10.26 -35.07 38.65
CA TYR B 287 -11.02 -35.19 37.41
C TYR B 287 -11.10 -33.84 36.69
N SER B 288 -11.59 -33.88 35.45
CA SER B 288 -11.77 -32.67 34.64
C SER B 288 -13.01 -32.80 33.77
N GLU B 289 -13.69 -31.67 33.56
CA GLU B 289 -14.87 -31.61 32.70
C GLU B 289 -14.49 -31.81 31.22
N LYS B 290 -13.26 -31.44 30.88
CA LYS B 290 -12.74 -31.61 29.52
C LYS B 290 -12.26 -33.05 29.30
N ASP B 291 -11.24 -33.46 30.06
CA ASP B 291 -10.73 -34.82 29.99
C ASP B 291 -11.66 -35.76 30.75
N ARG B 292 -12.52 -36.46 30.00
CA ARG B 292 -13.51 -37.36 30.61
C ARG B 292 -12.90 -38.72 30.97
N PHE B 293 -11.58 -38.84 30.82
CA PHE B 293 -10.85 -40.05 31.16
C PHE B 293 -9.88 -39.82 32.32
N ARG B 294 -9.92 -38.62 32.91
CA ARG B 294 -9.06 -38.25 34.02
C ARG B 294 -9.54 -38.92 35.31
N GLY B 295 -9.07 -40.15 35.53
CA GLY B 295 -9.44 -40.93 36.71
C GLY B 295 -10.86 -41.45 36.72
N ARG B 296 -11.44 -41.65 35.54
CA ARG B 296 -12.82 -42.16 35.41
C ARG B 296 -13.16 -42.74 34.04
N PHE B 297 -14.25 -43.50 33.98
CA PHE B 297 -14.74 -44.10 32.73
C PHE B 297 -15.95 -43.38 32.19
N GLU B 298 -16.24 -43.65 30.91
CA GLU B 298 -17.45 -43.22 30.25
C GLU B 298 -17.86 -44.36 29.33
N VAL B 299 -18.71 -45.25 29.84
CA VAL B 299 -19.13 -46.42 29.06
C VAL B 299 -20.63 -46.38 28.79
N LYS B 300 -21.01 -46.56 27.53
CA LYS B 300 -22.41 -46.61 27.13
C LYS B 300 -22.79 -48.01 26.68
N ILE B 301 -23.06 -48.88 27.64
CA ILE B 301 -23.46 -50.27 27.38
C ILE B 301 -24.90 -50.35 26.87
N GLU B 302 -25.12 -51.25 25.91
CA GLU B 302 -26.46 -51.55 25.42
C GLU B 302 -26.53 -52.96 24.85
N VAL B 303 -27.10 -53.87 25.65
CA VAL B 303 -27.29 -55.25 25.22
C VAL B 303 -28.58 -55.38 24.38
N LYS B 304 -28.58 -54.74 23.22
CA LYS B 304 -29.74 -54.71 22.34
C LYS B 304 -30.00 -56.07 21.69
N SER B 305 -30.58 -56.97 22.48
CA SER B 305 -30.86 -58.33 22.03
C SER B 305 -32.35 -58.66 22.19
N GLU C 4 10.63 -36.11 47.77
CA GLU C 4 10.60 -37.01 48.95
C GLU C 4 10.26 -38.45 48.51
N GLY C 5 9.98 -39.33 49.46
CA GLY C 5 9.61 -40.72 49.18
C GLY C 5 8.18 -40.83 48.68
N PRO C 6 7.29 -41.46 49.48
CA PRO C 6 5.86 -41.57 49.10
C PRO C 6 5.18 -40.21 49.04
N ASP C 7 5.82 -39.19 49.63
CA ASP C 7 5.29 -37.84 49.66
C ASP C 7 5.99 -36.94 48.64
N ASN C 8 6.07 -37.42 47.40
CA ASN C 8 6.69 -36.66 46.32
C ASN C 8 5.66 -36.10 45.33
N ASP C 9 4.59 -35.53 45.88
CA ASP C 9 3.50 -34.95 45.08
C ASP C 9 3.94 -33.79 44.21
N GLU C 10 4.94 -33.04 44.69
CA GLU C 10 5.48 -31.86 44.01
C GLU C 10 6.08 -32.18 42.64
N ARG C 11 6.43 -33.45 42.43
CA ARG C 11 6.99 -33.92 41.17
C ARG C 11 5.99 -33.86 40.02
N PHE C 12 4.70 -33.99 40.34
CA PHE C 12 3.65 -33.99 39.33
C PHE C 12 2.84 -32.70 39.36
N THR C 13 3.48 -31.62 39.81
CA THR C 13 2.83 -30.32 39.98
C THR C 13 3.61 -29.21 39.29
N TYR C 14 2.88 -28.24 38.75
CA TYR C 14 3.48 -27.05 38.16
C TYR C 14 2.63 -25.83 38.43
N ASP C 15 3.27 -24.74 38.86
CA ASP C 15 2.56 -23.51 39.15
C ASP C 15 2.28 -22.72 37.88
N TYR C 16 1.26 -23.16 37.14
CA TYR C 16 0.85 -22.48 35.92
C TYR C 16 0.19 -21.13 36.22
N TYR C 17 -0.27 -20.96 37.45
CA TYR C 17 -0.90 -19.73 37.87
C TYR C 17 0.12 -18.59 37.97
N ARG C 18 1.24 -18.82 38.66
CA ARG C 18 2.30 -17.82 38.76
C ARG C 18 2.88 -17.50 37.39
N LEU C 19 3.12 -18.56 36.61
CA LEU C 19 3.68 -18.41 35.28
C LEU C 19 2.83 -17.48 34.43
N ARG C 20 1.51 -17.65 34.51
CA ARG C 20 0.56 -16.79 33.80
C ARG C 20 0.61 -15.35 34.31
N VAL C 21 0.65 -15.17 35.64
CA VAL C 21 0.76 -13.83 36.23
C VAL C 21 2.03 -13.12 35.74
N VAL C 22 3.16 -13.81 35.81
CA VAL C 22 4.45 -13.28 35.35
C VAL C 22 4.44 -13.01 33.84
N GLY C 23 3.92 -13.97 33.07
CA GLY C 23 3.83 -13.84 31.62
C GLY C 23 3.04 -12.62 31.19
N LEU C 24 1.92 -12.38 31.88
CA LEU C 24 1.07 -11.23 31.61
C LEU C 24 1.69 -9.92 32.06
N ILE C 25 2.42 -9.95 33.18
CA ILE C 25 3.19 -8.78 33.61
C ILE C 25 4.17 -8.40 32.51
N VAL C 26 4.97 -9.36 32.07
CA VAL C 26 5.97 -9.15 31.02
C VAL C 26 5.35 -8.58 29.73
N ALA C 27 4.27 -9.22 29.26
CA ALA C 27 3.56 -8.79 28.06
C ALA C 27 3.11 -7.32 28.14
N ALA C 28 2.60 -6.94 29.32
CA ALA C 28 2.13 -5.58 29.56
C ALA C 28 3.29 -4.58 29.50
N VAL C 29 4.37 -4.90 30.22
CA VAL C 29 5.54 -4.03 30.30
C VAL C 29 6.21 -3.88 28.94
N LEU C 30 6.25 -4.95 28.16
CA LEU C 30 6.78 -4.88 26.79
C LEU C 30 5.88 -4.00 25.92
N CYS C 31 4.58 -4.02 26.23
CA CYS C 31 3.62 -3.18 25.52
C CYS C 31 3.82 -1.70 25.88
N VAL C 32 4.06 -1.41 27.16
CA VAL C 32 4.34 -0.05 27.60
C VAL C 32 5.67 0.48 27.01
N ILE C 33 6.74 -0.30 27.17
CA ILE C 33 8.06 0.03 26.60
C ILE C 33 7.95 0.40 25.11
N GLY C 34 7.18 -0.38 24.37
CA GLY C 34 6.96 -0.14 22.95
C GLY C 34 6.31 1.20 22.68
N ILE C 35 5.29 1.54 23.47
CA ILE C 35 4.60 2.82 23.34
C ILE C 35 5.59 3.97 23.58
N ILE C 36 6.45 3.82 24.60
CA ILE C 36 7.44 4.85 24.93
C ILE C 36 8.34 5.18 23.75
N ILE C 37 8.83 4.12 23.08
CA ILE C 37 9.77 4.27 21.98
C ILE C 37 9.08 4.83 20.74
N LEU C 38 7.87 4.36 20.47
CA LEU C 38 7.06 4.89 19.38
C LEU C 38 6.72 6.36 19.61
N LEU C 39 6.27 6.69 20.83
CA LEU C 39 5.84 8.06 21.12
C LEU C 39 7.00 9.06 21.24
N ALA C 40 8.22 8.62 20.97
CA ALA C 40 9.37 9.53 20.91
C ALA C 40 9.33 10.32 19.60
N GLY C 41 8.22 11.02 19.37
CA GLY C 41 8.02 11.82 18.16
C GLY C 41 6.67 11.62 17.46
N LYS C 42 5.95 10.57 17.84
CA LYS C 42 4.66 10.19 17.25
C LYS C 42 4.82 9.64 15.83
C1 NAG D . -2.24 -66.21 26.71
C2 NAG D . -1.62 -67.06 25.58
C3 NAG D . -2.71 -67.69 24.73
C4 NAG D . -3.62 -68.54 25.63
C5 NAG D . -4.25 -67.63 26.67
C6 NAG D . -5.16 -68.39 27.64
C7 NAG D . 0.60 -66.13 24.93
C8 NAG D . 1.33 -65.34 23.88
N2 NAG D . -0.72 -66.31 24.71
O3 NAG D . -2.12 -68.46 23.71
O4 NAG D . -4.66 -69.16 24.90
O5 NAG D . -3.25 -66.94 27.41
O6 NAG D . -4.51 -69.54 28.15
O7 NAG D . 1.20 -66.57 25.92
C1 NDG D . -4.28 -70.47 24.43
C2 NDG D . -5.23 -70.84 23.29
C3 NDG D . -6.51 -71.54 23.78
C4 NDG D . -6.26 -72.53 24.92
C5 NDG D . -5.38 -71.91 26.01
C6 NDG D . -5.07 -72.89 27.13
C7 NDG D . -4.81 -69.02 21.66
C8 NDG D . -5.39 -67.76 21.06
O5 NDG D . -4.16 -71.48 25.43
O3 NDG D . -7.10 -72.22 22.70
O4 NDG D . -7.50 -72.93 25.46
O6 NDG D . -4.26 -72.26 28.10
O7 NDG D . -3.71 -69.44 21.29
N2 NDG D . -5.59 -69.62 22.58
MG MF4 E . 0.09 26.52 -21.17
F1 MF4 E . -0.72 24.85 -21.88
F2 MF4 E . -0.62 26.67 -19.30
F3 MF4 E . -0.21 28.09 -22.35
F4 MF4 E . 2.02 26.10 -20.90
MG MG F . -1.02 26.16 -17.49
K K G . 3.66 -15.42 6.42
K K H . 0.59 -17.94 5.50
K K I . -3.88 9.62 -14.76
C1 CLR J . 14.72 -22.19 -8.81
C2 CLR J . 15.22 -21.14 -9.81
C3 CLR J . 14.87 -19.69 -9.41
C4 CLR J . 15.38 -19.41 -7.99
C5 CLR J . 14.86 -20.47 -7.05
C6 CLR J . 14.18 -20.05 -5.96
C7 CLR J . 13.52 -20.98 -4.96
C8 CLR J . 14.21 -22.34 -4.97
C9 CLR J . 14.32 -22.88 -6.41
C10 CLR J . 15.12 -21.94 -7.35
C11 CLR J . 14.81 -24.34 -6.44
C12 CLR J . 14.21 -25.30 -5.40
C13 CLR J . 14.12 -24.71 -3.99
C14 CLR J . 13.43 -23.37 -4.14
C15 CLR J . 12.91 -22.97 -2.75
C16 CLR J . 12.62 -24.31 -2.09
C17 CLR J . 13.16 -25.42 -3.01
C18 CLR J . 15.54 -24.58 -3.40
C19 CLR J . 16.62 -22.20 -7.17
C20 CLR J . 13.59 -26.67 -2.21
C21 CLR J . 14.20 -27.78 -3.05
C22 CLR J . 12.39 -27.22 -1.43
C23 CLR J . 12.77 -28.06 -0.20
C24 CLR J . 11.50 -28.66 0.42
C25 CLR J . 11.81 -29.45 1.69
C26 CLR J . 10.68 -29.33 2.71
C27 CLR J . 12.08 -30.93 1.38
O1 CLR J . 15.49 -18.78 -10.32
C1 NAG K . -19.13 -66.77 37.68
C2 NAG K . -20.65 -66.88 37.97
C3 NAG K . -20.99 -67.96 39.01
C4 NAG K . -20.21 -69.26 38.84
C5 NAG K . -18.72 -68.95 38.62
C6 NAG K . -17.92 -70.22 38.34
C7 NAG K . -22.22 -64.97 37.87
C8 NAG K . -22.68 -63.72 38.56
N2 NAG K . -21.23 -65.64 38.47
O3 NAG K . -22.37 -68.23 38.96
O4 NAG K . -20.38 -70.05 40.00
O5 NAG K . -18.62 -68.09 37.50
O6 NAG K . -16.56 -69.89 38.18
O7 NAG K . -22.76 -65.32 36.81
#